data_8QHZ
# 
_entry.id   8QHZ 
# 
_audit_conform.dict_name       mmcif_pdbx.dic 
_audit_conform.dict_version    5.403 
_audit_conform.dict_location   http://mmcif.pdb.org/dictionaries/ascii/mmcif_pdbx.dic 
# 
loop_
_database_2.database_id 
_database_2.database_code 
_database_2.pdbx_database_accession 
_database_2.pdbx_DOI 
PDB   8QHZ         pdb_00008qhz 10.2210/pdb8qhz/pdb 
WWPDB D_1292133287 ?            ?                   
EMDB  EMD-18428    ?            ?                   
# 
loop_
_pdbx_audit_revision_history.ordinal 
_pdbx_audit_revision_history.data_content_type 
_pdbx_audit_revision_history.major_revision 
_pdbx_audit_revision_history.minor_revision 
_pdbx_audit_revision_history.revision_date 
_pdbx_audit_revision_history.part_number 
1 'Structure model' 1 0 2024-09-18 ? 
2 'Structure model' 1 1 2024-10-16 ? 
3 'Structure model' 1 2 2024-10-23 ? 
4 'Structure model' 1 3 2025-03-26 ? 
# 
_pdbx_audit_revision_details.ordinal             1 
_pdbx_audit_revision_details.revision_ordinal    1 
_pdbx_audit_revision_details.data_content_type   'Structure model' 
_pdbx_audit_revision_details.provider            repository 
_pdbx_audit_revision_details.type                'Initial release' 
_pdbx_audit_revision_details.description         ? 
_pdbx_audit_revision_details.details             ? 
# 
loop_
_pdbx_audit_revision_group.ordinal 
_pdbx_audit_revision_group.revision_ordinal 
_pdbx_audit_revision_group.data_content_type 
_pdbx_audit_revision_group.group 
1 2 'Structure model' 'Data collection'     
2 2 'Structure model' 'Database references' 
3 2 'Structure model' 'Structure summary'   
4 3 'Structure model' 'Data collection'     
5 3 'Structure model' 'Database references' 
6 4 'Structure model' 'Data collection'     
7 4 'Structure model' 'Database references' 
# 
loop_
_pdbx_audit_revision_category.ordinal 
_pdbx_audit_revision_category.revision_ordinal 
_pdbx_audit_revision_category.data_content_type 
_pdbx_audit_revision_category.category 
1 2 'Structure model' citation           
2 2 'Structure model' citation_author    
3 2 'Structure model' em_admin           
4 2 'Structure model' pdbx_entry_details 
5 3 'Structure model' citation           
6 3 'Structure model' em_admin           
7 4 'Structure model' citation           
8 4 'Structure model' citation_author    
9 4 'Structure model' em_admin           
# 
loop_
_pdbx_audit_revision_item.ordinal 
_pdbx_audit_revision_item.revision_ordinal 
_pdbx_audit_revision_item.data_content_type 
_pdbx_audit_revision_item.item 
1  2 'Structure model' '_em_admin.last_update'             
2  3 'Structure model' '_citation.pdbx_database_id_PubMed' 
3  3 'Structure model' '_citation.title'                   
4  3 'Structure model' '_em_admin.last_update'             
5  4 'Structure model' '_citation.journal_volume'          
6  4 'Structure model' '_citation.page_first'              
7  4 'Structure model' '_citation.page_last'               
8  4 'Structure model' '_citation.year'                    
9  4 'Structure model' '_citation_author.identifier_ORCID' 
10 4 'Structure model' '_em_admin.last_update'             
# 
_pdbx_database_status.status_code                     REL 
_pdbx_database_status.status_code_sf                  ? 
_pdbx_database_status.status_code_mr                  ? 
_pdbx_database_status.entry_id                        8QHZ 
_pdbx_database_status.recvd_initial_deposition_date   2023-09-11 
_pdbx_database_status.SG_entry                        N 
_pdbx_database_status.deposit_site                    PDBE 
_pdbx_database_status.process_site                    PDBE 
_pdbx_database_status.status_code_cs                  ? 
_pdbx_database_status.status_code_nmr_data            ? 
_pdbx_database_status.methods_development_category    ? 
_pdbx_database_status.pdb_format_compatible           Y 
# 
_pdbx_database_related.db_name        EMDB 
_pdbx_database_related.details        '320A Vipp1 H1-6 helical tubes' 
_pdbx_database_related.db_id          EMD-18428 
_pdbx_database_related.content_type   'associated EM volume' 
# 
_pdbx_contact_author.id                 2 
_pdbx_contact_author.email              c.sachse@fz-juelich.de 
_pdbx_contact_author.name_first         Carsten 
_pdbx_contact_author.name_last          Sachse 
_pdbx_contact_author.name_mi            ? 
_pdbx_contact_author.role               'principal investigator/group leader' 
_pdbx_contact_author.identifier_ORCID   0000-0002-1168-5143 
# 
loop_
_audit_author.name 
_audit_author.pdbx_ordinal 
_audit_author.identifier_ORCID 
'Junglas, B.' 1 0000-0001-9348-3379 
'Sachse, C.'  2 0000-0002-1168-5143 
# 
loop_
_citation.abstract 
_citation.abstract_id_CAS 
_citation.book_id_ISBN 
_citation.book_publisher 
_citation.book_publisher_city 
_citation.book_title 
_citation.coordinate_linkage 
_citation.country 
_citation.database_id_Medline 
_citation.details 
_citation.id 
_citation.journal_abbrev 
_citation.journal_id_ASTM 
_citation.journal_id_CSD 
_citation.journal_id_ISSN 
_citation.journal_full 
_citation.journal_issue 
_citation.journal_volume 
_citation.language 
_citation.page_first 
_citation.page_last 
_citation.title 
_citation.year 
_citation.database_id_CSD 
_citation.pdbx_database_id_DOI 
_citation.pdbx_database_id_PubMed 
_citation.pdbx_database_id_patent 
_citation.unpublished_flag 
? ? ? ? ? ? ? US ? ? primary Nat.Struct.Mol.Biol. ? ? 1545-9985 ? ? 32 ? 555 570 
'Structural basis for Vipp1 membrane binding: from loose coats and carpets to ring and rod assemblies.' 2025 ? 
10.1038/s41594-024-01399-z 39379528 ? ? 
? ? ? ? ? ? ? US ? ? 1       Biorxiv              ? ? 2692-8205 ? ? ?  ? ?   ?   
'Structural basis for Vipp1 membrane binding: From loose coats and carpets to ring and rod assemblies'  2024 ? 
10.1101/2024.07.08.602470  ?        ? ? 
# 
loop_
_citation_author.citation_id 
_citation_author.name 
_citation_author.ordinal 
_citation_author.identifier_ORCID 
primary 'Junglas, B.'   1  0000-0001-9348-3379 
primary 'Kartte, D.'    2  ?                   
primary 'Kutzner, M.'   3  ?                   
primary 'Hellmann, N.'  4  0000-0002-6591-8926 
primary 'Ritter, I.'    5  ?                   
primary 'Schneider, D.' 6  0000-0003-4517-6387 
primary 'Sachse, C.'    7  0000-0002-1168-5143 
1       'Junglas, B.'   8  ?                   
1       'Kartte, D.'    9  ?                   
1       'Kutzner, M.'   10 ?                   
1       'Hellmann, N.'  11 ?                   
1       'Ritter, I.'    12 ?                   
1       'Schneider, D.' 13 ?                   
1       'Sachse, C.'    14 ?                   
# 
_entity.id                         1 
_entity.type                       polymer 
_entity.src_method                 man 
_entity.pdbx_description           'Membrane-associated protein Vipp1' 
_entity.formula_weight             21060.562 
_entity.pdbx_number_of_molecules   1 
_entity.pdbx_ec                    ? 
_entity.pdbx_mutation              ? 
_entity.pdbx_fragment              ? 
_entity.details                    ? 
# 
_entity_name_com.entity_id   1 
_entity_name_com.name        'Vesicle-inducing protein in plastids 1,Vipp1' 
# 
_entity_poly.entity_id                      1 
_entity_poly.type                           'polypeptide(L)' 
_entity_poly.nstd_linkage                   no 
_entity_poly.nstd_monomer                   no 
_entity_poly.pdbx_seq_one_letter_code       
;DPEKVLEQAVIDMQEDLVQLRQAVARTIAEEKRTEQRLNQDTQEAKKWEDRAKLALTNGEENLAREALARKKSLTDTAAA
YQTQLAQQRTMSENLRRNLAALEAKISEAKTKKNMLQARAKAAKANAELQQTLGGLGTSSATSAFERMENKVLDMEATSQ
AAGELAGFGIENQFAQLEASSGVEDELAALKA
;
_entity_poly.pdbx_seq_one_letter_code_can   
;DPEKVLEQAVIDMQEDLVQLRQAVARTIAEEKRTEQRLNQDTQEAKKWEDRAKLALTNGEENLAREALARKKSLTDTAAA
YQTQLAQQRTMSENLRRNLAALEAKISEAKTKKNMLQARAKAAKANAELQQTLGGLGTSSATSAFERMENKVLDMEATSQ
AAGELAGFGIENQFAQLEASSGVEDELAALKA
;
_entity_poly.pdbx_strand_id                 D 
_entity_poly.pdbx_target_identifier         ? 
# 
loop_
_entity_poly_seq.entity_id 
_entity_poly_seq.num 
_entity_poly_seq.mon_id 
_entity_poly_seq.hetero 
1 1   ASP n 
1 2   PRO n 
1 3   GLU n 
1 4   LYS n 
1 5   VAL n 
1 6   LEU n 
1 7   GLU n 
1 8   GLN n 
1 9   ALA n 
1 10  VAL n 
1 11  ILE n 
1 12  ASP n 
1 13  MET n 
1 14  GLN n 
1 15  GLU n 
1 16  ASP n 
1 17  LEU n 
1 18  VAL n 
1 19  GLN n 
1 20  LEU n 
1 21  ARG n 
1 22  GLN n 
1 23  ALA n 
1 24  VAL n 
1 25  ALA n 
1 26  ARG n 
1 27  THR n 
1 28  ILE n 
1 29  ALA n 
1 30  GLU n 
1 31  GLU n 
1 32  LYS n 
1 33  ARG n 
1 34  THR n 
1 35  GLU n 
1 36  GLN n 
1 37  ARG n 
1 38  LEU n 
1 39  ASN n 
1 40  GLN n 
1 41  ASP n 
1 42  THR n 
1 43  GLN n 
1 44  GLU n 
1 45  ALA n 
1 46  LYS n 
1 47  LYS n 
1 48  TRP n 
1 49  GLU n 
1 50  ASP n 
1 51  ARG n 
1 52  ALA n 
1 53  LYS n 
1 54  LEU n 
1 55  ALA n 
1 56  LEU n 
1 57  THR n 
1 58  ASN n 
1 59  GLY n 
1 60  GLU n 
1 61  GLU n 
1 62  ASN n 
1 63  LEU n 
1 64  ALA n 
1 65  ARG n 
1 66  GLU n 
1 67  ALA n 
1 68  LEU n 
1 69  ALA n 
1 70  ARG n 
1 71  LYS n 
1 72  LYS n 
1 73  SER n 
1 74  LEU n 
1 75  THR n 
1 76  ASP n 
1 77  THR n 
1 78  ALA n 
1 79  ALA n 
1 80  ALA n 
1 81  TYR n 
1 82  GLN n 
1 83  THR n 
1 84  GLN n 
1 85  LEU n 
1 86  ALA n 
1 87  GLN n 
1 88  GLN n 
1 89  ARG n 
1 90  THR n 
1 91  MET n 
1 92  SER n 
1 93  GLU n 
1 94  ASN n 
1 95  LEU n 
1 96  ARG n 
1 97  ARG n 
1 98  ASN n 
1 99  LEU n 
1 100 ALA n 
1 101 ALA n 
1 102 LEU n 
1 103 GLU n 
1 104 ALA n 
1 105 LYS n 
1 106 ILE n 
1 107 SER n 
1 108 GLU n 
1 109 ALA n 
1 110 LYS n 
1 111 THR n 
1 112 LYS n 
1 113 LYS n 
1 114 ASN n 
1 115 MET n 
1 116 LEU n 
1 117 GLN n 
1 118 ALA n 
1 119 ARG n 
1 120 ALA n 
1 121 LYS n 
1 122 ALA n 
1 123 ALA n 
1 124 LYS n 
1 125 ALA n 
1 126 ASN n 
1 127 ALA n 
1 128 GLU n 
1 129 LEU n 
1 130 GLN n 
1 131 GLN n 
1 132 THR n 
1 133 LEU n 
1 134 GLY n 
1 135 GLY n 
1 136 LEU n 
1 137 GLY n 
1 138 THR n 
1 139 SER n 
1 140 SER n 
1 141 ALA n 
1 142 THR n 
1 143 SER n 
1 144 ALA n 
1 145 PHE n 
1 146 GLU n 
1 147 ARG n 
1 148 MET n 
1 149 GLU n 
1 150 ASN n 
1 151 LYS n 
1 152 VAL n 
1 153 LEU n 
1 154 ASP n 
1 155 MET n 
1 156 GLU n 
1 157 ALA n 
1 158 THR n 
1 159 SER n 
1 160 GLN n 
1 161 ALA n 
1 162 ALA n 
1 163 GLY n 
1 164 GLU n 
1 165 LEU n 
1 166 ALA n 
1 167 GLY n 
1 168 PHE n 
1 169 GLY n 
1 170 ILE n 
1 171 GLU n 
1 172 ASN n 
1 173 GLN n 
1 174 PHE n 
1 175 ALA n 
1 176 GLN n 
1 177 LEU n 
1 178 GLU n 
1 179 ALA n 
1 180 SER n 
1 181 SER n 
1 182 GLY n 
1 183 VAL n 
1 184 GLU n 
1 185 ASP n 
1 186 GLU n 
1 187 LEU n 
1 188 ALA n 
1 189 ALA n 
1 190 LEU n 
1 191 LYS n 
1 192 ALA n 
# 
_entity_src_gen.entity_id                          1 
_entity_src_gen.pdbx_src_id                        1 
_entity_src_gen.pdbx_alt_source_flag               sample 
_entity_src_gen.pdbx_seq_type                      'Biological sequence' 
_entity_src_gen.pdbx_beg_seq_num                   1 
_entity_src_gen.pdbx_end_seq_num                   192 
_entity_src_gen.gene_src_common_name               ? 
_entity_src_gen.gene_src_genus                     ? 
_entity_src_gen.pdbx_gene_src_gene                 'vipp1, sll0617' 
_entity_src_gen.gene_src_species                   ? 
_entity_src_gen.gene_src_strain                    ? 
_entity_src_gen.gene_src_tissue                    ? 
_entity_src_gen.gene_src_tissue_fraction           ? 
_entity_src_gen.gene_src_details                   ? 
_entity_src_gen.pdbx_gene_src_fragment             ? 
_entity_src_gen.pdbx_gene_src_scientific_name      'Synechocystis sp. PCC 6803' 
_entity_src_gen.pdbx_gene_src_ncbi_taxonomy_id     1148 
_entity_src_gen.pdbx_gene_src_variant              ? 
_entity_src_gen.pdbx_gene_src_cell_line            ? 
_entity_src_gen.pdbx_gene_src_atcc                 ? 
_entity_src_gen.pdbx_gene_src_organ                ? 
_entity_src_gen.pdbx_gene_src_organelle            ? 
_entity_src_gen.pdbx_gene_src_cell                 ? 
_entity_src_gen.pdbx_gene_src_cellular_location    ? 
_entity_src_gen.host_org_common_name               ? 
_entity_src_gen.pdbx_host_org_scientific_name      'Escherichia coli BL21(DE3)' 
_entity_src_gen.pdbx_host_org_ncbi_taxonomy_id     469008 
_entity_src_gen.host_org_genus                     ? 
_entity_src_gen.pdbx_host_org_gene                 ? 
_entity_src_gen.pdbx_host_org_organ                ? 
_entity_src_gen.host_org_species                   ? 
_entity_src_gen.pdbx_host_org_tissue               ? 
_entity_src_gen.pdbx_host_org_tissue_fraction      ? 
_entity_src_gen.pdbx_host_org_strain               ? 
_entity_src_gen.pdbx_host_org_variant              C41 
_entity_src_gen.pdbx_host_org_cell_line            ? 
_entity_src_gen.pdbx_host_org_atcc                 ? 
_entity_src_gen.pdbx_host_org_culture_collection   ? 
_entity_src_gen.pdbx_host_org_cell                 ? 
_entity_src_gen.pdbx_host_org_organelle            ? 
_entity_src_gen.pdbx_host_org_cellular_location    ? 
_entity_src_gen.pdbx_host_org_vector_type          ? 
_entity_src_gen.pdbx_host_org_vector               ? 
_entity_src_gen.host_org_details                   ? 
_entity_src_gen.expression_system_id               ? 
_entity_src_gen.plasmid_name                       ? 
_entity_src_gen.plasmid_details                    ? 
_entity_src_gen.pdbx_description                   ? 
# 
loop_
_chem_comp.id 
_chem_comp.type 
_chem_comp.mon_nstd_flag 
_chem_comp.name 
_chem_comp.pdbx_synonyms 
_chem_comp.formula 
_chem_comp.formula_weight 
ALA 'L-peptide linking' y ALANINE         ? 'C3 H7 N O2'     89.093  
ARG 'L-peptide linking' y ARGININE        ? 'C6 H15 N4 O2 1' 175.209 
ASN 'L-peptide linking' y ASPARAGINE      ? 'C4 H8 N2 O3'    132.118 
ASP 'L-peptide linking' y 'ASPARTIC ACID' ? 'C4 H7 N O4'     133.103 
GLN 'L-peptide linking' y GLUTAMINE       ? 'C5 H10 N2 O3'   146.144 
GLU 'L-peptide linking' y 'GLUTAMIC ACID' ? 'C5 H9 N O4'     147.129 
GLY 'peptide linking'   y GLYCINE         ? 'C2 H5 N O2'     75.067  
ILE 'L-peptide linking' y ISOLEUCINE      ? 'C6 H13 N O2'    131.173 
LEU 'L-peptide linking' y LEUCINE         ? 'C6 H13 N O2'    131.173 
LYS 'L-peptide linking' y LYSINE          ? 'C6 H15 N2 O2 1' 147.195 
MET 'L-peptide linking' y METHIONINE      ? 'C5 H11 N O2 S'  149.211 
PHE 'L-peptide linking' y PHENYLALANINE   ? 'C9 H11 N O2'    165.189 
PRO 'L-peptide linking' y PROLINE         ? 'C5 H9 N O2'     115.130 
SER 'L-peptide linking' y SERINE          ? 'C3 H7 N O3'     105.093 
THR 'L-peptide linking' y THREONINE       ? 'C4 H9 N O3'     119.119 
TRP 'L-peptide linking' y TRYPTOPHAN      ? 'C11 H12 N2 O2'  204.225 
TYR 'L-peptide linking' y TYROSINE        ? 'C9 H11 N O3'    181.189 
VAL 'L-peptide linking' y VALINE          ? 'C5 H11 N O2'    117.146 
# 
loop_
_pdbx_poly_seq_scheme.asym_id 
_pdbx_poly_seq_scheme.entity_id 
_pdbx_poly_seq_scheme.seq_id 
_pdbx_poly_seq_scheme.mon_id 
_pdbx_poly_seq_scheme.ndb_seq_num 
_pdbx_poly_seq_scheme.pdb_seq_num 
_pdbx_poly_seq_scheme.auth_seq_num 
_pdbx_poly_seq_scheme.pdb_mon_id 
_pdbx_poly_seq_scheme.auth_mon_id 
_pdbx_poly_seq_scheme.pdb_strand_id 
_pdbx_poly_seq_scheme.pdb_ins_code 
_pdbx_poly_seq_scheme.hetero 
A 1 1   ASP 1   24  24  ASP ASP D . n 
A 1 2   PRO 2   25  25  PRO PRO D . n 
A 1 3   GLU 3   26  26  GLU GLU D . n 
A 1 4   LYS 4   27  27  LYS LYS D . n 
A 1 5   VAL 5   28  28  VAL VAL D . n 
A 1 6   LEU 6   29  29  LEU LEU D . n 
A 1 7   GLU 7   30  30  GLU GLU D . n 
A 1 8   GLN 8   31  31  GLN GLN D . n 
A 1 9   ALA 9   32  32  ALA ALA D . n 
A 1 10  VAL 10  33  33  VAL VAL D . n 
A 1 11  ILE 11  34  34  ILE ILE D . n 
A 1 12  ASP 12  35  35  ASP ASP D . n 
A 1 13  MET 13  36  36  MET MET D . n 
A 1 14  GLN 14  37  37  GLN GLN D . n 
A 1 15  GLU 15  38  38  GLU GLU D . n 
A 1 16  ASP 16  39  39  ASP ASP D . n 
A 1 17  LEU 17  40  40  LEU LEU D . n 
A 1 18  VAL 18  41  41  VAL VAL D . n 
A 1 19  GLN 19  42  42  GLN GLN D . n 
A 1 20  LEU 20  43  43  LEU LEU D . n 
A 1 21  ARG 21  44  44  ARG ARG D . n 
A 1 22  GLN 22  45  45  GLN GLN D . n 
A 1 23  ALA 23  46  46  ALA ALA D . n 
A 1 24  VAL 24  47  47  VAL VAL D . n 
A 1 25  ALA 25  48  48  ALA ALA D . n 
A 1 26  ARG 26  49  49  ARG ARG D . n 
A 1 27  THR 27  50  50  THR THR D . n 
A 1 28  ILE 28  51  51  ILE ILE D . n 
A 1 29  ALA 29  52  52  ALA ALA D . n 
A 1 30  GLU 30  53  53  GLU GLU D . n 
A 1 31  GLU 31  54  54  GLU GLU D . n 
A 1 32  LYS 32  55  55  LYS LYS D . n 
A 1 33  ARG 33  56  56  ARG ARG D . n 
A 1 34  THR 34  57  57  THR THR D . n 
A 1 35  GLU 35  58  58  GLU GLU D . n 
A 1 36  GLN 36  59  59  GLN GLN D . n 
A 1 37  ARG 37  60  60  ARG ARG D . n 
A 1 38  LEU 38  61  61  LEU LEU D . n 
A 1 39  ASN 39  62  62  ASN ASN D . n 
A 1 40  GLN 40  63  63  GLN GLN D . n 
A 1 41  ASP 41  64  64  ASP ASP D . n 
A 1 42  THR 42  65  65  THR THR D . n 
A 1 43  GLN 43  66  66  GLN GLN D . n 
A 1 44  GLU 44  67  67  GLU GLU D . n 
A 1 45  ALA 45  68  68  ALA ALA D . n 
A 1 46  LYS 46  69  69  LYS LYS D . n 
A 1 47  LYS 47  70  70  LYS LYS D . n 
A 1 48  TRP 48  71  71  TRP TRP D . n 
A 1 49  GLU 49  72  72  GLU GLU D . n 
A 1 50  ASP 50  73  73  ASP ASP D . n 
A 1 51  ARG 51  74  74  ARG ARG D . n 
A 1 52  ALA 52  75  75  ALA ALA D . n 
A 1 53  LYS 53  76  76  LYS LYS D . n 
A 1 54  LEU 54  77  77  LEU LEU D . n 
A 1 55  ALA 55  78  78  ALA ALA D . n 
A 1 56  LEU 56  79  79  LEU LEU D . n 
A 1 57  THR 57  80  80  THR THR D . n 
A 1 58  ASN 58  81  81  ASN ASN D . n 
A 1 59  GLY 59  82  82  GLY GLY D . n 
A 1 60  GLU 60  83  83  GLU GLU D . n 
A 1 61  GLU 61  84  84  GLU GLU D . n 
A 1 62  ASN 62  85  85  ASN ASN D . n 
A 1 63  LEU 63  86  86  LEU LEU D . n 
A 1 64  ALA 64  87  87  ALA ALA D . n 
A 1 65  ARG 65  88  88  ARG ARG D . n 
A 1 66  GLU 66  89  89  GLU GLU D . n 
A 1 67  ALA 67  90  90  ALA ALA D . n 
A 1 68  LEU 68  91  91  LEU LEU D . n 
A 1 69  ALA 69  92  92  ALA ALA D . n 
A 1 70  ARG 70  93  93  ARG ARG D . n 
A 1 71  LYS 71  94  94  LYS LYS D . n 
A 1 72  LYS 72  95  95  LYS LYS D . n 
A 1 73  SER 73  96  96  SER SER D . n 
A 1 74  LEU 74  97  97  LEU LEU D . n 
A 1 75  THR 75  98  98  THR THR D . n 
A 1 76  ASP 76  99  99  ASP ASP D . n 
A 1 77  THR 77  100 100 THR THR D . n 
A 1 78  ALA 78  101 101 ALA ALA D . n 
A 1 79  ALA 79  102 102 ALA ALA D . n 
A 1 80  ALA 80  103 103 ALA ALA D . n 
A 1 81  TYR 81  104 104 TYR TYR D . n 
A 1 82  GLN 82  105 105 GLN GLN D . n 
A 1 83  THR 83  106 106 THR THR D . n 
A 1 84  GLN 84  107 107 GLN GLN D . n 
A 1 85  LEU 85  108 108 LEU LEU D . n 
A 1 86  ALA 86  109 109 ALA ALA D . n 
A 1 87  GLN 87  110 110 GLN GLN D . n 
A 1 88  GLN 88  111 111 GLN GLN D . n 
A 1 89  ARG 89  112 112 ARG ARG D . n 
A 1 90  THR 90  113 113 THR THR D . n 
A 1 91  MET 91  114 114 MET MET D . n 
A 1 92  SER 92  115 115 SER SER D . n 
A 1 93  GLU 93  116 116 GLU GLU D . n 
A 1 94  ASN 94  117 117 ASN ASN D . n 
A 1 95  LEU 95  118 118 LEU LEU D . n 
A 1 96  ARG 96  119 119 ARG ARG D . n 
A 1 97  ARG 97  120 120 ARG ARG D . n 
A 1 98  ASN 98  121 121 ASN ASN D . n 
A 1 99  LEU 99  122 122 LEU LEU D . n 
A 1 100 ALA 100 123 123 ALA ALA D . n 
A 1 101 ALA 101 124 124 ALA ALA D . n 
A 1 102 LEU 102 125 125 LEU LEU D . n 
A 1 103 GLU 103 126 126 GLU GLU D . n 
A 1 104 ALA 104 127 127 ALA ALA D . n 
A 1 105 LYS 105 128 128 LYS LYS D . n 
A 1 106 ILE 106 129 129 ILE ILE D . n 
A 1 107 SER 107 130 130 SER SER D . n 
A 1 108 GLU 108 131 131 GLU GLU D . n 
A 1 109 ALA 109 132 132 ALA ALA D . n 
A 1 110 LYS 110 133 133 LYS LYS D . n 
A 1 111 THR 111 134 134 THR THR D . n 
A 1 112 LYS 112 135 135 LYS LYS D . n 
A 1 113 LYS 113 136 136 LYS LYS D . n 
A 1 114 ASN 114 137 137 ASN ASN D . n 
A 1 115 MET 115 138 138 MET MET D . n 
A 1 116 LEU 116 139 139 LEU LEU D . n 
A 1 117 GLN 117 140 140 GLN GLN D . n 
A 1 118 ALA 118 141 141 ALA ALA D . n 
A 1 119 ARG 119 142 142 ARG ARG D . n 
A 1 120 ALA 120 143 143 ALA ALA D . n 
A 1 121 LYS 121 144 144 LYS LYS D . n 
A 1 122 ALA 122 145 145 ALA ALA D . n 
A 1 123 ALA 123 146 146 ALA ALA D . n 
A 1 124 LYS 124 147 147 LYS LYS D . n 
A 1 125 ALA 125 148 148 ALA ALA D . n 
A 1 126 ASN 126 149 149 ASN ASN D . n 
A 1 127 ALA 127 150 150 ALA ALA D . n 
A 1 128 GLU 128 151 151 GLU GLU D . n 
A 1 129 LEU 129 152 152 LEU LEU D . n 
A 1 130 GLN 130 153 153 GLN GLN D . n 
A 1 131 GLN 131 154 154 GLN GLN D . n 
A 1 132 THR 132 155 155 THR THR D . n 
A 1 133 LEU 133 156 156 LEU LEU D . n 
A 1 134 GLY 134 157 157 GLY GLY D . n 
A 1 135 GLY 135 158 158 GLY GLY D . n 
A 1 136 LEU 136 159 159 LEU LEU D . n 
A 1 137 GLY 137 160 160 GLY GLY D . n 
A 1 138 THR 138 161 161 THR THR D . n 
A 1 139 SER 139 162 162 SER SER D . n 
A 1 140 SER 140 163 163 SER SER D . n 
A 1 141 ALA 141 164 164 ALA ALA D . n 
A 1 142 THR 142 165 165 THR THR D . n 
A 1 143 SER 143 166 166 SER SER D . n 
A 1 144 ALA 144 167 167 ALA ALA D . n 
A 1 145 PHE 145 168 168 PHE PHE D . n 
A 1 146 GLU 146 169 169 GLU GLU D . n 
A 1 147 ARG 147 170 170 ARG ARG D . n 
A 1 148 MET 148 171 171 MET MET D . n 
A 1 149 GLU 149 172 172 GLU GLU D . n 
A 1 150 ASN 150 173 173 ASN ASN D . n 
A 1 151 LYS 151 174 174 LYS LYS D . n 
A 1 152 VAL 152 175 175 VAL VAL D . n 
A 1 153 LEU 153 176 176 LEU LEU D . n 
A 1 154 ASP 154 177 177 ASP ASP D . n 
A 1 155 MET 155 178 178 MET MET D . n 
A 1 156 GLU 156 179 179 GLU GLU D . n 
A 1 157 ALA 157 180 180 ALA ALA D . n 
A 1 158 THR 158 181 181 THR THR D . n 
A 1 159 SER 159 182 182 SER SER D . n 
A 1 160 GLN 160 183 183 GLN GLN D . n 
A 1 161 ALA 161 184 184 ALA ALA D . n 
A 1 162 ALA 162 185 185 ALA ALA D . n 
A 1 163 GLY 163 186 186 GLY GLY D . n 
A 1 164 GLU 164 187 187 GLU GLU D . n 
A 1 165 LEU 165 188 188 LEU LEU D . n 
A 1 166 ALA 166 189 189 ALA ALA D . n 
A 1 167 GLY 167 190 190 GLY GLY D . n 
A 1 168 PHE 168 191 191 PHE PHE D . n 
A 1 169 GLY 169 192 192 GLY GLY D . n 
A 1 170 ILE 170 193 193 ILE ILE D . n 
A 1 171 GLU 171 194 194 GLU GLU D . n 
A 1 172 ASN 172 195 195 ASN ASN D . n 
A 1 173 GLN 173 196 196 GLN GLN D . n 
A 1 174 PHE 174 197 197 PHE PHE D . n 
A 1 175 ALA 175 198 198 ALA ALA D . n 
A 1 176 GLN 176 199 199 GLN GLN D . n 
A 1 177 LEU 177 200 200 LEU LEU D . n 
A 1 178 GLU 178 201 201 GLU GLU D . n 
A 1 179 ALA 179 202 202 ALA ALA D . n 
A 1 180 SER 180 203 203 SER SER D . n 
A 1 181 SER 181 204 204 SER SER D . n 
A 1 182 GLY 182 205 205 GLY GLY D . n 
A 1 183 VAL 183 206 206 VAL VAL D . n 
A 1 184 GLU 184 207 207 GLU GLU D . n 
A 1 185 ASP 185 208 208 ASP ASP D . n 
A 1 186 GLU 186 209 209 GLU GLU D . n 
A 1 187 LEU 187 210 210 LEU LEU D . n 
A 1 188 ALA 188 211 211 ALA ALA D . n 
A 1 189 ALA 189 212 212 ALA ALA D . n 
A 1 190 LEU 190 213 213 LEU LEU D . n 
A 1 191 LYS 191 214 214 LYS LYS D . n 
A 1 192 ALA 192 215 215 ALA ALA D . n 
# 
loop_
_pdbx_unobs_or_zero_occ_atoms.id 
_pdbx_unobs_or_zero_occ_atoms.PDB_model_num 
_pdbx_unobs_or_zero_occ_atoms.polymer_flag 
_pdbx_unobs_or_zero_occ_atoms.occupancy_flag 
_pdbx_unobs_or_zero_occ_atoms.auth_asym_id 
_pdbx_unobs_or_zero_occ_atoms.auth_comp_id 
_pdbx_unobs_or_zero_occ_atoms.auth_seq_id 
_pdbx_unobs_or_zero_occ_atoms.PDB_ins_code 
_pdbx_unobs_or_zero_occ_atoms.auth_atom_id 
_pdbx_unobs_or_zero_occ_atoms.label_alt_id 
_pdbx_unobs_or_zero_occ_atoms.label_asym_id 
_pdbx_unobs_or_zero_occ_atoms.label_comp_id 
_pdbx_unobs_or_zero_occ_atoms.label_seq_id 
_pdbx_unobs_or_zero_occ_atoms.label_atom_id 
1   1 Y 1 D ASP 24  ? CB  ? A ASP 1   CB  
2   1 Y 1 D ASP 24  ? CG  ? A ASP 1   CG  
3   1 Y 1 D ASP 24  ? OD1 ? A ASP 1   OD1 
4   1 Y 1 D ASP 24  ? OD2 ? A ASP 1   OD2 
5   1 Y 1 D PRO 25  ? CB  ? A PRO 2   CB  
6   1 Y 1 D PRO 25  ? CG  ? A PRO 2   CG  
7   1 Y 1 D PRO 25  ? CD  ? A PRO 2   CD  
8   1 Y 1 D GLU 26  ? CB  ? A GLU 3   CB  
9   1 Y 1 D GLU 26  ? CG  ? A GLU 3   CG  
10  1 Y 1 D GLU 26  ? CD  ? A GLU 3   CD  
11  1 Y 1 D GLU 26  ? OE1 ? A GLU 3   OE1 
12  1 Y 1 D GLU 26  ? OE2 ? A GLU 3   OE2 
13  1 Y 1 D LYS 27  ? CB  ? A LYS 4   CB  
14  1 Y 1 D LYS 27  ? CG  ? A LYS 4   CG  
15  1 Y 1 D LYS 27  ? CD  ? A LYS 4   CD  
16  1 Y 1 D LYS 27  ? CE  ? A LYS 4   CE  
17  1 Y 1 D LYS 27  ? NZ  ? A LYS 4   NZ  
18  1 Y 1 D VAL 28  ? CB  ? A VAL 5   CB  
19  1 Y 1 D VAL 28  ? CG1 ? A VAL 5   CG1 
20  1 Y 1 D VAL 28  ? CG2 ? A VAL 5   CG2 
21  1 Y 1 D LEU 29  ? CB  ? A LEU 6   CB  
22  1 Y 1 D LEU 29  ? CG  ? A LEU 6   CG  
23  1 Y 1 D LEU 29  ? CD1 ? A LEU 6   CD1 
24  1 Y 1 D LEU 29  ? CD2 ? A LEU 6   CD2 
25  1 Y 1 D GLU 30  ? CB  ? A GLU 7   CB  
26  1 Y 1 D GLU 30  ? CG  ? A GLU 7   CG  
27  1 Y 1 D GLU 30  ? CD  ? A GLU 7   CD  
28  1 Y 1 D GLU 30  ? OE1 ? A GLU 7   OE1 
29  1 Y 1 D GLU 30  ? OE2 ? A GLU 7   OE2 
30  1 Y 1 D GLN 31  ? CB  ? A GLN 8   CB  
31  1 Y 1 D GLN 31  ? CG  ? A GLN 8   CG  
32  1 Y 1 D GLN 31  ? CD  ? A GLN 8   CD  
33  1 Y 1 D GLN 31  ? OE1 ? A GLN 8   OE1 
34  1 Y 1 D GLN 31  ? NE2 ? A GLN 8   NE2 
35  1 Y 1 D ALA 32  ? CB  ? A ALA 9   CB  
36  1 Y 1 D VAL 33  ? CB  ? A VAL 10  CB  
37  1 Y 1 D VAL 33  ? CG1 ? A VAL 10  CG1 
38  1 Y 1 D VAL 33  ? CG2 ? A VAL 10  CG2 
39  1 Y 1 D ILE 34  ? CB  ? A ILE 11  CB  
40  1 Y 1 D ILE 34  ? CG1 ? A ILE 11  CG1 
41  1 Y 1 D ILE 34  ? CG2 ? A ILE 11  CG2 
42  1 Y 1 D ILE 34  ? CD1 ? A ILE 11  CD1 
43  1 Y 1 D ASP 35  ? CB  ? A ASP 12  CB  
44  1 Y 1 D ASP 35  ? CG  ? A ASP 12  CG  
45  1 Y 1 D ASP 35  ? OD1 ? A ASP 12  OD1 
46  1 Y 1 D ASP 35  ? OD2 ? A ASP 12  OD2 
47  1 Y 1 D MET 36  ? CB  ? A MET 13  CB  
48  1 Y 1 D MET 36  ? CG  ? A MET 13  CG  
49  1 Y 1 D MET 36  ? SD  ? A MET 13  SD  
50  1 Y 1 D MET 36  ? CE  ? A MET 13  CE  
51  1 Y 1 D GLN 37  ? CB  ? A GLN 14  CB  
52  1 Y 1 D GLN 37  ? CG  ? A GLN 14  CG  
53  1 Y 1 D GLN 37  ? CD  ? A GLN 14  CD  
54  1 Y 1 D GLN 37  ? OE1 ? A GLN 14  OE1 
55  1 Y 1 D GLN 37  ? NE2 ? A GLN 14  NE2 
56  1 Y 1 D GLU 38  ? CB  ? A GLU 15  CB  
57  1 Y 1 D GLU 38  ? CG  ? A GLU 15  CG  
58  1 Y 1 D GLU 38  ? CD  ? A GLU 15  CD  
59  1 Y 1 D GLU 38  ? OE1 ? A GLU 15  OE1 
60  1 Y 1 D GLU 38  ? OE2 ? A GLU 15  OE2 
61  1 Y 1 D ASP 39  ? CB  ? A ASP 16  CB  
62  1 Y 1 D ASP 39  ? CG  ? A ASP 16  CG  
63  1 Y 1 D ASP 39  ? OD1 ? A ASP 16  OD1 
64  1 Y 1 D ASP 39  ? OD2 ? A ASP 16  OD2 
65  1 Y 1 D LEU 40  ? CB  ? A LEU 17  CB  
66  1 Y 1 D LEU 40  ? CG  ? A LEU 17  CG  
67  1 Y 1 D LEU 40  ? CD1 ? A LEU 17  CD1 
68  1 Y 1 D LEU 40  ? CD2 ? A LEU 17  CD2 
69  1 Y 1 D VAL 41  ? CB  ? A VAL 18  CB  
70  1 Y 1 D VAL 41  ? CG1 ? A VAL 18  CG1 
71  1 Y 1 D VAL 41  ? CG2 ? A VAL 18  CG2 
72  1 Y 1 D GLN 42  ? CB  ? A GLN 19  CB  
73  1 Y 1 D GLN 42  ? CG  ? A GLN 19  CG  
74  1 Y 1 D GLN 42  ? CD  ? A GLN 19  CD  
75  1 Y 1 D GLN 42  ? OE1 ? A GLN 19  OE1 
76  1 Y 1 D GLN 42  ? NE2 ? A GLN 19  NE2 
77  1 Y 1 D LEU 43  ? CB  ? A LEU 20  CB  
78  1 Y 1 D LEU 43  ? CG  ? A LEU 20  CG  
79  1 Y 1 D LEU 43  ? CD1 ? A LEU 20  CD1 
80  1 Y 1 D LEU 43  ? CD2 ? A LEU 20  CD2 
81  1 Y 1 D ARG 44  ? CB  ? A ARG 21  CB  
82  1 Y 1 D ARG 44  ? CG  ? A ARG 21  CG  
83  1 Y 1 D ARG 44  ? CD  ? A ARG 21  CD  
84  1 Y 1 D ARG 44  ? NE  ? A ARG 21  NE  
85  1 Y 1 D ARG 44  ? CZ  ? A ARG 21  CZ  
86  1 Y 1 D ARG 44  ? NH1 ? A ARG 21  NH1 
87  1 Y 1 D ARG 44  ? NH2 ? A ARG 21  NH2 
88  1 Y 1 D GLN 45  ? CB  ? A GLN 22  CB  
89  1 Y 1 D GLN 45  ? CG  ? A GLN 22  CG  
90  1 Y 1 D GLN 45  ? CD  ? A GLN 22  CD  
91  1 Y 1 D GLN 45  ? OE1 ? A GLN 22  OE1 
92  1 Y 1 D GLN 45  ? NE2 ? A GLN 22  NE2 
93  1 Y 1 D ALA 46  ? CB  ? A ALA 23  CB  
94  1 Y 1 D VAL 47  ? CB  ? A VAL 24  CB  
95  1 Y 1 D VAL 47  ? CG1 ? A VAL 24  CG1 
96  1 Y 1 D VAL 47  ? CG2 ? A VAL 24  CG2 
97  1 Y 1 D ALA 48  ? CB  ? A ALA 25  CB  
98  1 Y 1 D ARG 49  ? CB  ? A ARG 26  CB  
99  1 Y 1 D ARG 49  ? CG  ? A ARG 26  CG  
100 1 Y 1 D ARG 49  ? CD  ? A ARG 26  CD  
101 1 Y 1 D ARG 49  ? NE  ? A ARG 26  NE  
102 1 Y 1 D ARG 49  ? CZ  ? A ARG 26  CZ  
103 1 Y 1 D ARG 49  ? NH1 ? A ARG 26  NH1 
104 1 Y 1 D ARG 49  ? NH2 ? A ARG 26  NH2 
105 1 Y 1 D THR 50  ? CB  ? A THR 27  CB  
106 1 Y 1 D THR 50  ? OG1 ? A THR 27  OG1 
107 1 Y 1 D THR 50  ? CG2 ? A THR 27  CG2 
108 1 Y 1 D ILE 51  ? CB  ? A ILE 28  CB  
109 1 Y 1 D ILE 51  ? CG1 ? A ILE 28  CG1 
110 1 Y 1 D ILE 51  ? CG2 ? A ILE 28  CG2 
111 1 Y 1 D ILE 51  ? CD1 ? A ILE 28  CD1 
112 1 Y 1 D ALA 52  ? CB  ? A ALA 29  CB  
113 1 Y 1 D GLU 53  ? CB  ? A GLU 30  CB  
114 1 Y 1 D GLU 53  ? CG  ? A GLU 30  CG  
115 1 Y 1 D GLU 53  ? CD  ? A GLU 30  CD  
116 1 Y 1 D GLU 53  ? OE1 ? A GLU 30  OE1 
117 1 Y 1 D GLU 53  ? OE2 ? A GLU 30  OE2 
118 1 Y 1 D GLU 54  ? CB  ? A GLU 31  CB  
119 1 Y 1 D GLU 54  ? CG  ? A GLU 31  CG  
120 1 Y 1 D GLU 54  ? CD  ? A GLU 31  CD  
121 1 Y 1 D GLU 54  ? OE1 ? A GLU 31  OE1 
122 1 Y 1 D GLU 54  ? OE2 ? A GLU 31  OE2 
123 1 Y 1 D LYS 55  ? CB  ? A LYS 32  CB  
124 1 Y 1 D LYS 55  ? CG  ? A LYS 32  CG  
125 1 Y 1 D LYS 55  ? CD  ? A LYS 32  CD  
126 1 Y 1 D LYS 55  ? CE  ? A LYS 32  CE  
127 1 Y 1 D LYS 55  ? NZ  ? A LYS 32  NZ  
128 1 Y 1 D ARG 56  ? CB  ? A ARG 33  CB  
129 1 Y 1 D ARG 56  ? CG  ? A ARG 33  CG  
130 1 Y 1 D ARG 56  ? CD  ? A ARG 33  CD  
131 1 Y 1 D ARG 56  ? NE  ? A ARG 33  NE  
132 1 Y 1 D ARG 56  ? CZ  ? A ARG 33  CZ  
133 1 Y 1 D ARG 56  ? NH1 ? A ARG 33  NH1 
134 1 Y 1 D ARG 56  ? NH2 ? A ARG 33  NH2 
135 1 Y 1 D THR 57  ? CB  ? A THR 34  CB  
136 1 Y 1 D THR 57  ? OG1 ? A THR 34  OG1 
137 1 Y 1 D THR 57  ? CG2 ? A THR 34  CG2 
138 1 Y 1 D GLU 58  ? CB  ? A GLU 35  CB  
139 1 Y 1 D GLU 58  ? CG  ? A GLU 35  CG  
140 1 Y 1 D GLU 58  ? CD  ? A GLU 35  CD  
141 1 Y 1 D GLU 58  ? OE1 ? A GLU 35  OE1 
142 1 Y 1 D GLU 58  ? OE2 ? A GLU 35  OE2 
143 1 Y 1 D GLN 59  ? CB  ? A GLN 36  CB  
144 1 Y 1 D GLN 59  ? CG  ? A GLN 36  CG  
145 1 Y 1 D GLN 59  ? CD  ? A GLN 36  CD  
146 1 Y 1 D GLN 59  ? OE1 ? A GLN 36  OE1 
147 1 Y 1 D GLN 59  ? NE2 ? A GLN 36  NE2 
148 1 Y 1 D ARG 60  ? CB  ? A ARG 37  CB  
149 1 Y 1 D ARG 60  ? CG  ? A ARG 37  CG  
150 1 Y 1 D ARG 60  ? CD  ? A ARG 37  CD  
151 1 Y 1 D ARG 60  ? NE  ? A ARG 37  NE  
152 1 Y 1 D ARG 60  ? CZ  ? A ARG 37  CZ  
153 1 Y 1 D ARG 60  ? NH1 ? A ARG 37  NH1 
154 1 Y 1 D ARG 60  ? NH2 ? A ARG 37  NH2 
155 1 Y 1 D LEU 61  ? CB  ? A LEU 38  CB  
156 1 Y 1 D LEU 61  ? CG  ? A LEU 38  CG  
157 1 Y 1 D LEU 61  ? CD1 ? A LEU 38  CD1 
158 1 Y 1 D LEU 61  ? CD2 ? A LEU 38  CD2 
159 1 Y 1 D ASN 62  ? CB  ? A ASN 39  CB  
160 1 Y 1 D ASN 62  ? CG  ? A ASN 39  CG  
161 1 Y 1 D ASN 62  ? OD1 ? A ASN 39  OD1 
162 1 Y 1 D ASN 62  ? ND2 ? A ASN 39  ND2 
163 1 Y 1 D GLN 63  ? CB  ? A GLN 40  CB  
164 1 Y 1 D GLN 63  ? CG  ? A GLN 40  CG  
165 1 Y 1 D GLN 63  ? CD  ? A GLN 40  CD  
166 1 Y 1 D GLN 63  ? OE1 ? A GLN 40  OE1 
167 1 Y 1 D GLN 63  ? NE2 ? A GLN 40  NE2 
168 1 Y 1 D ASP 64  ? CB  ? A ASP 41  CB  
169 1 Y 1 D ASP 64  ? CG  ? A ASP 41  CG  
170 1 Y 1 D ASP 64  ? OD1 ? A ASP 41  OD1 
171 1 Y 1 D ASP 64  ? OD2 ? A ASP 41  OD2 
172 1 Y 1 D THR 65  ? CB  ? A THR 42  CB  
173 1 Y 1 D THR 65  ? OG1 ? A THR 42  OG1 
174 1 Y 1 D THR 65  ? CG2 ? A THR 42  CG2 
175 1 Y 1 D GLN 66  ? CB  ? A GLN 43  CB  
176 1 Y 1 D GLN 66  ? CG  ? A GLN 43  CG  
177 1 Y 1 D GLN 66  ? CD  ? A GLN 43  CD  
178 1 Y 1 D GLN 66  ? OE1 ? A GLN 43  OE1 
179 1 Y 1 D GLN 66  ? NE2 ? A GLN 43  NE2 
180 1 Y 1 D GLU 67  ? CB  ? A GLU 44  CB  
181 1 Y 1 D GLU 67  ? CG  ? A GLU 44  CG  
182 1 Y 1 D GLU 67  ? CD  ? A GLU 44  CD  
183 1 Y 1 D GLU 67  ? OE1 ? A GLU 44  OE1 
184 1 Y 1 D GLU 67  ? OE2 ? A GLU 44  OE2 
185 1 Y 1 D ALA 68  ? CB  ? A ALA 45  CB  
186 1 Y 1 D LYS 69  ? CB  ? A LYS 46  CB  
187 1 Y 1 D LYS 69  ? CG  ? A LYS 46  CG  
188 1 Y 1 D LYS 69  ? CD  ? A LYS 46  CD  
189 1 Y 1 D LYS 69  ? CE  ? A LYS 46  CE  
190 1 Y 1 D LYS 69  ? NZ  ? A LYS 46  NZ  
191 1 Y 1 D LYS 70  ? CB  ? A LYS 47  CB  
192 1 Y 1 D LYS 70  ? CG  ? A LYS 47  CG  
193 1 Y 1 D LYS 70  ? CD  ? A LYS 47  CD  
194 1 Y 1 D LYS 70  ? CE  ? A LYS 47  CE  
195 1 Y 1 D LYS 70  ? NZ  ? A LYS 47  NZ  
196 1 Y 1 D TRP 71  ? CB  ? A TRP 48  CB  
197 1 Y 1 D TRP 71  ? CG  ? A TRP 48  CG  
198 1 Y 1 D TRP 71  ? CD1 ? A TRP 48  CD1 
199 1 Y 1 D TRP 71  ? CD2 ? A TRP 48  CD2 
200 1 Y 1 D TRP 71  ? NE1 ? A TRP 48  NE1 
201 1 Y 1 D TRP 71  ? CE2 ? A TRP 48  CE2 
202 1 Y 1 D TRP 71  ? CE3 ? A TRP 48  CE3 
203 1 Y 1 D TRP 71  ? CZ2 ? A TRP 48  CZ2 
204 1 Y 1 D TRP 71  ? CZ3 ? A TRP 48  CZ3 
205 1 Y 1 D TRP 71  ? CH2 ? A TRP 48  CH2 
206 1 Y 1 D GLU 72  ? CB  ? A GLU 49  CB  
207 1 Y 1 D GLU 72  ? CG  ? A GLU 49  CG  
208 1 Y 1 D GLU 72  ? CD  ? A GLU 49  CD  
209 1 Y 1 D GLU 72  ? OE1 ? A GLU 49  OE1 
210 1 Y 1 D GLU 72  ? OE2 ? A GLU 49  OE2 
211 1 Y 1 D ASP 73  ? CB  ? A ASP 50  CB  
212 1 Y 1 D ASP 73  ? CG  ? A ASP 50  CG  
213 1 Y 1 D ASP 73  ? OD1 ? A ASP 50  OD1 
214 1 Y 1 D ASP 73  ? OD2 ? A ASP 50  OD2 
215 1 Y 1 D ARG 74  ? CB  ? A ARG 51  CB  
216 1 Y 1 D ARG 74  ? CG  ? A ARG 51  CG  
217 1 Y 1 D ARG 74  ? CD  ? A ARG 51  CD  
218 1 Y 1 D ARG 74  ? NE  ? A ARG 51  NE  
219 1 Y 1 D ARG 74  ? CZ  ? A ARG 51  CZ  
220 1 Y 1 D ARG 74  ? NH1 ? A ARG 51  NH1 
221 1 Y 1 D ARG 74  ? NH2 ? A ARG 51  NH2 
222 1 Y 1 D ALA 75  ? CB  ? A ALA 52  CB  
223 1 Y 1 D LYS 76  ? CB  ? A LYS 53  CB  
224 1 Y 1 D LYS 76  ? CG  ? A LYS 53  CG  
225 1 Y 1 D LYS 76  ? CD  ? A LYS 53  CD  
226 1 Y 1 D LYS 76  ? CE  ? A LYS 53  CE  
227 1 Y 1 D LYS 76  ? NZ  ? A LYS 53  NZ  
228 1 Y 1 D LEU 77  ? CB  ? A LEU 54  CB  
229 1 Y 1 D LEU 77  ? CG  ? A LEU 54  CG  
230 1 Y 1 D LEU 77  ? CD1 ? A LEU 54  CD1 
231 1 Y 1 D LEU 77  ? CD2 ? A LEU 54  CD2 
232 1 Y 1 D ALA 78  ? CB  ? A ALA 55  CB  
233 1 Y 1 D LEU 79  ? CB  ? A LEU 56  CB  
234 1 Y 1 D LEU 79  ? CG  ? A LEU 56  CG  
235 1 Y 1 D LEU 79  ? CD1 ? A LEU 56  CD1 
236 1 Y 1 D LEU 79  ? CD2 ? A LEU 56  CD2 
237 1 Y 1 D THR 80  ? CB  ? A THR 57  CB  
238 1 Y 1 D THR 80  ? OG1 ? A THR 57  OG1 
239 1 Y 1 D THR 80  ? CG2 ? A THR 57  CG2 
240 1 Y 1 D ASN 81  ? CB  ? A ASN 58  CB  
241 1 Y 1 D ASN 81  ? CG  ? A ASN 58  CG  
242 1 Y 1 D ASN 81  ? OD1 ? A ASN 58  OD1 
243 1 Y 1 D ASN 81  ? ND2 ? A ASN 58  ND2 
244 1 Y 1 D GLU 83  ? CB  ? A GLU 60  CB  
245 1 Y 1 D GLU 83  ? CG  ? A GLU 60  CG  
246 1 Y 1 D GLU 83  ? CD  ? A GLU 60  CD  
247 1 Y 1 D GLU 83  ? OE1 ? A GLU 60  OE1 
248 1 Y 1 D GLU 83  ? OE2 ? A GLU 60  OE2 
249 1 Y 1 D GLU 84  ? CB  ? A GLU 61  CB  
250 1 Y 1 D GLU 84  ? CG  ? A GLU 61  CG  
251 1 Y 1 D GLU 84  ? CD  ? A GLU 61  CD  
252 1 Y 1 D GLU 84  ? OE1 ? A GLU 61  OE1 
253 1 Y 1 D GLU 84  ? OE2 ? A GLU 61  OE2 
254 1 Y 1 D ASN 85  ? CB  ? A ASN 62  CB  
255 1 Y 1 D ASN 85  ? CG  ? A ASN 62  CG  
256 1 Y 1 D ASN 85  ? OD1 ? A ASN 62  OD1 
257 1 Y 1 D ASN 85  ? ND2 ? A ASN 62  ND2 
258 1 Y 1 D LEU 86  ? CB  ? A LEU 63  CB  
259 1 Y 1 D LEU 86  ? CG  ? A LEU 63  CG  
260 1 Y 1 D LEU 86  ? CD1 ? A LEU 63  CD1 
261 1 Y 1 D LEU 86  ? CD2 ? A LEU 63  CD2 
262 1 Y 1 D ALA 87  ? CB  ? A ALA 64  CB  
263 1 Y 1 D ARG 88  ? CB  ? A ARG 65  CB  
264 1 Y 1 D ARG 88  ? CG  ? A ARG 65  CG  
265 1 Y 1 D ARG 88  ? CD  ? A ARG 65  CD  
266 1 Y 1 D ARG 88  ? NE  ? A ARG 65  NE  
267 1 Y 1 D ARG 88  ? CZ  ? A ARG 65  CZ  
268 1 Y 1 D ARG 88  ? NH1 ? A ARG 65  NH1 
269 1 Y 1 D ARG 88  ? NH2 ? A ARG 65  NH2 
270 1 Y 1 D GLU 89  ? CB  ? A GLU 66  CB  
271 1 Y 1 D GLU 89  ? CG  ? A GLU 66  CG  
272 1 Y 1 D GLU 89  ? CD  ? A GLU 66  CD  
273 1 Y 1 D GLU 89  ? OE1 ? A GLU 66  OE1 
274 1 Y 1 D GLU 89  ? OE2 ? A GLU 66  OE2 
275 1 Y 1 D ALA 90  ? CB  ? A ALA 67  CB  
276 1 Y 1 D LEU 91  ? CB  ? A LEU 68  CB  
277 1 Y 1 D LEU 91  ? CG  ? A LEU 68  CG  
278 1 Y 1 D LEU 91  ? CD1 ? A LEU 68  CD1 
279 1 Y 1 D LEU 91  ? CD2 ? A LEU 68  CD2 
280 1 Y 1 D ALA 92  ? CB  ? A ALA 69  CB  
281 1 Y 1 D ARG 93  ? CB  ? A ARG 70  CB  
282 1 Y 1 D ARG 93  ? CG  ? A ARG 70  CG  
283 1 Y 1 D ARG 93  ? CD  ? A ARG 70  CD  
284 1 Y 1 D ARG 93  ? NE  ? A ARG 70  NE  
285 1 Y 1 D ARG 93  ? CZ  ? A ARG 70  CZ  
286 1 Y 1 D ARG 93  ? NH1 ? A ARG 70  NH1 
287 1 Y 1 D ARG 93  ? NH2 ? A ARG 70  NH2 
288 1 Y 1 D LYS 94  ? CB  ? A LYS 71  CB  
289 1 Y 1 D LYS 94  ? CG  ? A LYS 71  CG  
290 1 Y 1 D LYS 94  ? CD  ? A LYS 71  CD  
291 1 Y 1 D LYS 94  ? CE  ? A LYS 71  CE  
292 1 Y 1 D LYS 94  ? NZ  ? A LYS 71  NZ  
293 1 Y 1 D LYS 95  ? CB  ? A LYS 72  CB  
294 1 Y 1 D LYS 95  ? CG  ? A LYS 72  CG  
295 1 Y 1 D LYS 95  ? CD  ? A LYS 72  CD  
296 1 Y 1 D LYS 95  ? CE  ? A LYS 72  CE  
297 1 Y 1 D LYS 95  ? NZ  ? A LYS 72  NZ  
298 1 Y 1 D SER 96  ? CB  ? A SER 73  CB  
299 1 Y 1 D SER 96  ? OG  ? A SER 73  OG  
300 1 Y 1 D LEU 97  ? CB  ? A LEU 74  CB  
301 1 Y 1 D LEU 97  ? CG  ? A LEU 74  CG  
302 1 Y 1 D LEU 97  ? CD1 ? A LEU 74  CD1 
303 1 Y 1 D LEU 97  ? CD2 ? A LEU 74  CD2 
304 1 Y 1 D THR 98  ? CB  ? A THR 75  CB  
305 1 Y 1 D THR 98  ? OG1 ? A THR 75  OG1 
306 1 Y 1 D THR 98  ? CG2 ? A THR 75  CG2 
307 1 Y 1 D ASP 99  ? CB  ? A ASP 76  CB  
308 1 Y 1 D ASP 99  ? CG  ? A ASP 76  CG  
309 1 Y 1 D ASP 99  ? OD1 ? A ASP 76  OD1 
310 1 Y 1 D ASP 99  ? OD2 ? A ASP 76  OD2 
311 1 Y 1 D THR 100 ? CB  ? A THR 77  CB  
312 1 Y 1 D THR 100 ? OG1 ? A THR 77  OG1 
313 1 Y 1 D THR 100 ? CG2 ? A THR 77  CG2 
314 1 Y 1 D ALA 101 ? CB  ? A ALA 78  CB  
315 1 Y 1 D ALA 102 ? CB  ? A ALA 79  CB  
316 1 Y 1 D ALA 103 ? CB  ? A ALA 80  CB  
317 1 Y 1 D TYR 104 ? CB  ? A TYR 81  CB  
318 1 Y 1 D TYR 104 ? CG  ? A TYR 81  CG  
319 1 Y 1 D TYR 104 ? CD1 ? A TYR 81  CD1 
320 1 Y 1 D TYR 104 ? CD2 ? A TYR 81  CD2 
321 1 Y 1 D TYR 104 ? CE1 ? A TYR 81  CE1 
322 1 Y 1 D TYR 104 ? CE2 ? A TYR 81  CE2 
323 1 Y 1 D TYR 104 ? CZ  ? A TYR 81  CZ  
324 1 Y 1 D TYR 104 ? OH  ? A TYR 81  OH  
325 1 Y 1 D GLN 105 ? CB  ? A GLN 82  CB  
326 1 Y 1 D GLN 105 ? CG  ? A GLN 82  CG  
327 1 Y 1 D GLN 105 ? CD  ? A GLN 82  CD  
328 1 Y 1 D GLN 105 ? OE1 ? A GLN 82  OE1 
329 1 Y 1 D GLN 105 ? NE2 ? A GLN 82  NE2 
330 1 Y 1 D THR 106 ? CB  ? A THR 83  CB  
331 1 Y 1 D THR 106 ? OG1 ? A THR 83  OG1 
332 1 Y 1 D THR 106 ? CG2 ? A THR 83  CG2 
333 1 Y 1 D GLN 107 ? CB  ? A GLN 84  CB  
334 1 Y 1 D GLN 107 ? CG  ? A GLN 84  CG  
335 1 Y 1 D GLN 107 ? CD  ? A GLN 84  CD  
336 1 Y 1 D GLN 107 ? OE1 ? A GLN 84  OE1 
337 1 Y 1 D GLN 107 ? NE2 ? A GLN 84  NE2 
338 1 Y 1 D LEU 108 ? CB  ? A LEU 85  CB  
339 1 Y 1 D LEU 108 ? CG  ? A LEU 85  CG  
340 1 Y 1 D LEU 108 ? CD1 ? A LEU 85  CD1 
341 1 Y 1 D LEU 108 ? CD2 ? A LEU 85  CD2 
342 1 Y 1 D ALA 109 ? CB  ? A ALA 86  CB  
343 1 Y 1 D GLN 110 ? CB  ? A GLN 87  CB  
344 1 Y 1 D GLN 110 ? CG  ? A GLN 87  CG  
345 1 Y 1 D GLN 110 ? CD  ? A GLN 87  CD  
346 1 Y 1 D GLN 110 ? OE1 ? A GLN 87  OE1 
347 1 Y 1 D GLN 110 ? NE2 ? A GLN 87  NE2 
348 1 Y 1 D GLN 111 ? CB  ? A GLN 88  CB  
349 1 Y 1 D GLN 111 ? CG  ? A GLN 88  CG  
350 1 Y 1 D GLN 111 ? CD  ? A GLN 88  CD  
351 1 Y 1 D GLN 111 ? OE1 ? A GLN 88  OE1 
352 1 Y 1 D GLN 111 ? NE2 ? A GLN 88  NE2 
353 1 Y 1 D ARG 112 ? CB  ? A ARG 89  CB  
354 1 Y 1 D ARG 112 ? CG  ? A ARG 89  CG  
355 1 Y 1 D ARG 112 ? CD  ? A ARG 89  CD  
356 1 Y 1 D ARG 112 ? NE  ? A ARG 89  NE  
357 1 Y 1 D ARG 112 ? CZ  ? A ARG 89  CZ  
358 1 Y 1 D ARG 112 ? NH1 ? A ARG 89  NH1 
359 1 Y 1 D ARG 112 ? NH2 ? A ARG 89  NH2 
360 1 Y 1 D THR 113 ? CB  ? A THR 90  CB  
361 1 Y 1 D THR 113 ? OG1 ? A THR 90  OG1 
362 1 Y 1 D THR 113 ? CG2 ? A THR 90  CG2 
363 1 Y 1 D MET 114 ? CB  ? A MET 91  CB  
364 1 Y 1 D MET 114 ? CG  ? A MET 91  CG  
365 1 Y 1 D MET 114 ? SD  ? A MET 91  SD  
366 1 Y 1 D MET 114 ? CE  ? A MET 91  CE  
367 1 Y 1 D SER 115 ? CB  ? A SER 92  CB  
368 1 Y 1 D SER 115 ? OG  ? A SER 92  OG  
369 1 Y 1 D GLU 116 ? CB  ? A GLU 93  CB  
370 1 Y 1 D GLU 116 ? CG  ? A GLU 93  CG  
371 1 Y 1 D GLU 116 ? CD  ? A GLU 93  CD  
372 1 Y 1 D GLU 116 ? OE1 ? A GLU 93  OE1 
373 1 Y 1 D GLU 116 ? OE2 ? A GLU 93  OE2 
374 1 Y 1 D ASN 117 ? CB  ? A ASN 94  CB  
375 1 Y 1 D ASN 117 ? CG  ? A ASN 94  CG  
376 1 Y 1 D ASN 117 ? OD1 ? A ASN 94  OD1 
377 1 Y 1 D ASN 117 ? ND2 ? A ASN 94  ND2 
378 1 Y 1 D LEU 118 ? CB  ? A LEU 95  CB  
379 1 Y 1 D LEU 118 ? CG  ? A LEU 95  CG  
380 1 Y 1 D LEU 118 ? CD1 ? A LEU 95  CD1 
381 1 Y 1 D LEU 118 ? CD2 ? A LEU 95  CD2 
382 1 Y 1 D ARG 119 ? CB  ? A ARG 96  CB  
383 1 Y 1 D ARG 119 ? CG  ? A ARG 96  CG  
384 1 Y 1 D ARG 119 ? CD  ? A ARG 96  CD  
385 1 Y 1 D ARG 119 ? NE  ? A ARG 96  NE  
386 1 Y 1 D ARG 119 ? CZ  ? A ARG 96  CZ  
387 1 Y 1 D ARG 119 ? NH1 ? A ARG 96  NH1 
388 1 Y 1 D ARG 119 ? NH2 ? A ARG 96  NH2 
389 1 Y 1 D ARG 120 ? CB  ? A ARG 97  CB  
390 1 Y 1 D ARG 120 ? CG  ? A ARG 97  CG  
391 1 Y 1 D ARG 120 ? CD  ? A ARG 97  CD  
392 1 Y 1 D ARG 120 ? NE  ? A ARG 97  NE  
393 1 Y 1 D ARG 120 ? CZ  ? A ARG 97  CZ  
394 1 Y 1 D ARG 120 ? NH1 ? A ARG 97  NH1 
395 1 Y 1 D ARG 120 ? NH2 ? A ARG 97  NH2 
396 1 Y 1 D ASN 121 ? CB  ? A ASN 98  CB  
397 1 Y 1 D ASN 121 ? CG  ? A ASN 98  CG  
398 1 Y 1 D ASN 121 ? OD1 ? A ASN 98  OD1 
399 1 Y 1 D ASN 121 ? ND2 ? A ASN 98  ND2 
400 1 Y 1 D LEU 122 ? CB  ? A LEU 99  CB  
401 1 Y 1 D LEU 122 ? CG  ? A LEU 99  CG  
402 1 Y 1 D LEU 122 ? CD1 ? A LEU 99  CD1 
403 1 Y 1 D LEU 122 ? CD2 ? A LEU 99  CD2 
404 1 Y 1 D ALA 123 ? CB  ? A ALA 100 CB  
405 1 Y 1 D ALA 124 ? CB  ? A ALA 101 CB  
406 1 Y 1 D LEU 125 ? CB  ? A LEU 102 CB  
407 1 Y 1 D LEU 125 ? CG  ? A LEU 102 CG  
408 1 Y 1 D LEU 125 ? CD1 ? A LEU 102 CD1 
409 1 Y 1 D LEU 125 ? CD2 ? A LEU 102 CD2 
410 1 Y 1 D GLU 126 ? CB  ? A GLU 103 CB  
411 1 Y 1 D GLU 126 ? CG  ? A GLU 103 CG  
412 1 Y 1 D GLU 126 ? CD  ? A GLU 103 CD  
413 1 Y 1 D GLU 126 ? OE1 ? A GLU 103 OE1 
414 1 Y 1 D GLU 126 ? OE2 ? A GLU 103 OE2 
415 1 Y 1 D ALA 127 ? CB  ? A ALA 104 CB  
416 1 Y 1 D LYS 128 ? CB  ? A LYS 105 CB  
417 1 Y 1 D LYS 128 ? CG  ? A LYS 105 CG  
418 1 Y 1 D LYS 128 ? CD  ? A LYS 105 CD  
419 1 Y 1 D LYS 128 ? CE  ? A LYS 105 CE  
420 1 Y 1 D LYS 128 ? NZ  ? A LYS 105 NZ  
421 1 Y 1 D ILE 129 ? CB  ? A ILE 106 CB  
422 1 Y 1 D ILE 129 ? CG1 ? A ILE 106 CG1 
423 1 Y 1 D ILE 129 ? CG2 ? A ILE 106 CG2 
424 1 Y 1 D ILE 129 ? CD1 ? A ILE 106 CD1 
425 1 Y 1 D SER 130 ? CB  ? A SER 107 CB  
426 1 Y 1 D SER 130 ? OG  ? A SER 107 OG  
427 1 Y 1 D GLU 131 ? CB  ? A GLU 108 CB  
428 1 Y 1 D GLU 131 ? CG  ? A GLU 108 CG  
429 1 Y 1 D GLU 131 ? CD  ? A GLU 108 CD  
430 1 Y 1 D GLU 131 ? OE1 ? A GLU 108 OE1 
431 1 Y 1 D GLU 131 ? OE2 ? A GLU 108 OE2 
432 1 Y 1 D ALA 132 ? CB  ? A ALA 109 CB  
433 1 Y 1 D LYS 133 ? CB  ? A LYS 110 CB  
434 1 Y 1 D LYS 133 ? CG  ? A LYS 110 CG  
435 1 Y 1 D LYS 133 ? CD  ? A LYS 110 CD  
436 1 Y 1 D LYS 133 ? CE  ? A LYS 110 CE  
437 1 Y 1 D LYS 133 ? NZ  ? A LYS 110 NZ  
438 1 Y 1 D THR 134 ? CB  ? A THR 111 CB  
439 1 Y 1 D THR 134 ? OG1 ? A THR 111 OG1 
440 1 Y 1 D THR 134 ? CG2 ? A THR 111 CG2 
441 1 Y 1 D LYS 135 ? CB  ? A LYS 112 CB  
442 1 Y 1 D LYS 135 ? CG  ? A LYS 112 CG  
443 1 Y 1 D LYS 135 ? CD  ? A LYS 112 CD  
444 1 Y 1 D LYS 135 ? CE  ? A LYS 112 CE  
445 1 Y 1 D LYS 135 ? NZ  ? A LYS 112 NZ  
446 1 Y 1 D LYS 136 ? CB  ? A LYS 113 CB  
447 1 Y 1 D LYS 136 ? CG  ? A LYS 113 CG  
448 1 Y 1 D LYS 136 ? CD  ? A LYS 113 CD  
449 1 Y 1 D LYS 136 ? CE  ? A LYS 113 CE  
450 1 Y 1 D LYS 136 ? NZ  ? A LYS 113 NZ  
451 1 Y 1 D ASN 137 ? CB  ? A ASN 114 CB  
452 1 Y 1 D ASN 137 ? CG  ? A ASN 114 CG  
453 1 Y 1 D ASN 137 ? OD1 ? A ASN 114 OD1 
454 1 Y 1 D ASN 137 ? ND2 ? A ASN 114 ND2 
455 1 Y 1 D MET 138 ? CB  ? A MET 115 CB  
456 1 Y 1 D MET 138 ? CG  ? A MET 115 CG  
457 1 Y 1 D MET 138 ? SD  ? A MET 115 SD  
458 1 Y 1 D MET 138 ? CE  ? A MET 115 CE  
459 1 Y 1 D LEU 139 ? CB  ? A LEU 116 CB  
460 1 Y 1 D LEU 139 ? CG  ? A LEU 116 CG  
461 1 Y 1 D LEU 139 ? CD1 ? A LEU 116 CD1 
462 1 Y 1 D LEU 139 ? CD2 ? A LEU 116 CD2 
463 1 Y 1 D GLN 140 ? CB  ? A GLN 117 CB  
464 1 Y 1 D GLN 140 ? CG  ? A GLN 117 CG  
465 1 Y 1 D GLN 140 ? CD  ? A GLN 117 CD  
466 1 Y 1 D GLN 140 ? OE1 ? A GLN 117 OE1 
467 1 Y 1 D GLN 140 ? NE2 ? A GLN 117 NE2 
468 1 Y 1 D ALA 141 ? CB  ? A ALA 118 CB  
469 1 Y 1 D ARG 142 ? CB  ? A ARG 119 CB  
470 1 Y 1 D ARG 142 ? CG  ? A ARG 119 CG  
471 1 Y 1 D ARG 142 ? CD  ? A ARG 119 CD  
472 1 Y 1 D ARG 142 ? NE  ? A ARG 119 NE  
473 1 Y 1 D ARG 142 ? CZ  ? A ARG 119 CZ  
474 1 Y 1 D ARG 142 ? NH1 ? A ARG 119 NH1 
475 1 Y 1 D ARG 142 ? NH2 ? A ARG 119 NH2 
476 1 Y 1 D ALA 143 ? CB  ? A ALA 120 CB  
477 1 Y 1 D LYS 144 ? CB  ? A LYS 121 CB  
478 1 Y 1 D LYS 144 ? CG  ? A LYS 121 CG  
479 1 Y 1 D LYS 144 ? CD  ? A LYS 121 CD  
480 1 Y 1 D LYS 144 ? CE  ? A LYS 121 CE  
481 1 Y 1 D LYS 144 ? NZ  ? A LYS 121 NZ  
482 1 Y 1 D ALA 145 ? CB  ? A ALA 122 CB  
483 1 Y 1 D ALA 146 ? CB  ? A ALA 123 CB  
484 1 Y 1 D LYS 147 ? CB  ? A LYS 124 CB  
485 1 Y 1 D LYS 147 ? CG  ? A LYS 124 CG  
486 1 Y 1 D LYS 147 ? CD  ? A LYS 124 CD  
487 1 Y 1 D LYS 147 ? CE  ? A LYS 124 CE  
488 1 Y 1 D LYS 147 ? NZ  ? A LYS 124 NZ  
489 1 Y 1 D ALA 148 ? CB  ? A ALA 125 CB  
490 1 Y 1 D ASN 149 ? CB  ? A ASN 126 CB  
491 1 Y 1 D ASN 149 ? CG  ? A ASN 126 CG  
492 1 Y 1 D ASN 149 ? OD1 ? A ASN 126 OD1 
493 1 Y 1 D ASN 149 ? ND2 ? A ASN 126 ND2 
494 1 Y 1 D ALA 150 ? CB  ? A ALA 127 CB  
495 1 Y 1 D GLU 151 ? CB  ? A GLU 128 CB  
496 1 Y 1 D GLU 151 ? CG  ? A GLU 128 CG  
497 1 Y 1 D GLU 151 ? CD  ? A GLU 128 CD  
498 1 Y 1 D GLU 151 ? OE1 ? A GLU 128 OE1 
499 1 Y 1 D GLU 151 ? OE2 ? A GLU 128 OE2 
500 1 Y 1 D LEU 152 ? CB  ? A LEU 129 CB  
501 1 Y 1 D LEU 152 ? CG  ? A LEU 129 CG  
502 1 Y 1 D LEU 152 ? CD1 ? A LEU 129 CD1 
503 1 Y 1 D LEU 152 ? CD2 ? A LEU 129 CD2 
504 1 Y 1 D GLN 153 ? CB  ? A GLN 130 CB  
505 1 Y 1 D GLN 153 ? CG  ? A GLN 130 CG  
506 1 Y 1 D GLN 153 ? CD  ? A GLN 130 CD  
507 1 Y 1 D GLN 153 ? OE1 ? A GLN 130 OE1 
508 1 Y 1 D GLN 153 ? NE2 ? A GLN 130 NE2 
509 1 Y 1 D GLN 154 ? CB  ? A GLN 131 CB  
510 1 Y 1 D GLN 154 ? CG  ? A GLN 131 CG  
511 1 Y 1 D GLN 154 ? CD  ? A GLN 131 CD  
512 1 Y 1 D GLN 154 ? OE1 ? A GLN 131 OE1 
513 1 Y 1 D GLN 154 ? NE2 ? A GLN 131 NE2 
514 1 Y 1 D THR 155 ? CB  ? A THR 132 CB  
515 1 Y 1 D THR 155 ? OG1 ? A THR 132 OG1 
516 1 Y 1 D THR 155 ? CG2 ? A THR 132 CG2 
517 1 Y 1 D LEU 156 ? CB  ? A LEU 133 CB  
518 1 Y 1 D LEU 156 ? CG  ? A LEU 133 CG  
519 1 Y 1 D LEU 156 ? CD1 ? A LEU 133 CD1 
520 1 Y 1 D LEU 156 ? CD2 ? A LEU 133 CD2 
521 1 Y 1 D LEU 159 ? CB  ? A LEU 136 CB  
522 1 Y 1 D LEU 159 ? CG  ? A LEU 136 CG  
523 1 Y 1 D LEU 159 ? CD1 ? A LEU 136 CD1 
524 1 Y 1 D LEU 159 ? CD2 ? A LEU 136 CD2 
525 1 Y 1 D THR 161 ? CB  ? A THR 138 CB  
526 1 Y 1 D THR 161 ? OG1 ? A THR 138 OG1 
527 1 Y 1 D THR 161 ? CG2 ? A THR 138 CG2 
528 1 Y 1 D SER 162 ? CB  ? A SER 139 CB  
529 1 Y 1 D SER 162 ? OG  ? A SER 139 OG  
530 1 Y 1 D SER 163 ? CB  ? A SER 140 CB  
531 1 Y 1 D SER 163 ? OG  ? A SER 140 OG  
532 1 Y 1 D ALA 164 ? CB  ? A ALA 141 CB  
533 1 Y 1 D THR 165 ? CB  ? A THR 142 CB  
534 1 Y 1 D THR 165 ? OG1 ? A THR 142 OG1 
535 1 Y 1 D THR 165 ? CG2 ? A THR 142 CG2 
536 1 Y 1 D SER 166 ? CB  ? A SER 143 CB  
537 1 Y 1 D SER 166 ? OG  ? A SER 143 OG  
538 1 Y 1 D ALA 167 ? CB  ? A ALA 144 CB  
539 1 Y 1 D PHE 168 ? CB  ? A PHE 145 CB  
540 1 Y 1 D PHE 168 ? CG  ? A PHE 145 CG  
541 1 Y 1 D PHE 168 ? CD1 ? A PHE 145 CD1 
542 1 Y 1 D PHE 168 ? CD2 ? A PHE 145 CD2 
543 1 Y 1 D PHE 168 ? CE1 ? A PHE 145 CE1 
544 1 Y 1 D PHE 168 ? CE2 ? A PHE 145 CE2 
545 1 Y 1 D PHE 168 ? CZ  ? A PHE 145 CZ  
546 1 Y 1 D GLU 169 ? CB  ? A GLU 146 CB  
547 1 Y 1 D GLU 169 ? CG  ? A GLU 146 CG  
548 1 Y 1 D GLU 169 ? CD  ? A GLU 146 CD  
549 1 Y 1 D GLU 169 ? OE1 ? A GLU 146 OE1 
550 1 Y 1 D GLU 169 ? OE2 ? A GLU 146 OE2 
551 1 Y 1 D ARG 170 ? CB  ? A ARG 147 CB  
552 1 Y 1 D ARG 170 ? CG  ? A ARG 147 CG  
553 1 Y 1 D ARG 170 ? CD  ? A ARG 147 CD  
554 1 Y 1 D ARG 170 ? NE  ? A ARG 147 NE  
555 1 Y 1 D ARG 170 ? CZ  ? A ARG 147 CZ  
556 1 Y 1 D ARG 170 ? NH1 ? A ARG 147 NH1 
557 1 Y 1 D ARG 170 ? NH2 ? A ARG 147 NH2 
558 1 Y 1 D MET 171 ? CB  ? A MET 148 CB  
559 1 Y 1 D MET 171 ? CG  ? A MET 148 CG  
560 1 Y 1 D MET 171 ? SD  ? A MET 148 SD  
561 1 Y 1 D MET 171 ? CE  ? A MET 148 CE  
562 1 Y 1 D GLU 172 ? CB  ? A GLU 149 CB  
563 1 Y 1 D GLU 172 ? CG  ? A GLU 149 CG  
564 1 Y 1 D GLU 172 ? CD  ? A GLU 149 CD  
565 1 Y 1 D GLU 172 ? OE1 ? A GLU 149 OE1 
566 1 Y 1 D GLU 172 ? OE2 ? A GLU 149 OE2 
567 1 Y 1 D ASN 173 ? CB  ? A ASN 150 CB  
568 1 Y 1 D ASN 173 ? CG  ? A ASN 150 CG  
569 1 Y 1 D ASN 173 ? OD1 ? A ASN 150 OD1 
570 1 Y 1 D ASN 173 ? ND2 ? A ASN 150 ND2 
571 1 Y 1 D LYS 174 ? CB  ? A LYS 151 CB  
572 1 Y 1 D LYS 174 ? CG  ? A LYS 151 CG  
573 1 Y 1 D LYS 174 ? CD  ? A LYS 151 CD  
574 1 Y 1 D LYS 174 ? CE  ? A LYS 151 CE  
575 1 Y 1 D LYS 174 ? NZ  ? A LYS 151 NZ  
576 1 Y 1 D VAL 175 ? CB  ? A VAL 152 CB  
577 1 Y 1 D VAL 175 ? CG1 ? A VAL 152 CG1 
578 1 Y 1 D VAL 175 ? CG2 ? A VAL 152 CG2 
579 1 Y 1 D LEU 176 ? CB  ? A LEU 153 CB  
580 1 Y 1 D LEU 176 ? CG  ? A LEU 153 CG  
581 1 Y 1 D LEU 176 ? CD1 ? A LEU 153 CD1 
582 1 Y 1 D LEU 176 ? CD2 ? A LEU 153 CD2 
583 1 Y 1 D ASP 177 ? CB  ? A ASP 154 CB  
584 1 Y 1 D ASP 177 ? CG  ? A ASP 154 CG  
585 1 Y 1 D ASP 177 ? OD1 ? A ASP 154 OD1 
586 1 Y 1 D ASP 177 ? OD2 ? A ASP 154 OD2 
587 1 Y 1 D MET 178 ? CB  ? A MET 155 CB  
588 1 Y 1 D MET 178 ? CG  ? A MET 155 CG  
589 1 Y 1 D MET 178 ? SD  ? A MET 155 SD  
590 1 Y 1 D MET 178 ? CE  ? A MET 155 CE  
591 1 Y 1 D GLU 179 ? CB  ? A GLU 156 CB  
592 1 Y 1 D GLU 179 ? CG  ? A GLU 156 CG  
593 1 Y 1 D GLU 179 ? CD  ? A GLU 156 CD  
594 1 Y 1 D GLU 179 ? OE1 ? A GLU 156 OE1 
595 1 Y 1 D GLU 179 ? OE2 ? A GLU 156 OE2 
596 1 Y 1 D ALA 180 ? CB  ? A ALA 157 CB  
597 1 Y 1 D THR 181 ? CB  ? A THR 158 CB  
598 1 Y 1 D THR 181 ? OG1 ? A THR 158 OG1 
599 1 Y 1 D THR 181 ? CG2 ? A THR 158 CG2 
600 1 Y 1 D SER 182 ? CB  ? A SER 159 CB  
601 1 Y 1 D SER 182 ? OG  ? A SER 159 OG  
602 1 Y 1 D GLN 183 ? CB  ? A GLN 160 CB  
603 1 Y 1 D GLN 183 ? CG  ? A GLN 160 CG  
604 1 Y 1 D GLN 183 ? CD  ? A GLN 160 CD  
605 1 Y 1 D GLN 183 ? OE1 ? A GLN 160 OE1 
606 1 Y 1 D GLN 183 ? NE2 ? A GLN 160 NE2 
607 1 Y 1 D ALA 184 ? CB  ? A ALA 161 CB  
608 1 Y 1 D ALA 185 ? CB  ? A ALA 162 CB  
609 1 Y 1 D GLU 187 ? CB  ? A GLU 164 CB  
610 1 Y 1 D GLU 187 ? CG  ? A GLU 164 CG  
611 1 Y 1 D GLU 187 ? CD  ? A GLU 164 CD  
612 1 Y 1 D GLU 187 ? OE1 ? A GLU 164 OE1 
613 1 Y 1 D GLU 187 ? OE2 ? A GLU 164 OE2 
614 1 Y 1 D LEU 188 ? CB  ? A LEU 165 CB  
615 1 Y 1 D LEU 188 ? CG  ? A LEU 165 CG  
616 1 Y 1 D LEU 188 ? CD1 ? A LEU 165 CD1 
617 1 Y 1 D LEU 188 ? CD2 ? A LEU 165 CD2 
618 1 Y 1 D ALA 189 ? CB  ? A ALA 166 CB  
619 1 Y 1 D PHE 191 ? CB  ? A PHE 168 CB  
620 1 Y 1 D PHE 191 ? CG  ? A PHE 168 CG  
621 1 Y 1 D PHE 191 ? CD1 ? A PHE 168 CD1 
622 1 Y 1 D PHE 191 ? CD2 ? A PHE 168 CD2 
623 1 Y 1 D PHE 191 ? CE1 ? A PHE 168 CE1 
624 1 Y 1 D PHE 191 ? CE2 ? A PHE 168 CE2 
625 1 Y 1 D PHE 191 ? CZ  ? A PHE 168 CZ  
626 1 Y 1 D ILE 193 ? CB  ? A ILE 170 CB  
627 1 Y 1 D ILE 193 ? CG1 ? A ILE 170 CG1 
628 1 Y 1 D ILE 193 ? CG2 ? A ILE 170 CG2 
629 1 Y 1 D ILE 193 ? CD1 ? A ILE 170 CD1 
630 1 Y 1 D GLU 194 ? CB  ? A GLU 171 CB  
631 1 Y 1 D GLU 194 ? CG  ? A GLU 171 CG  
632 1 Y 1 D GLU 194 ? CD  ? A GLU 171 CD  
633 1 Y 1 D GLU 194 ? OE1 ? A GLU 171 OE1 
634 1 Y 1 D GLU 194 ? OE2 ? A GLU 171 OE2 
635 1 Y 1 D ASN 195 ? CB  ? A ASN 172 CB  
636 1 Y 1 D ASN 195 ? CG  ? A ASN 172 CG  
637 1 Y 1 D ASN 195 ? OD1 ? A ASN 172 OD1 
638 1 Y 1 D ASN 195 ? ND2 ? A ASN 172 ND2 
639 1 Y 1 D GLN 196 ? CB  ? A GLN 173 CB  
640 1 Y 1 D GLN 196 ? CG  ? A GLN 173 CG  
641 1 Y 1 D GLN 196 ? CD  ? A GLN 173 CD  
642 1 Y 1 D GLN 196 ? OE1 ? A GLN 173 OE1 
643 1 Y 1 D GLN 196 ? NE2 ? A GLN 173 NE2 
644 1 Y 1 D PHE 197 ? CB  ? A PHE 174 CB  
645 1 Y 1 D PHE 197 ? CG  ? A PHE 174 CG  
646 1 Y 1 D PHE 197 ? CD1 ? A PHE 174 CD1 
647 1 Y 1 D PHE 197 ? CD2 ? A PHE 174 CD2 
648 1 Y 1 D PHE 197 ? CE1 ? A PHE 174 CE1 
649 1 Y 1 D PHE 197 ? CE2 ? A PHE 174 CE2 
650 1 Y 1 D PHE 197 ? CZ  ? A PHE 174 CZ  
651 1 Y 1 D ALA 198 ? CB  ? A ALA 175 CB  
652 1 Y 1 D GLN 199 ? CB  ? A GLN 176 CB  
653 1 Y 1 D GLN 199 ? CG  ? A GLN 176 CG  
654 1 Y 1 D GLN 199 ? CD  ? A GLN 176 CD  
655 1 Y 1 D GLN 199 ? OE1 ? A GLN 176 OE1 
656 1 Y 1 D GLN 199 ? NE2 ? A GLN 176 NE2 
657 1 Y 1 D LEU 200 ? CB  ? A LEU 177 CB  
658 1 Y 1 D LEU 200 ? CG  ? A LEU 177 CG  
659 1 Y 1 D LEU 200 ? CD1 ? A LEU 177 CD1 
660 1 Y 1 D LEU 200 ? CD2 ? A LEU 177 CD2 
661 1 Y 1 D GLU 201 ? CB  ? A GLU 178 CB  
662 1 Y 1 D GLU 201 ? CG  ? A GLU 178 CG  
663 1 Y 1 D GLU 201 ? CD  ? A GLU 178 CD  
664 1 Y 1 D GLU 201 ? OE1 ? A GLU 178 OE1 
665 1 Y 1 D GLU 201 ? OE2 ? A GLU 178 OE2 
666 1 Y 1 D ALA 202 ? CB  ? A ALA 179 CB  
667 1 Y 1 D SER 203 ? CB  ? A SER 180 CB  
668 1 Y 1 D SER 203 ? OG  ? A SER 180 OG  
669 1 Y 1 D SER 204 ? CB  ? A SER 181 CB  
670 1 Y 1 D SER 204 ? OG  ? A SER 181 OG  
671 1 Y 1 D VAL 206 ? CB  ? A VAL 183 CB  
672 1 Y 1 D VAL 206 ? CG1 ? A VAL 183 CG1 
673 1 Y 1 D VAL 206 ? CG2 ? A VAL 183 CG2 
674 1 Y 1 D GLU 207 ? CB  ? A GLU 184 CB  
675 1 Y 1 D GLU 207 ? CG  ? A GLU 184 CG  
676 1 Y 1 D GLU 207 ? CD  ? A GLU 184 CD  
677 1 Y 1 D GLU 207 ? OE1 ? A GLU 184 OE1 
678 1 Y 1 D GLU 207 ? OE2 ? A GLU 184 OE2 
679 1 Y 1 D ASP 208 ? CB  ? A ASP 185 CB  
680 1 Y 1 D ASP 208 ? CG  ? A ASP 185 CG  
681 1 Y 1 D ASP 208 ? OD1 ? A ASP 185 OD1 
682 1 Y 1 D ASP 208 ? OD2 ? A ASP 185 OD2 
683 1 Y 1 D GLU 209 ? CB  ? A GLU 186 CB  
684 1 Y 1 D GLU 209 ? CG  ? A GLU 186 CG  
685 1 Y 1 D GLU 209 ? CD  ? A GLU 186 CD  
686 1 Y 1 D GLU 209 ? OE1 ? A GLU 186 OE1 
687 1 Y 1 D GLU 209 ? OE2 ? A GLU 186 OE2 
688 1 Y 1 D LEU 210 ? CB  ? A LEU 187 CB  
689 1 Y 1 D LEU 210 ? CG  ? A LEU 187 CG  
690 1 Y 1 D LEU 210 ? CD1 ? A LEU 187 CD1 
691 1 Y 1 D LEU 210 ? CD2 ? A LEU 187 CD2 
692 1 Y 1 D ALA 211 ? CB  ? A ALA 188 CB  
693 1 Y 1 D ALA 212 ? CB  ? A ALA 189 CB  
694 1 Y 1 D LEU 213 ? CB  ? A LEU 190 CB  
695 1 Y 1 D LEU 213 ? CG  ? A LEU 190 CG  
696 1 Y 1 D LEU 213 ? CD1 ? A LEU 190 CD1 
697 1 Y 1 D LEU 213 ? CD2 ? A LEU 190 CD2 
698 1 Y 1 D LYS 214 ? CB  ? A LYS 191 CB  
699 1 Y 1 D LYS 214 ? CG  ? A LYS 191 CG  
700 1 Y 1 D LYS 214 ? CD  ? A LYS 191 CD  
701 1 Y 1 D LYS 214 ? CE  ? A LYS 191 CE  
702 1 Y 1 D LYS 214 ? NZ  ? A LYS 191 NZ  
703 1 Y 1 D ALA 215 ? CB  ? A ALA 192 CB  
# 
_exptl.absorpt_coefficient_mu     ? 
_exptl.absorpt_correction_T_max   ? 
_exptl.absorpt_correction_T_min   ? 
_exptl.absorpt_correction_type    ? 
_exptl.absorpt_process_details    ? 
_exptl.entry_id                   8QHZ 
_exptl.crystals_number            ? 
_exptl.details                    ? 
_exptl.method                     'ELECTRON MICROSCOPY' 
_exptl.method_details             ? 
# 
_struct.entry_id                     8QHZ 
_struct.title                        '320A Vipp1 H1-6 helical tubes' 
_struct.pdbx_model_details           ? 
_struct.pdbx_formula_weight          ? 
_struct.pdbx_formula_weight_method   ? 
_struct.pdbx_model_type_details      ? 
_struct.pdbx_CASP_flag               N 
# 
_struct_keywords.entry_id        8QHZ 
_struct_keywords.text            'membrane remodeling, membrane tubulation, LIPID BINDING PROTEIN' 
_struct_keywords.pdbx_keywords   'LIPID BINDING PROTEIN' 
# 
_struct_asym.id                            A 
_struct_asym.pdbx_blank_PDB_chainid_flag   N 
_struct_asym.pdbx_modified                 N 
_struct_asym.entity_id                     1 
_struct_asym.details                       ? 
# 
_struct_ref.id                         1 
_struct_ref.db_name                    UNP 
_struct_ref.db_code                    VIPP1_SYNY3 
_struct_ref.pdbx_db_accession          Q55707 
_struct_ref.pdbx_db_isoform            ? 
_struct_ref.entity_id                  1 
_struct_ref.pdbx_seq_one_letter_code   
;DPEKVLEQAVIDMQEDLVQLRQAVARTIAEEKRTEQRLNQDTQEAKKWEDRAKLALTNGEENLAREALARKKSLTDTAAA
YQTQLAQQRTMSENLRRNLAALEAKISEAKTKKNMLQARAKAAKANAELQQTLGGLGTSSATSAFERMENKVLDMEATSQ
AAGELAGFGIENQFAQLEASSGVEDELAALKA
;
_struct_ref.pdbx_align_begin           24 
# 
_struct_ref_seq.align_id                      1 
_struct_ref_seq.ref_id                        1 
_struct_ref_seq.pdbx_PDB_id_code              8QHZ 
_struct_ref_seq.pdbx_strand_id                D 
_struct_ref_seq.seq_align_beg                 1 
_struct_ref_seq.pdbx_seq_align_beg_ins_code   ? 
_struct_ref_seq.seq_align_end                 192 
_struct_ref_seq.pdbx_seq_align_end_ins_code   ? 
_struct_ref_seq.pdbx_db_accession             Q55707 
_struct_ref_seq.db_align_beg                  24 
_struct_ref_seq.pdbx_db_align_beg_ins_code    ? 
_struct_ref_seq.db_align_end                  215 
_struct_ref_seq.pdbx_db_align_end_ins_code    ? 
_struct_ref_seq.pdbx_auth_seq_align_beg       24 
_struct_ref_seq.pdbx_auth_seq_align_end       215 
# 
_pdbx_struct_assembly.id                   1 
_pdbx_struct_assembly.details              author_and_software_defined_assembly 
_pdbx_struct_assembly.method_details       'UCSF CHIMERA 1.15_b42258.' 
_pdbx_struct_assembly.oligomeric_details   60-meric 
_pdbx_struct_assembly.oligomeric_count     60 
# 
_pdbx_struct_assembly_gen.assembly_id       1 
_pdbx_struct_assembly_gen.oper_expression   
;1,2,3,4,5,6,7,8,9,10,11,12,13,14,15,16,17,18,19,20,21,22,23,24,25,26,27,28,29,30,31,32,33,34,35,36,37,38,39,40,41,42,43,44,45,46,47,48,49,50,51,52,53,54,55,56,57,58,59,60
;
_pdbx_struct_assembly_gen.asym_id_list      A 
# 
_pdbx_struct_assembly_auth_evidence.id                     1 
_pdbx_struct_assembly_auth_evidence.assembly_id            1 
_pdbx_struct_assembly_auth_evidence.experimental_support   'electron microscopy' 
_pdbx_struct_assembly_auth_evidence.details                'not applicable' 
# 
loop_
_pdbx_struct_oper_list.id 
_pdbx_struct_oper_list.type 
_pdbx_struct_oper_list.name 
_pdbx_struct_oper_list.symmetry_operation 
_pdbx_struct_oper_list.matrix[1][1] 
_pdbx_struct_oper_list.matrix[1][2] 
_pdbx_struct_oper_list.matrix[1][3] 
_pdbx_struct_oper_list.vector[1] 
_pdbx_struct_oper_list.matrix[2][1] 
_pdbx_struct_oper_list.matrix[2][2] 
_pdbx_struct_oper_list.matrix[2][3] 
_pdbx_struct_oper_list.vector[2] 
_pdbx_struct_oper_list.matrix[3][1] 
_pdbx_struct_oper_list.matrix[3][2] 
_pdbx_struct_oper_list.matrix[3][3] 
_pdbx_struct_oper_list.vector[3] 
1  'identity operation'       1_555 x,y,z 1.000000    0.000000    0.000000    0.00000    0.000000    1.000000   0.000000    0.00000   0.000000    0.000000    1.000000    0.00000   
2  'point symmetry operation' ?     ?     -0.61816495 -0.61169517 0.49366211  -170.88927 -0.41617901 0.78747539 0.45461785  -60.21487 -0.66683427 0.07557704  -0.74136443 137.54559 
3  'point symmetry operation' ?     ?     0.72269118  -0.20193981 0.66101255  -93.31529  0.02578972  0.96357894 0.26617741  -11.25874 -0.69068950 -0.17531698 0.70157787  -15.02666 
4  'point symmetry operation' ?     ?     0.68000070  0.01896788  -0.73296670 49.75088   -0.22223536 0.95797230 -0.18138553 16.14127  0.69872145  0.28623263  0.65563700  87.31641  
5  'point symmetry operation' ?     ?     -0.65229092 -0.43510810 -0.62064382 -55.20588  -0.61444324 0.78299408 0.09684896  -42.35602 0.44382083  0.44452374  -0.77808916 218.67394 
6  'point symmetry operation' ?     ?     -0.34230216 -0.56491348 0.75080062  -175.89363 -0.28772916 0.82370687 0.48858866  -62.06412 -0.89444996 -0.04878220 -0.44449871 89.29529  
7  'point symmetry operation' ?     ?     0.92779522  -0.08479491 0.36332549  -45.40258  0.03892977  0.99051688 0.13176007  -3.65726  -0.37105263 -0.10810212 0.92229789  -16.78695 
8  'point symmetry operation' ?     ?     0.36298827  -0.05131542 -0.93037928 50.42570   -0.35332125 0.91633686 -0.18838923 0.28876   0.86220794  0.39710663  0.31448887  133.19357 
9  'point symmetry operation' ?     ?     -0.79379339 -0.53815054 -0.28334814 -97.97051  -0.60128349 0.76441031 0.23266998  -62.95438 0.09138273  0.35506437  -0.93036492 208.50347 
10 'point symmetry operation' ?     ?     0.00309781  -0.47395562 0.88054367  -162.70507 -0.15928383 0.86907143 0.46834127  -58.25576 -0.98722837 -0.14170713 -0.07280124 42.73287  
11 'point symmetry operation' ?     ?     0.00310079  -0.15928505 -0.98722793 33.41177   -0.47395646 0.86907056 -0.14170960 -20.43042 0.88054293  0.46834261  -0.07279935 173.66274 
12 'point symmetry operation' ?     ?     -0.71980193 -0.61572844 0.32056721  -189.39729 -0.47670552 0.77412775 0.41650665  29.55262  -0.50461488 0.14698612  -0.85073981 175.55690 
13 'point symmetry operation' ?     ?     0.57187008  -0.27032318 0.77452581  -145.19638 -0.00162789 0.94377144 0.33059405  70.14109  -0.82034259 -0.19031777 0.53927448  7.95081   
14 'point symmetry operation' ?     ?     0.81189731  0.03672227  -0.58264473 13.94017   -0.15620781 0.97529496 -0.15620064 108.21673 0.56251437  0.21783261  0.79757573  78.08267  
15 'point symmetry operation' ?     ?     -0.52793208 -0.37028618 -0.76431410 -60.86691  -0.60027228 0.79932678 0.02737593  55.94527  0.60079979  0.47324955  -0.64426270 230.93628 
16 'point symmetry operation' ?     ?     -0.49914916 -0.59567443 0.62930284  -203.67442 -0.35659983 0.80310649 0.47734290  24.31179  -0.78973828 0.01385636  -0.61328734 129.45664 
17 'point symmetry operation' ?     ?     0.83490524  -0.14344642 0.53137277  -98.89486  0.03857672  0.97831705 0.20348876  78.88575  -0.54904074 -0.14939532 0.82233571  -3.71855  
18 'point symmetry operation' ?     ?     0.53847080  -0.00878628 -0.84259805 24.21212   -0.28438031 0.93938473 -0.19153159 95.52495  0.79320667  0.34275207  0.50333247  123.79790 
19 'point symmetry operation' ?     ?     -0.73611018 -0.48803115 -0.46900711 -103.94538 -0.61476197 0.77198588 0.16157304  33.56880  0.28321417  0.40726315  -0.86828970 230.70858 
20 'point symmetry operation' ?     ?     -0.18395721 -0.52653972 0.83000971  -200.01896 -0.22552075 0.84450332 0.48575157  25.31532  -0.95671343 -0.09782698 -0.27409812 81.06093  
21 'point symmetry operation' ?     ?     0.97984572  -0.03956994 0.19579804  -51.26573  0.02676776  0.99735301 0.06760547  84.88310  -0.19795490 -0.06100190 0.97831127  3.49291   
22 'point symmetry operation' ?     ?     0.19420086  -0.09876347 -0.97597746 16.28411   -0.41308952 0.89416895 -0.17268188 77.14158  0.88974345  0.43670078  0.13285018  168.02151 
23 'point symmetry operation' ?     ?     -0.81197883 -0.57385592 -0.10667237 -144.70095 -0.57712962 0.76202088 0.29367578  15.08201  -0.08724106 0.30002243  -0.94993405 211.89889 
24 'point symmetry operation' ?     ?     0.17553612  -0.41934512 0.89069467  -178.63124 -0.10436092 0.89171837 0.44039439  31.23102  -0.97892598 -0.17025895 0.11276552  37.88570  
25 'point symmetry operation' ?     ?     0.98359028  0.02474872  -0.17871152 -9.51813   -0.03517233 0.99784481 -0.05539658 86.00582  0.17695539  0.06077324  0.98234092  28.23933  
26 'point symmetry operation' ?     ?     -0.16604441 -0.21885951 -0.96152464 -8.19532   -0.52182259 0.84685593 -0.10264605 54.82296  0.83673789  0.48470149  -0.25482152 203.50646 
27 'point symmetry operation' ?     ?     -0.74344831 -0.61407852 0.26493753  -176.25350 -0.49337487 0.77102277 0.40262301  2.26034   -0.45151500 0.16861577  -0.87618646 177.30736 
28 'point symmetry operation' ?     ?     0.52203147  -0.29117803 0.80168478  -142.53742 -0.01243197 0.93722533 0.34850268  39.94377  -0.85283561 -0.19189588 0.48564120  6.61486   
29 'point symmetry operation' ?     ?     0.84554214  0.03925714  -0.53246422 20.07668   -0.13737118 0.97971375 -0.14591059 80.90232  0.51593443  0.19651880  0.83378212  66.37916  
30 'point symmetry operation' ?     ?     -0.48484325 -0.34993947 -0.80154235 -44.94349  -0.59324757 0.80498606 0.00740532  30.95686  0.64263913  0.47910300  -0.59789281 224.39934 
31 'point symmetry operation' ?     ?     -0.54143980 -0.60228953 0.58659199  -193.19157 -0.37684619 0.79755350 0.47105799  -4.02511  -0.75155171 0.03399432  -0.65879770 132.25062 
32 'point symmetry operation' ?     ?     0.80029974  -0.16246399 0.57716994  -97.10747  0.03561353  0.97377257 0.22471894  48.89436  -0.59854083 -0.15928784 0.78509569  -7.96319  
33 'point symmetry operation' ?     ?     0.58770384  0.00164204  -0.80907410 33.18459   -0.26353931 0.94584973 -0.18951203 69.21514  0.76495119  0.32460020  0.55631243  111.63543 
34 'point symmetry operation' ?     ?     -0.71138323 -0.47110605 -0.52153013 -87.71922  -0.61598026 0.77523309 0.13993594  8.17366   0.33838278  0.42080024  -0.84167986 227.17264 
35 'point symmetry operation' ?     ?     -0.23815073 -0.54036682 0.80702389  -192.43366 -0.24611689 0.83738623 0.48806829  -3.94466  -0.93952678 -0.08238800 -0.33241749 83.71291  
36 'point symmetry operation' ?     ?     0.96599157  -0.05371976 0.25293250  -49.20049  0.03211828  0.99553377 0.08877738  55.48337  -0.25657183 -0.07763445 0.96340266  -3.72369  
37 'point symmetry operation' ?     ?     0.25117254  -0.08209582 -0.96445402 28.09840   -0.39356725 0.90165172 -0.17924725 51.63426  0.88431711  0.42459938  0.19415974  156.59699 
38 'point symmetry operation' ?     ?     -0.80955534 -0.56304914 -0.16611754 -129.32305 -0.58639705 0.76234053 0.27381645  -11.06519 -0.02753406 0.31908051  -0.94732719 211.18712 
39 'point symmetry operation' ?     ?     0.11807672  -0.43818038 0.89109768  -173.71645 -0.12202440 0.88417186 0.45094355  1.31867   -0.98547813 -0.16198149 0.05093143  39.23215  
40 'point symmetry operation' ?     ?     0.99269481  0.01772091  -0.11934659 -6.06796   -0.02236123 0.99904056 -0.03765752 57.48926  0.11856481  0.04005107  0.99213863  18.45980  
41 'point symmetry operation' ?     ?     -0.11041188 -0.19861627 -0.97383860 6.01153    -0.50672953 0.85416221 -0.11675627 29.79134  0.85500581  0.48058180  -0.19495433 193.90068 
42 'point symmetry operation' ?     ?     -0.76371371 -0.61111336 0.20804328  -162.73928 -0.50921376 0.76836053 0.38771546  -24.86685 -0.39679027 0.19016505  -0.89799482 178.79384 
43 'point symmetry operation' ?     ?     0.47046478  -0.31201840 0.82541338  -139.64125 -0.02434723 0.93045275 0.36560206  9.75302   -0.88208272 -0.19209940 0.43014847  5.70190   
44 'point symmetry operation' ?     ?     0.87615363  0.04047199  -0.48032978 25.79586   -0.11914133 0.98373415 -0.13443450 53.42130  0.46707594  0.17501283  0.86672422  54.85538  
45 'point symmetry operation' ?     ?     -0.43941870 -0.32934213 -0.83573027 -29.17205  -0.58498981 0.81095193 -0.01199575 5.99558   0.68168779  0.48362252  -0.54900924 217.40392 
46 'point symmetry operation' ?     ?     -0.58116490 -0.60763701 0.54131830  -182.26055 -0.39673246 0.79233632 0.46347196  -32.20153 -0.71052898 0.05459542  -0.70154742 134.95718 
47 'point symmetry operation' ?     ?     0.76284633  -0.18198797 0.62044037  -95.25697  0.03134579  0.96885309 0.24564442  18.84288  -0.64581988 -0.16794082 0.74479057  -11.73136 
48 'point symmetry operation' ?     ?     0.63494373  0.01090854  -0.77248099 41.69708   -0.24279662 0.95205468 -0.18612377 42.75486  0.73341386  0.30573384  0.60714960  99.46453  
49 'point symmetry operation' ?     ?     -0.68340525 -0.45344180 -0.57214323 -71.46271  -0.61587364 0.77890764 0.11833130  -17.13124 0.39199046  0.43323603  -0.81157239 223.16193 
50 'point symmetry operation' ?     ?     -0.29100365 -0.55317637 0.78058529  -184.39260 -0.26688098 0.83044423 0.48901637  -33.07325 -0.91874482 -0.06601792 -0.38929457 86.46799  
51 'point symmetry operation' ?     ?     0.94861814  -0.06881604 0.30885022  -47.25499  0.03617781  0.99325169 0.11019110  25.96732  -0.31434896 -0.09335579 0.94470617  -10.48680 
52 'point symmetry operation' ?     ?     0.30751212  -0.06625828 -0.94923480 39.48150   -0.37361737 0.90905099 -0.18448983 26.01935  0.87512688  0.41138314  0.25478889  144.97825 
53 'point symmetry operation' ?     ?     -0.80348500 -0.55113117 -0.22508972 -113.73676 -0.59445905 0.76313711 0.25345642  -37.07577 0.03208652  0.33745518  -0.94079411 210.06042 
54 'point symmetry operation' ?     ?     0.06052037  -0.45640867 0.88771006  -168.41260 -0.14035643 0.87661261 0.46027219  -28.51346 -0.98825002 -0.15245174 -0.01100698 40.85667  
55 'point symmetry operation' ?     ?     0.99817166  0.00946024  -0.05969609 -2.90283   -0.01062162 0.99975987 -0.01916433 28.81921  0.05950043  0.01976339  0.99803246  9.04009   
56 'point symmetry operation' ?     ?     -0.05395481 -0.17872998 -0.98241727 19.88747   -0.49075277 0.86157722 -0.12979306 4.71016   0.86962619  0.47512132  -0.13419842 183.94636 
57 'point symmetry operation' ?     ?     -0.78051840 -0.60684219 0.15011198  -148.87348 -0.52415940 0.76615278 0.37184270  -51.83055 -0.34065860 0.21154748  -0.91607838 179.98978 
58 'point symmetry operation' ?     ?     0.41737840  -0.33275998 0.84561545  -136.48485 -0.03732562 0.92348106 0.38182406  -20.42149 -0.90796549 -0.19092846 0.37302053  5.19608   
59 'point symmetry operation' ?     ?     0.90360828  0.04036345  -0.42645330 31.11139   -0.10159236 0.98734026 -0.12181295 25.77266  0.41613773  0.15339578  0.89626947  43.53962  
60 'point symmetry operation' ?     ?     -0.39184145 -0.30857693 -0.86674122 -13.58058  -0.57553252 0.81720053 -0.03074945 -18.94849 0.71778986  0.48678933  -0.49780908 209.95920  
# 
loop_
_struct_conf.conf_type_id 
_struct_conf.id 
_struct_conf.pdbx_PDB_helix_id 
_struct_conf.beg_label_comp_id 
_struct_conf.beg_label_asym_id 
_struct_conf.beg_label_seq_id 
_struct_conf.pdbx_beg_PDB_ins_code 
_struct_conf.end_label_comp_id 
_struct_conf.end_label_asym_id 
_struct_conf.end_label_seq_id 
_struct_conf.pdbx_end_PDB_ins_code 
_struct_conf.beg_auth_comp_id 
_struct_conf.beg_auth_asym_id 
_struct_conf.beg_auth_seq_id 
_struct_conf.end_auth_comp_id 
_struct_conf.end_auth_asym_id 
_struct_conf.end_auth_seq_id 
_struct_conf.pdbx_PDB_helix_class 
_struct_conf.details 
_struct_conf.pdbx_PDB_helix_length 
HELX_P HELX_P1 AA1 ASP A 1   ? ASN A 58  ? ASP D 24  ASN D 81  1 ? 58 
HELX_P HELX_P2 AA2 GLU A 60  ? GLY A 135 ? GLU D 83  GLY D 158 1 ? 76 
HELX_P HELX_P3 AA3 SER A 140 ? GLY A 167 ? SER D 163 GLY D 190 1 ? 28 
HELX_P HELX_P4 AA4 ILE A 170 ? GLN A 173 ? ILE D 193 GLN D 196 5 ? 4  
HELX_P HELX_P5 AA5 PHE A 174 ? ALA A 192 ? PHE D 197 ALA D 215 1 ? 19 
# 
_struct_conf_type.id          HELX_P 
_struct_conf_type.criteria    ? 
_struct_conf_type.reference   ? 
# 
_pdbx_entry_details.entry_id                   8QHZ 
_pdbx_entry_details.compound_details           ? 
_pdbx_entry_details.source_details             ? 
_pdbx_entry_details.nonpolymer_details         ? 
_pdbx_entry_details.sequence_details           ? 
_pdbx_entry_details.has_ligand_of_interest     ? 
_pdbx_entry_details.has_protein_modification   N 
# 
_pdbx_validate_torsion.id              1 
_pdbx_validate_torsion.PDB_model_num   1 
_pdbx_validate_torsion.auth_comp_id    THR 
_pdbx_validate_torsion.auth_asym_id    D 
_pdbx_validate_torsion.auth_seq_id     161 
_pdbx_validate_torsion.PDB_ins_code    ? 
_pdbx_validate_torsion.label_alt_id    ? 
_pdbx_validate_torsion.phi             -77.44 
_pdbx_validate_torsion.psi             49.25 
# 
_em_3d_fitting.id                1 
_em_3d_fitting.entry_id          8QHZ 
_em_3d_fitting.method            ? 
_em_3d_fitting.target_criteria   ? 
_em_3d_fitting.details           ? 
_em_3d_fitting.overall_b_value   ? 
_em_3d_fitting.ref_space         ? 
_em_3d_fitting.ref_protocol      ? 
# 
_em_3d_reconstruction.entry_id                    8QHZ 
_em_3d_reconstruction.id                          1 
_em_3d_reconstruction.method                      ? 
_em_3d_reconstruction.algorithm                   ? 
_em_3d_reconstruction.citation_id                 ? 
_em_3d_reconstruction.details                     ? 
_em_3d_reconstruction.resolution                  6.3 
_em_3d_reconstruction.resolution_method           'FSC 0.143 CUT-OFF' 
_em_3d_reconstruction.magnification_calibration   ? 
_em_3d_reconstruction.nominal_pixel_size          ? 
_em_3d_reconstruction.actual_pixel_size           ? 
_em_3d_reconstruction.num_particles               77480 
_em_3d_reconstruction.euler_angles_details        ? 
_em_3d_reconstruction.num_class_averages          ? 
_em_3d_reconstruction.refinement_type             ? 
_em_3d_reconstruction.image_processing_id         1 
_em_3d_reconstruction.symmetry_type               HELICAL 
# 
_em_buffer.id            1 
_em_buffer.specimen_id   1 
_em_buffer.name          ? 
_em_buffer.details       ? 
_em_buffer.pH            8 
# 
_em_entity_assembly.id                   1 
_em_entity_assembly.parent_id            0 
_em_entity_assembly.source               RECOMBINANT 
_em_entity_assembly.type                 COMPLEX 
_em_entity_assembly.name                 'Vipp1 H1-6' 
_em_entity_assembly.details              ? 
_em_entity_assembly.synonym              ? 
_em_entity_assembly.oligomeric_details   ? 
_em_entity_assembly.entity_id_list       1 
# 
_em_imaging.entry_id                        8QHZ 
_em_imaging.id                              1 
_em_imaging.astigmatism                     ? 
_em_imaging.electron_beam_tilt_params       ? 
_em_imaging.residual_tilt                   ? 
_em_imaging.microscope_model                'FEI TITAN KRIOS' 
_em_imaging.specimen_holder_type            ? 
_em_imaging.specimen_holder_model           ? 
_em_imaging.details                         ? 
_em_imaging.date                            ? 
_em_imaging.accelerating_voltage            300 
_em_imaging.illumination_mode               'FLOOD BEAM' 
_em_imaging.mode                            'BRIGHT FIELD' 
_em_imaging.nominal_cs                      ? 
_em_imaging.nominal_defocus_min             1000 
_em_imaging.nominal_defocus_max             2000 
_em_imaging.calibrated_defocus_min          ? 
_em_imaging.calibrated_defocus_max          ? 
_em_imaging.tilt_angle_min                  ? 
_em_imaging.tilt_angle_max                  ? 
_em_imaging.nominal_magnification           ? 
_em_imaging.calibrated_magnification        ? 
_em_imaging.electron_source                 'FIELD EMISSION GUN' 
_em_imaging.citation_id                     ? 
_em_imaging.temperature                     ? 
_em_imaging.detector_distance               ? 
_em_imaging.recording_temperature_minimum   ? 
_em_imaging.recording_temperature_maximum   ? 
_em_imaging.alignment_procedure             ? 
_em_imaging.c2_aperture_diameter            ? 
_em_imaging.specimen_id                     1 
_em_imaging.cryogen                         ? 
# 
_em_vitrification.entry_id              8QHZ 
_em_vitrification.id                    1 
_em_vitrification.specimen_id           1 
_em_vitrification.cryogen_name          ETHANE 
_em_vitrification.humidity              ? 
_em_vitrification.temp                  ? 
_em_vitrification.chamber_temperature   ? 
_em_vitrification.instrument            ? 
_em_vitrification.method                ? 
_em_vitrification.time_resolved_state   ? 
_em_vitrification.citation_id           ? 
_em_vitrification.details               ? 
# 
_em_experiment.entry_id                8QHZ 
_em_experiment.id                      1 
_em_experiment.reconstruction_method   HELICAL 
_em_experiment.aggregation_state       'HELICAL ARRAY' 
_em_experiment.entity_assembly_id      1 
# 
loop_
_chem_comp_atom.comp_id 
_chem_comp_atom.atom_id 
_chem_comp_atom.type_symbol 
_chem_comp_atom.pdbx_aromatic_flag 
_chem_comp_atom.pdbx_stereo_config 
_chem_comp_atom.pdbx_ordinal 
ALA N    N N N 1   
ALA CA   C N S 2   
ALA C    C N N 3   
ALA O    O N N 4   
ALA CB   C N N 5   
ALA OXT  O N N 6   
ALA H    H N N 7   
ALA H2   H N N 8   
ALA HA   H N N 9   
ALA HB1  H N N 10  
ALA HB2  H N N 11  
ALA HB3  H N N 12  
ALA HXT  H N N 13  
ARG N    N N N 14  
ARG CA   C N S 15  
ARG C    C N N 16  
ARG O    O N N 17  
ARG CB   C N N 18  
ARG CG   C N N 19  
ARG CD   C N N 20  
ARG NE   N N N 21  
ARG CZ   C N N 22  
ARG NH1  N N N 23  
ARG NH2  N N N 24  
ARG OXT  O N N 25  
ARG H    H N N 26  
ARG H2   H N N 27  
ARG HA   H N N 28  
ARG HB2  H N N 29  
ARG HB3  H N N 30  
ARG HG2  H N N 31  
ARG HG3  H N N 32  
ARG HD2  H N N 33  
ARG HD3  H N N 34  
ARG HE   H N N 35  
ARG HH11 H N N 36  
ARG HH12 H N N 37  
ARG HH21 H N N 38  
ARG HH22 H N N 39  
ARG HXT  H N N 40  
ASN N    N N N 41  
ASN CA   C N S 42  
ASN C    C N N 43  
ASN O    O N N 44  
ASN CB   C N N 45  
ASN CG   C N N 46  
ASN OD1  O N N 47  
ASN ND2  N N N 48  
ASN OXT  O N N 49  
ASN H    H N N 50  
ASN H2   H N N 51  
ASN HA   H N N 52  
ASN HB2  H N N 53  
ASN HB3  H N N 54  
ASN HD21 H N N 55  
ASN HD22 H N N 56  
ASN HXT  H N N 57  
ASP N    N N N 58  
ASP CA   C N S 59  
ASP C    C N N 60  
ASP O    O N N 61  
ASP CB   C N N 62  
ASP CG   C N N 63  
ASP OD1  O N N 64  
ASP OD2  O N N 65  
ASP OXT  O N N 66  
ASP H    H N N 67  
ASP H2   H N N 68  
ASP HA   H N N 69  
ASP HB2  H N N 70  
ASP HB3  H N N 71  
ASP HD2  H N N 72  
ASP HXT  H N N 73  
GLN N    N N N 74  
GLN CA   C N S 75  
GLN C    C N N 76  
GLN O    O N N 77  
GLN CB   C N N 78  
GLN CG   C N N 79  
GLN CD   C N N 80  
GLN OE1  O N N 81  
GLN NE2  N N N 82  
GLN OXT  O N N 83  
GLN H    H N N 84  
GLN H2   H N N 85  
GLN HA   H N N 86  
GLN HB2  H N N 87  
GLN HB3  H N N 88  
GLN HG2  H N N 89  
GLN HG3  H N N 90  
GLN HE21 H N N 91  
GLN HE22 H N N 92  
GLN HXT  H N N 93  
GLU N    N N N 94  
GLU CA   C N S 95  
GLU C    C N N 96  
GLU O    O N N 97  
GLU CB   C N N 98  
GLU CG   C N N 99  
GLU CD   C N N 100 
GLU OE1  O N N 101 
GLU OE2  O N N 102 
GLU OXT  O N N 103 
GLU H    H N N 104 
GLU H2   H N N 105 
GLU HA   H N N 106 
GLU HB2  H N N 107 
GLU HB3  H N N 108 
GLU HG2  H N N 109 
GLU HG3  H N N 110 
GLU HE2  H N N 111 
GLU HXT  H N N 112 
GLY N    N N N 113 
GLY CA   C N N 114 
GLY C    C N N 115 
GLY O    O N N 116 
GLY OXT  O N N 117 
GLY H    H N N 118 
GLY H2   H N N 119 
GLY HA2  H N N 120 
GLY HA3  H N N 121 
GLY HXT  H N N 122 
ILE N    N N N 123 
ILE CA   C N S 124 
ILE C    C N N 125 
ILE O    O N N 126 
ILE CB   C N S 127 
ILE CG1  C N N 128 
ILE CG2  C N N 129 
ILE CD1  C N N 130 
ILE OXT  O N N 131 
ILE H    H N N 132 
ILE H2   H N N 133 
ILE HA   H N N 134 
ILE HB   H N N 135 
ILE HG12 H N N 136 
ILE HG13 H N N 137 
ILE HG21 H N N 138 
ILE HG22 H N N 139 
ILE HG23 H N N 140 
ILE HD11 H N N 141 
ILE HD12 H N N 142 
ILE HD13 H N N 143 
ILE HXT  H N N 144 
LEU N    N N N 145 
LEU CA   C N S 146 
LEU C    C N N 147 
LEU O    O N N 148 
LEU CB   C N N 149 
LEU CG   C N N 150 
LEU CD1  C N N 151 
LEU CD2  C N N 152 
LEU OXT  O N N 153 
LEU H    H N N 154 
LEU H2   H N N 155 
LEU HA   H N N 156 
LEU HB2  H N N 157 
LEU HB3  H N N 158 
LEU HG   H N N 159 
LEU HD11 H N N 160 
LEU HD12 H N N 161 
LEU HD13 H N N 162 
LEU HD21 H N N 163 
LEU HD22 H N N 164 
LEU HD23 H N N 165 
LEU HXT  H N N 166 
LYS N    N N N 167 
LYS CA   C N S 168 
LYS C    C N N 169 
LYS O    O N N 170 
LYS CB   C N N 171 
LYS CG   C N N 172 
LYS CD   C N N 173 
LYS CE   C N N 174 
LYS NZ   N N N 175 
LYS OXT  O N N 176 
LYS H    H N N 177 
LYS H2   H N N 178 
LYS HA   H N N 179 
LYS HB2  H N N 180 
LYS HB3  H N N 181 
LYS HG2  H N N 182 
LYS HG3  H N N 183 
LYS HD2  H N N 184 
LYS HD3  H N N 185 
LYS HE2  H N N 186 
LYS HE3  H N N 187 
LYS HZ1  H N N 188 
LYS HZ2  H N N 189 
LYS HZ3  H N N 190 
LYS HXT  H N N 191 
MET N    N N N 192 
MET CA   C N S 193 
MET C    C N N 194 
MET O    O N N 195 
MET CB   C N N 196 
MET CG   C N N 197 
MET SD   S N N 198 
MET CE   C N N 199 
MET OXT  O N N 200 
MET H    H N N 201 
MET H2   H N N 202 
MET HA   H N N 203 
MET HB2  H N N 204 
MET HB3  H N N 205 
MET HG2  H N N 206 
MET HG3  H N N 207 
MET HE1  H N N 208 
MET HE2  H N N 209 
MET HE3  H N N 210 
MET HXT  H N N 211 
PHE N    N N N 212 
PHE CA   C N S 213 
PHE C    C N N 214 
PHE O    O N N 215 
PHE CB   C N N 216 
PHE CG   C Y N 217 
PHE CD1  C Y N 218 
PHE CD2  C Y N 219 
PHE CE1  C Y N 220 
PHE CE2  C Y N 221 
PHE CZ   C Y N 222 
PHE OXT  O N N 223 
PHE H    H N N 224 
PHE H2   H N N 225 
PHE HA   H N N 226 
PHE HB2  H N N 227 
PHE HB3  H N N 228 
PHE HD1  H N N 229 
PHE HD2  H N N 230 
PHE HE1  H N N 231 
PHE HE2  H N N 232 
PHE HZ   H N N 233 
PHE HXT  H N N 234 
PRO N    N N N 235 
PRO CA   C N S 236 
PRO C    C N N 237 
PRO O    O N N 238 
PRO CB   C N N 239 
PRO CG   C N N 240 
PRO CD   C N N 241 
PRO OXT  O N N 242 
PRO H    H N N 243 
PRO HA   H N N 244 
PRO HB2  H N N 245 
PRO HB3  H N N 246 
PRO HG2  H N N 247 
PRO HG3  H N N 248 
PRO HD2  H N N 249 
PRO HD3  H N N 250 
PRO HXT  H N N 251 
SER N    N N N 252 
SER CA   C N S 253 
SER C    C N N 254 
SER O    O N N 255 
SER CB   C N N 256 
SER OG   O N N 257 
SER OXT  O N N 258 
SER H    H N N 259 
SER H2   H N N 260 
SER HA   H N N 261 
SER HB2  H N N 262 
SER HB3  H N N 263 
SER HG   H N N 264 
SER HXT  H N N 265 
THR N    N N N 266 
THR CA   C N S 267 
THR C    C N N 268 
THR O    O N N 269 
THR CB   C N R 270 
THR OG1  O N N 271 
THR CG2  C N N 272 
THR OXT  O N N 273 
THR H    H N N 274 
THR H2   H N N 275 
THR HA   H N N 276 
THR HB   H N N 277 
THR HG1  H N N 278 
THR HG21 H N N 279 
THR HG22 H N N 280 
THR HG23 H N N 281 
THR HXT  H N N 282 
TRP N    N N N 283 
TRP CA   C N S 284 
TRP C    C N N 285 
TRP O    O N N 286 
TRP CB   C N N 287 
TRP CG   C Y N 288 
TRP CD1  C Y N 289 
TRP CD2  C Y N 290 
TRP NE1  N Y N 291 
TRP CE2  C Y N 292 
TRP CE3  C Y N 293 
TRP CZ2  C Y N 294 
TRP CZ3  C Y N 295 
TRP CH2  C Y N 296 
TRP OXT  O N N 297 
TRP H    H N N 298 
TRP H2   H N N 299 
TRP HA   H N N 300 
TRP HB2  H N N 301 
TRP HB3  H N N 302 
TRP HD1  H N N 303 
TRP HE1  H N N 304 
TRP HE3  H N N 305 
TRP HZ2  H N N 306 
TRP HZ3  H N N 307 
TRP HH2  H N N 308 
TRP HXT  H N N 309 
TYR N    N N N 310 
TYR CA   C N S 311 
TYR C    C N N 312 
TYR O    O N N 313 
TYR CB   C N N 314 
TYR CG   C Y N 315 
TYR CD1  C Y N 316 
TYR CD2  C Y N 317 
TYR CE1  C Y N 318 
TYR CE2  C Y N 319 
TYR CZ   C Y N 320 
TYR OH   O N N 321 
TYR OXT  O N N 322 
TYR H    H N N 323 
TYR H2   H N N 324 
TYR HA   H N N 325 
TYR HB2  H N N 326 
TYR HB3  H N N 327 
TYR HD1  H N N 328 
TYR HD2  H N N 329 
TYR HE1  H N N 330 
TYR HE2  H N N 331 
TYR HH   H N N 332 
TYR HXT  H N N 333 
VAL N    N N N 334 
VAL CA   C N S 335 
VAL C    C N N 336 
VAL O    O N N 337 
VAL CB   C N N 338 
VAL CG1  C N N 339 
VAL CG2  C N N 340 
VAL OXT  O N N 341 
VAL H    H N N 342 
VAL H2   H N N 343 
VAL HA   H N N 344 
VAL HB   H N N 345 
VAL HG11 H N N 346 
VAL HG12 H N N 347 
VAL HG13 H N N 348 
VAL HG21 H N N 349 
VAL HG22 H N N 350 
VAL HG23 H N N 351 
VAL HXT  H N N 352 
# 
loop_
_chem_comp_bond.comp_id 
_chem_comp_bond.atom_id_1 
_chem_comp_bond.atom_id_2 
_chem_comp_bond.value_order 
_chem_comp_bond.pdbx_aromatic_flag 
_chem_comp_bond.pdbx_stereo_config 
_chem_comp_bond.pdbx_ordinal 
ALA N   CA   sing N N 1   
ALA N   H    sing N N 2   
ALA N   H2   sing N N 3   
ALA CA  C    sing N N 4   
ALA CA  CB   sing N N 5   
ALA CA  HA   sing N N 6   
ALA C   O    doub N N 7   
ALA C   OXT  sing N N 8   
ALA CB  HB1  sing N N 9   
ALA CB  HB2  sing N N 10  
ALA CB  HB3  sing N N 11  
ALA OXT HXT  sing N N 12  
ARG N   CA   sing N N 13  
ARG N   H    sing N N 14  
ARG N   H2   sing N N 15  
ARG CA  C    sing N N 16  
ARG CA  CB   sing N N 17  
ARG CA  HA   sing N N 18  
ARG C   O    doub N N 19  
ARG C   OXT  sing N N 20  
ARG CB  CG   sing N N 21  
ARG CB  HB2  sing N N 22  
ARG CB  HB3  sing N N 23  
ARG CG  CD   sing N N 24  
ARG CG  HG2  sing N N 25  
ARG CG  HG3  sing N N 26  
ARG CD  NE   sing N N 27  
ARG CD  HD2  sing N N 28  
ARG CD  HD3  sing N N 29  
ARG NE  CZ   sing N N 30  
ARG NE  HE   sing N N 31  
ARG CZ  NH1  sing N N 32  
ARG CZ  NH2  doub N N 33  
ARG NH1 HH11 sing N N 34  
ARG NH1 HH12 sing N N 35  
ARG NH2 HH21 sing N N 36  
ARG NH2 HH22 sing N N 37  
ARG OXT HXT  sing N N 38  
ASN N   CA   sing N N 39  
ASN N   H    sing N N 40  
ASN N   H2   sing N N 41  
ASN CA  C    sing N N 42  
ASN CA  CB   sing N N 43  
ASN CA  HA   sing N N 44  
ASN C   O    doub N N 45  
ASN C   OXT  sing N N 46  
ASN CB  CG   sing N N 47  
ASN CB  HB2  sing N N 48  
ASN CB  HB3  sing N N 49  
ASN CG  OD1  doub N N 50  
ASN CG  ND2  sing N N 51  
ASN ND2 HD21 sing N N 52  
ASN ND2 HD22 sing N N 53  
ASN OXT HXT  sing N N 54  
ASP N   CA   sing N N 55  
ASP N   H    sing N N 56  
ASP N   H2   sing N N 57  
ASP CA  C    sing N N 58  
ASP CA  CB   sing N N 59  
ASP CA  HA   sing N N 60  
ASP C   O    doub N N 61  
ASP C   OXT  sing N N 62  
ASP CB  CG   sing N N 63  
ASP CB  HB2  sing N N 64  
ASP CB  HB3  sing N N 65  
ASP CG  OD1  doub N N 66  
ASP CG  OD2  sing N N 67  
ASP OD2 HD2  sing N N 68  
ASP OXT HXT  sing N N 69  
GLN N   CA   sing N N 70  
GLN N   H    sing N N 71  
GLN N   H2   sing N N 72  
GLN CA  C    sing N N 73  
GLN CA  CB   sing N N 74  
GLN CA  HA   sing N N 75  
GLN C   O    doub N N 76  
GLN C   OXT  sing N N 77  
GLN CB  CG   sing N N 78  
GLN CB  HB2  sing N N 79  
GLN CB  HB3  sing N N 80  
GLN CG  CD   sing N N 81  
GLN CG  HG2  sing N N 82  
GLN CG  HG3  sing N N 83  
GLN CD  OE1  doub N N 84  
GLN CD  NE2  sing N N 85  
GLN NE2 HE21 sing N N 86  
GLN NE2 HE22 sing N N 87  
GLN OXT HXT  sing N N 88  
GLU N   CA   sing N N 89  
GLU N   H    sing N N 90  
GLU N   H2   sing N N 91  
GLU CA  C    sing N N 92  
GLU CA  CB   sing N N 93  
GLU CA  HA   sing N N 94  
GLU C   O    doub N N 95  
GLU C   OXT  sing N N 96  
GLU CB  CG   sing N N 97  
GLU CB  HB2  sing N N 98  
GLU CB  HB3  sing N N 99  
GLU CG  CD   sing N N 100 
GLU CG  HG2  sing N N 101 
GLU CG  HG3  sing N N 102 
GLU CD  OE1  doub N N 103 
GLU CD  OE2  sing N N 104 
GLU OE2 HE2  sing N N 105 
GLU OXT HXT  sing N N 106 
GLY N   CA   sing N N 107 
GLY N   H    sing N N 108 
GLY N   H2   sing N N 109 
GLY CA  C    sing N N 110 
GLY CA  HA2  sing N N 111 
GLY CA  HA3  sing N N 112 
GLY C   O    doub N N 113 
GLY C   OXT  sing N N 114 
GLY OXT HXT  sing N N 115 
ILE N   CA   sing N N 116 
ILE N   H    sing N N 117 
ILE N   H2   sing N N 118 
ILE CA  C    sing N N 119 
ILE CA  CB   sing N N 120 
ILE CA  HA   sing N N 121 
ILE C   O    doub N N 122 
ILE C   OXT  sing N N 123 
ILE CB  CG1  sing N N 124 
ILE CB  CG2  sing N N 125 
ILE CB  HB   sing N N 126 
ILE CG1 CD1  sing N N 127 
ILE CG1 HG12 sing N N 128 
ILE CG1 HG13 sing N N 129 
ILE CG2 HG21 sing N N 130 
ILE CG2 HG22 sing N N 131 
ILE CG2 HG23 sing N N 132 
ILE CD1 HD11 sing N N 133 
ILE CD1 HD12 sing N N 134 
ILE CD1 HD13 sing N N 135 
ILE OXT HXT  sing N N 136 
LEU N   CA   sing N N 137 
LEU N   H    sing N N 138 
LEU N   H2   sing N N 139 
LEU CA  C    sing N N 140 
LEU CA  CB   sing N N 141 
LEU CA  HA   sing N N 142 
LEU C   O    doub N N 143 
LEU C   OXT  sing N N 144 
LEU CB  CG   sing N N 145 
LEU CB  HB2  sing N N 146 
LEU CB  HB3  sing N N 147 
LEU CG  CD1  sing N N 148 
LEU CG  CD2  sing N N 149 
LEU CG  HG   sing N N 150 
LEU CD1 HD11 sing N N 151 
LEU CD1 HD12 sing N N 152 
LEU CD1 HD13 sing N N 153 
LEU CD2 HD21 sing N N 154 
LEU CD2 HD22 sing N N 155 
LEU CD2 HD23 sing N N 156 
LEU OXT HXT  sing N N 157 
LYS N   CA   sing N N 158 
LYS N   H    sing N N 159 
LYS N   H2   sing N N 160 
LYS CA  C    sing N N 161 
LYS CA  CB   sing N N 162 
LYS CA  HA   sing N N 163 
LYS C   O    doub N N 164 
LYS C   OXT  sing N N 165 
LYS CB  CG   sing N N 166 
LYS CB  HB2  sing N N 167 
LYS CB  HB3  sing N N 168 
LYS CG  CD   sing N N 169 
LYS CG  HG2  sing N N 170 
LYS CG  HG3  sing N N 171 
LYS CD  CE   sing N N 172 
LYS CD  HD2  sing N N 173 
LYS CD  HD3  sing N N 174 
LYS CE  NZ   sing N N 175 
LYS CE  HE2  sing N N 176 
LYS CE  HE3  sing N N 177 
LYS NZ  HZ1  sing N N 178 
LYS NZ  HZ2  sing N N 179 
LYS NZ  HZ3  sing N N 180 
LYS OXT HXT  sing N N 181 
MET N   CA   sing N N 182 
MET N   H    sing N N 183 
MET N   H2   sing N N 184 
MET CA  C    sing N N 185 
MET CA  CB   sing N N 186 
MET CA  HA   sing N N 187 
MET C   O    doub N N 188 
MET C   OXT  sing N N 189 
MET CB  CG   sing N N 190 
MET CB  HB2  sing N N 191 
MET CB  HB3  sing N N 192 
MET CG  SD   sing N N 193 
MET CG  HG2  sing N N 194 
MET CG  HG3  sing N N 195 
MET SD  CE   sing N N 196 
MET CE  HE1  sing N N 197 
MET CE  HE2  sing N N 198 
MET CE  HE3  sing N N 199 
MET OXT HXT  sing N N 200 
PHE N   CA   sing N N 201 
PHE N   H    sing N N 202 
PHE N   H2   sing N N 203 
PHE CA  C    sing N N 204 
PHE CA  CB   sing N N 205 
PHE CA  HA   sing N N 206 
PHE C   O    doub N N 207 
PHE C   OXT  sing N N 208 
PHE CB  CG   sing N N 209 
PHE CB  HB2  sing N N 210 
PHE CB  HB3  sing N N 211 
PHE CG  CD1  doub Y N 212 
PHE CG  CD2  sing Y N 213 
PHE CD1 CE1  sing Y N 214 
PHE CD1 HD1  sing N N 215 
PHE CD2 CE2  doub Y N 216 
PHE CD2 HD2  sing N N 217 
PHE CE1 CZ   doub Y N 218 
PHE CE1 HE1  sing N N 219 
PHE CE2 CZ   sing Y N 220 
PHE CE2 HE2  sing N N 221 
PHE CZ  HZ   sing N N 222 
PHE OXT HXT  sing N N 223 
PRO N   CA   sing N N 224 
PRO N   CD   sing N N 225 
PRO N   H    sing N N 226 
PRO CA  C    sing N N 227 
PRO CA  CB   sing N N 228 
PRO CA  HA   sing N N 229 
PRO C   O    doub N N 230 
PRO C   OXT  sing N N 231 
PRO CB  CG   sing N N 232 
PRO CB  HB2  sing N N 233 
PRO CB  HB3  sing N N 234 
PRO CG  CD   sing N N 235 
PRO CG  HG2  sing N N 236 
PRO CG  HG3  sing N N 237 
PRO CD  HD2  sing N N 238 
PRO CD  HD3  sing N N 239 
PRO OXT HXT  sing N N 240 
SER N   CA   sing N N 241 
SER N   H    sing N N 242 
SER N   H2   sing N N 243 
SER CA  C    sing N N 244 
SER CA  CB   sing N N 245 
SER CA  HA   sing N N 246 
SER C   O    doub N N 247 
SER C   OXT  sing N N 248 
SER CB  OG   sing N N 249 
SER CB  HB2  sing N N 250 
SER CB  HB3  sing N N 251 
SER OG  HG   sing N N 252 
SER OXT HXT  sing N N 253 
THR N   CA   sing N N 254 
THR N   H    sing N N 255 
THR N   H2   sing N N 256 
THR CA  C    sing N N 257 
THR CA  CB   sing N N 258 
THR CA  HA   sing N N 259 
THR C   O    doub N N 260 
THR C   OXT  sing N N 261 
THR CB  OG1  sing N N 262 
THR CB  CG2  sing N N 263 
THR CB  HB   sing N N 264 
THR OG1 HG1  sing N N 265 
THR CG2 HG21 sing N N 266 
THR CG2 HG22 sing N N 267 
THR CG2 HG23 sing N N 268 
THR OXT HXT  sing N N 269 
TRP N   CA   sing N N 270 
TRP N   H    sing N N 271 
TRP N   H2   sing N N 272 
TRP CA  C    sing N N 273 
TRP CA  CB   sing N N 274 
TRP CA  HA   sing N N 275 
TRP C   O    doub N N 276 
TRP C   OXT  sing N N 277 
TRP CB  CG   sing N N 278 
TRP CB  HB2  sing N N 279 
TRP CB  HB3  sing N N 280 
TRP CG  CD1  doub Y N 281 
TRP CG  CD2  sing Y N 282 
TRP CD1 NE1  sing Y N 283 
TRP CD1 HD1  sing N N 284 
TRP CD2 CE2  doub Y N 285 
TRP CD2 CE3  sing Y N 286 
TRP NE1 CE2  sing Y N 287 
TRP NE1 HE1  sing N N 288 
TRP CE2 CZ2  sing Y N 289 
TRP CE3 CZ3  doub Y N 290 
TRP CE3 HE3  sing N N 291 
TRP CZ2 CH2  doub Y N 292 
TRP CZ2 HZ2  sing N N 293 
TRP CZ3 CH2  sing Y N 294 
TRP CZ3 HZ3  sing N N 295 
TRP CH2 HH2  sing N N 296 
TRP OXT HXT  sing N N 297 
TYR N   CA   sing N N 298 
TYR N   H    sing N N 299 
TYR N   H2   sing N N 300 
TYR CA  C    sing N N 301 
TYR CA  CB   sing N N 302 
TYR CA  HA   sing N N 303 
TYR C   O    doub N N 304 
TYR C   OXT  sing N N 305 
TYR CB  CG   sing N N 306 
TYR CB  HB2  sing N N 307 
TYR CB  HB3  sing N N 308 
TYR CG  CD1  doub Y N 309 
TYR CG  CD2  sing Y N 310 
TYR CD1 CE1  sing Y N 311 
TYR CD1 HD1  sing N N 312 
TYR CD2 CE2  doub Y N 313 
TYR CD2 HD2  sing N N 314 
TYR CE1 CZ   doub Y N 315 
TYR CE1 HE1  sing N N 316 
TYR CE2 CZ   sing Y N 317 
TYR CE2 HE2  sing N N 318 
TYR CZ  OH   sing N N 319 
TYR OH  HH   sing N N 320 
TYR OXT HXT  sing N N 321 
VAL N   CA   sing N N 322 
VAL N   H    sing N N 323 
VAL N   H2   sing N N 324 
VAL CA  C    sing N N 325 
VAL CA  CB   sing N N 326 
VAL CA  HA   sing N N 327 
VAL C   O    doub N N 328 
VAL C   OXT  sing N N 329 
VAL CB  CG1  sing N N 330 
VAL CB  CG2  sing N N 331 
VAL CB  HB   sing N N 332 
VAL CG1 HG11 sing N N 333 
VAL CG1 HG12 sing N N 334 
VAL CG1 HG13 sing N N 335 
VAL CG2 HG21 sing N N 336 
VAL CG2 HG22 sing N N 337 
VAL CG2 HG23 sing N N 338 
VAL OXT HXT  sing N N 339 
# 
_em_admin.current_status     REL 
_em_admin.deposition_date    2023-09-11 
_em_admin.deposition_site    PDBE 
_em_admin.entry_id           8QHZ 
_em_admin.last_update        2025-03-26 
_em_admin.map_release_date   2024-09-18 
_em_admin.title              '320A Vipp1 H1-6 helical tubes' 
# 
_em_ctf_correction.details                  ? 
_em_ctf_correction.em_image_processing_id   1 
_em_ctf_correction.id                       1 
_em_ctf_correction.type                     'PHASE FLIPPING AND AMPLITUDE CORRECTION' 
# 
_em_embedding.details       ? 
_em_embedding.id            1 
_em_embedding.material      'vitreous ice' 
_em_embedding.specimen_id   1 
# 
_em_entity_assembly_molwt.entity_assembly_id   1 
_em_entity_assembly_molwt.experimental_flag    NO 
_em_entity_assembly_molwt.id                   1 
_em_entity_assembly_molwt.units                ? 
_em_entity_assembly_molwt.value                ? 
# 
_em_entity_assembly_naturalsource.cell                 ? 
_em_entity_assembly_naturalsource.cellular_location    ? 
_em_entity_assembly_naturalsource.entity_assembly_id   1 
_em_entity_assembly_naturalsource.id                   2 
_em_entity_assembly_naturalsource.ncbi_tax_id          1148 
_em_entity_assembly_naturalsource.organism             'Synechocystis sp. PCC 6803' 
_em_entity_assembly_naturalsource.organelle            ? 
_em_entity_assembly_naturalsource.organ                ? 
_em_entity_assembly_naturalsource.strain               ? 
_em_entity_assembly_naturalsource.tissue               ? 
_em_entity_assembly_naturalsource.details              ? 
# 
_em_entity_assembly_recombinant.cell                 ? 
_em_entity_assembly_recombinant.entity_assembly_id   1 
_em_entity_assembly_recombinant.id                   2 
_em_entity_assembly_recombinant.ncbi_tax_id          469008 
_em_entity_assembly_recombinant.organism             'Escherichia coli BL21(DE3)' 
_em_entity_assembly_recombinant.plasmid              ? 
_em_entity_assembly_recombinant.strain               C41 
# 
_em_helical_entity.id                             1 
_em_helical_entity.image_processing_id            1 
_em_helical_entity.details                        ? 
_em_helical_entity.axial_symmetry                 C1 
_em_helical_entity.angular_rotation_per_subunit   -95.7 
_em_helical_entity.axial_rise_per_subunit         1.96 
# 
_em_image_processing.details              ? 
_em_image_processing.id                   1 
_em_image_processing.image_recording_id   1 
# 
_em_image_recording.average_exposure_time               ? 
_em_image_recording.avg_electron_dose_per_subtomogram   ? 
_em_image_recording.avg_electron_dose_per_image         48 
_em_image_recording.details                             ? 
_em_image_recording.detector_mode                       ? 
_em_image_recording.film_or_detector_model              'FEI FALCON IV (4k x 4k)' 
_em_image_recording.id                                  1 
_em_image_recording.imaging_id                          1 
_em_image_recording.num_diffraction_images              ? 
_em_image_recording.num_grids_imaged                    ? 
_em_image_recording.num_real_images                     ? 
# 
loop_
_em_software.category 
_em_software.details 
_em_software.id 
_em_software.image_processing_id 
_em_software.fitting_id 
_em_software.imaging_id 
_em_software.name 
_em_software.version 
'PARTICLE SELECTION'            ? 1  1 ? ? ? ? 
'IMAGE ACQUISITION'             ? 2  ? ? 1 ? ? 
MASKING                         ? 3  ? ? ? ? ? 
'CTF CORRECTION'                ? 4  1 ? ? ? ? 
'LAYERLINE INDEXING'            ? 5  ? ? ? ? ? 
'DIFFRACTION INDEXING'          ? 6  ? ? ? ? ? 
'MODEL FITTING'                 ? 7  ? ? ? ? ? 
'MODEL REFINEMENT'              ? 8  ? ? ? ? ? 
OTHER                           ? 9  ? ? ? ? ? 
'INITIAL EULER ASSIGNMENT'      ? 10 1 ? ? ? ? 
'FINAL EULER ASSIGNMENT'        ? 11 1 ? ? ? ? 
CLASSIFICATION                  ? 12 1 ? ? ? ? 
RECONSTRUCTION                  ? 13 1 ? ? ? ? 
'VOLUME SELECTION'              ? 14 1 1 1 ? ? 
'SERIES ALIGNMENT'              ? 15 1 1 1 ? ? 
'MOLECULAR REPLACEMENT'         ? 16 1 1 1 ? ? 
'LATTICE DISTORTION CORRECTION' ? 17 1 1 1 ? ? 
'SYMMETRY DETERMINATION'        ? 18 1 1 1 ? ? 
'CRYSTALLOGRAPHY MERGING'       ? 19 1 1 1 ? ? 
# 
_em_specimen.concentration           ? 
_em_specimen.details                 ? 
_em_specimen.embedding_applied       YES 
_em_specimen.experiment_id           1 
_em_specimen.id                      1 
_em_specimen.shadowing_applied       NO 
_em_specimen.staining_applied        NO 
_em_specimen.vitrification_applied   YES 
# 
loop_
_pdbx_audit_support.funding_organization 
_pdbx_audit_support.country 
_pdbx_audit_support.grant_number 
_pdbx_audit_support.ordinal 
'German Research Foundation (DFG)' Germany 'SA 1882/6-1'   1 
'German Research Foundation (DFG)' Germany 'SCHN 690/16-1' 2 
# 
_atom_sites.entry_id                    8QHZ 
_atom_sites.Cartn_transf_matrix[1][1]   ? 
_atom_sites.Cartn_transf_matrix[1][2]   ? 
_atom_sites.Cartn_transf_matrix[1][3]   ? 
_atom_sites.Cartn_transf_matrix[2][1]   ? 
_atom_sites.Cartn_transf_matrix[2][2]   ? 
_atom_sites.Cartn_transf_matrix[2][3]   ? 
_atom_sites.Cartn_transf_matrix[3][1]   ? 
_atom_sites.Cartn_transf_matrix[3][2]   ? 
_atom_sites.Cartn_transf_matrix[3][3]   ? 
_atom_sites.Cartn_transf_vector[1]      ? 
_atom_sites.Cartn_transf_vector[2]      ? 
_atom_sites.Cartn_transf_vector[3]      ? 
_atom_sites.Cartn_transform_axes        ? 
_atom_sites.fract_transf_matrix[1][1]   1.000000 
_atom_sites.fract_transf_matrix[1][2]   0.000000 
_atom_sites.fract_transf_matrix[1][3]   0.000000 
_atom_sites.fract_transf_matrix[2][1]   0.000000 
_atom_sites.fract_transf_matrix[2][2]   1.000000 
_atom_sites.fract_transf_matrix[2][3]   0.000000 
_atom_sites.fract_transf_matrix[3][1]   0.000000 
_atom_sites.fract_transf_matrix[3][2]   0.000000 
_atom_sites.fract_transf_matrix[3][3]   1.000000 
_atom_sites.fract_transf_vector[1]      0.00000 
_atom_sites.fract_transf_vector[2]      0.00000 
_atom_sites.fract_transf_vector[3]      0.00000 
_atom_sites.solution_primary            ? 
_atom_sites.solution_secondary          ? 
_atom_sites.solution_hydrogens          ? 
_atom_sites.special_details             ? 
# 
loop_
_atom_type.symbol 
C 
H 
N 
O 
S 
# 
loop_
_atom_site.group_PDB 
_atom_site.id 
_atom_site.type_symbol 
_atom_site.label_atom_id 
_atom_site.label_alt_id 
_atom_site.label_comp_id 
_atom_site.label_asym_id 
_atom_site.label_entity_id 
_atom_site.label_seq_id 
_atom_site.pdbx_PDB_ins_code 
_atom_site.Cartn_x 
_atom_site.Cartn_y 
_atom_site.Cartn_z 
_atom_site.occupancy 
_atom_site.B_iso_or_equiv 
_atom_site.pdbx_formal_charge 
_atom_site.auth_seq_id 
_atom_site.auth_comp_id 
_atom_site.auth_asym_id 
_atom_site.auth_atom_id 
_atom_site.pdbx_PDB_model_num 
ATOM 1   N N  . ASP A 1 1   ? -3.277  -12.214 4.019   1.00 229.02 ? 24  ASP D N  1 
ATOM 2   C CA . ASP A 1 1   ? -4.009  -11.047 3.476   1.00 229.02 ? 24  ASP D CA 1 
ATOM 3   C C  . ASP A 1 1   ? -3.052  -9.901  3.196   1.00 229.02 ? 24  ASP D C  1 
ATOM 4   O O  . ASP A 1 1   ? -2.149  -9.656  3.996   1.00 229.02 ? 24  ASP D O  1 
ATOM 5   N N  . PRO A 1 2   ? -3.225  -9.185  2.078   1.00 225.12 ? 25  PRO D N  1 
ATOM 6   C CA . PRO A 1 2   ? -2.161  -8.348  1.530   1.00 225.12 ? 25  PRO D CA 1 
ATOM 7   C C  . PRO A 1 2   ? -1.893  -7.075  2.332   1.00 225.12 ? 25  PRO D C  1 
ATOM 8   O O  . PRO A 1 2   ? -0.757  -6.800  2.708   1.00 225.12 ? 25  PRO D O  1 
ATOM 9   N N  . GLU A 1 3   ? -2.929  -6.296  2.639   1.00 229.17 ? 26  GLU D N  1 
ATOM 10  C CA . GLU A 1 3   ? -2.742  -4.938  3.173   1.00 229.17 ? 26  GLU D CA 1 
ATOM 11  C C  . GLU A 1 3   ? -2.034  -4.965  4.522   1.00 229.17 ? 26  GLU D C  1 
ATOM 12  O O  . GLU A 1 3   ? -1.153  -4.155  4.805   1.00 229.17 ? 26  GLU D O  1 
ATOM 13  H H  . GLU A 1 3   ? -3.847  -6.573  2.321   1.00 229.17 ? 26  GLU D H  1 
ATOM 14  N N  . LYS A 1 4   ? -2.390  -5.976  5.316   1.00 248.01 ? 27  LYS D N  1 
ATOM 15  C CA . LYS A 1 4   ? -1.829  -6.254  6.628   1.00 248.01 ? 27  LYS D CA 1 
ATOM 16  C C  . LYS A 1 4   ? -0.324  -6.428  6.553   1.00 248.01 ? 27  LYS D C  1 
ATOM 17  O O  . LYS A 1 4   ? 0.426   -5.772  7.270   1.00 248.01 ? 27  LYS D O  1 
ATOM 18  H H  . LYS A 1 4   ? -3.107  -6.593  4.961   1.00 248.01 ? 27  LYS D H  1 
ATOM 19  N N  . VAL A 1 5   ? 0.116   -7.278  5.635   1.00 245.78 ? 28  VAL D N  1 
ATOM 20  C CA . VAL A 1 5   ? 1.527   -7.612  5.458   1.00 245.78 ? 28  VAL D CA 1 
ATOM 21  C C  . VAL A 1 5   ? 2.297   -6.418  4.922   1.00 245.78 ? 28  VAL D C  1 
ATOM 22  O O  . VAL A 1 5   ? 3.353   -6.081  5.450   1.00 245.78 ? 28  VAL D O  1 
ATOM 23  H H  . VAL A 1 5   ? -0.567  -7.724  5.038   1.00 245.78 ? 28  VAL D H  1 
ATOM 24  N N  . LEU A 1 6   ? 1.781   -5.774  3.877   1.00 235.08 ? 29  LEU D N  1 
ATOM 25  C CA . LEU A 1 6   ? 2.493   -4.694  3.208   1.00 235.08 ? 29  LEU D CA 1 
ATOM 26  C C  . LEU A 1 6   ? 2.681   -3.506  4.148   1.00 235.08 ? 29  LEU D C  1 
ATOM 27  O O  . LEU A 1 6   ? 3.783   -2.969  4.271   1.00 235.08 ? 29  LEU D O  1 
ATOM 28  H H  . LEU A 1 6   ? 0.903   -6.092  3.493   1.00 235.08 ? 29  LEU D H  1 
ATOM 29  N N  . GLU A 1 7   ? 1.647   -3.156  4.900   1.00 243.50 ? 30  GLU D N  1 
ATOM 30  C CA . GLU A 1 7   ? 1.793   -2.141  5.927   1.00 243.50 ? 30  GLU D CA 1 
ATOM 31  C C  . GLU A 1 7   ? 2.736   -2.587  7.048   1.00 243.50 ? 30  GLU D C  1 
ATOM 32  O O  . GLU A 1 7   ? 3.565   -1.806  7.498   1.00 243.50 ? 30  GLU D O  1 
ATOM 33  H H  . GLU A 1 7   ? 0.761   -3.625  4.791   1.00 243.50 ? 30  GLU D H  1 
ATOM 34  N N  . GLN A 1 8   ? 2.669   -3.847  7.478   1.00 241.21 ? 31  GLN D N  1 
ATOM 35  C CA . GLN A 1 8   ? 3.550   -4.334  8.531   1.00 241.21 ? 31  GLN D CA 1 
ATOM 36  C C  . GLN A 1 8   ? 5.024   -4.215  8.143   1.00 241.21 ? 31  GLN D C  1 
ATOM 37  O O  . GLN A 1 8   ? 5.838   -3.751  8.933   1.00 241.21 ? 31  GLN D O  1 
ATOM 38  H H  . GLN A 1 8   ? 1.967   -4.469  7.105   1.00 241.21 ? 31  GLN D H  1 
ATOM 39  N N  . ALA A 1 9   ? 5.378   -4.589  6.918   1.00 232.74 ? 32  ALA D N  1 
ATOM 40  C CA . ALA A 1 9   ? 6.750   -4.469  6.456   1.00 232.74 ? 32  ALA D CA 1 
ATOM 41  C C  . ALA A 1 9   ? 7.230   -3.020  6.554   1.00 232.74 ? 32  ALA D C  1 
ATOM 42  O O  . ALA A 1 9   ? 8.314   -2.731  7.052   1.00 232.74 ? 32  ALA D O  1 
ATOM 43  H H  . ALA A 1 9   ? 4.679   -4.979  6.300   1.00 232.74 ? 32  ALA D H  1 
ATOM 44  N N  . VAL A 1 10  ? 6.373   -2.091  6.133   1.00 230.64 ? 33  VAL D N  1 
ATOM 45  C CA . VAL A 1 10  ? 6.651   -0.665  6.240   1.00 230.64 ? 33  VAL D CA 1 
ATOM 46  C C  . VAL A 1 10  ? 6.819   -0.247  7.695   1.00 230.64 ? 33  VAL D C  1 
ATOM 47  O O  . VAL A 1 10  ? 7.745   0.498   8.005   1.00 230.64 ? 33  VAL D O  1 
ATOM 48  H H  . VAL A 1 10  ? 5.478   -2.384  5.767   1.00 230.64 ? 33  VAL D H  1 
ATOM 49  N N  . ILE A 1 11  ? 5.967   -0.730  8.596   1.00 248.27 ? 34  ILE D N  1 
ATOM 50  C CA . ILE A 1 11  ? 6.071   -0.446  10.027  1.00 248.27 ? 34  ILE D CA 1 
ATOM 51  C C  . ILE A 1 11  ? 7.449   -0.854  10.556  1.00 248.27 ? 34  ILE D C  1 
ATOM 52  O O  . ILE A 1 11  ? 8.121   -0.058  11.218  1.00 248.27 ? 34  ILE D O  1 
ATOM 53  H H  . ILE A 1 11  ? 5.210   -1.316  8.275   1.00 248.27 ? 34  ILE D H  1 
ATOM 54  N N  . ASP A 1 12  ? 7.909   -2.052  10.201  1.00 242.97 ? 35  ASP D N  1 
ATOM 55  C CA . ASP A 1 12  ? 9.211   -2.553  10.628  1.00 242.97 ? 35  ASP D CA 1 
ATOM 56  C C  . ASP A 1 12  ? 10.322  -1.566  10.248  1.00 242.97 ? 35  ASP D C  1 
ATOM 57  O O  . ASP A 1 12  ? 11.154  -1.183  11.072  1.00 242.97 ? 35  ASP D O  1 
ATOM 58  H H  . ASP A 1 12  ? 7.299   -2.663  9.677   1.00 242.97 ? 35  ASP D H  1 
ATOM 59  N N  . MET A 1 13  ? 10.276  -1.070  9.010   1.00 215.42 ? 36  MET D N  1 
ATOM 60  C CA . MET A 1 13  ? 11.264  -0.125  8.502   1.00 215.42 ? 36  MET D CA 1 
ATOM 61  C C  . MET A 1 13  ? 11.368  1.140   9.361   1.00 215.42 ? 36  MET D C  1 
ATOM 62  O O  . MET A 1 13  ? 12.453  1.702   9.532   1.00 215.42 ? 36  MET D O  1 
ATOM 63  H H  . MET A 1 13  ? 9.536   -1.381  8.397   1.00 215.42 ? 36  MET D H  1 
ATOM 64  N N  . GLN A 1 14  ? 10.250  1.584   9.936   1.00 200.19 ? 37  GLN D N  1 
ATOM 65  C CA . GLN A 1 14  ? 10.249  2.762   10.794  1.00 200.19 ? 37  GLN D CA 1 
ATOM 66  C C  . GLN A 1 14  ? 10.999  2.508   12.099  1.00 200.19 ? 37  GLN D C  1 
ATOM 67  O O  . GLN A 1 14  ? 11.663  3.393   12.636  1.00 200.19 ? 37  GLN D O  1 
ATOM 68  H H  . GLN A 1 14  ? 9.413   1.022   9.872   1.00 200.19 ? 37  GLN D H  1 
ATOM 69  N N  . GLU A 1 15  ? 10.931  1.286   12.619  1.00 213.93 ? 38  GLU D N  1 
ATOM 70  C CA . GLU A 1 15  ? 11.751  0.942   13.776  1.00 213.93 ? 38  GLU D CA 1 
ATOM 71  C C  . GLU A 1 15  ? 13.219  1.014   13.395  1.00 213.93 ? 38  GLU D C  1 
ATOM 72  O O  . GLU A 1 15  ? 14.019  1.671   14.058  1.00 213.93 ? 38  GLU D O  1 
ATOM 73  H H  . GLU A 1 15  ? 10.459  0.550   12.113  1.00 213.93 ? 38  GLU D H  1 
ATOM 74  N N  . ASP A 1 16  ? 13.560  0.354   12.301  1.00 214.10 ? 39  ASP D N  1 
ATOM 75  C CA . ASP A 1 16  ? 14.934  0.116   11.900  1.00 214.10 ? 39  ASP D CA 1 
ATOM 76  C C  . ASP A 1 16  ? 15.723  1.413   11.762  1.00 214.10 ? 39  ASP D C  1 
ATOM 77  O O  . ASP A 1 16  ? 16.828  1.539   12.298  1.00 214.10 ? 39  ASP D O  1 
ATOM 78  H H  . ASP A 1 16  ? 12.827  -0.149  11.823  1.00 214.10 ? 39  ASP D H  1 
ATOM 79  N N  . LEU A 1 17  ? 15.133  2.409   11.101  1.00 183.14 ? 40  LEU D N  1 
ATOM 80  C CA . LEU A 1 17  ? 15.797  3.689   10.910  1.00 183.14 ? 40  LEU D CA 1 
ATOM 81  C C  . LEU A 1 17  ? 16.100  4.379   12.237  1.00 183.14 ? 40  LEU D C  1 
ATOM 82  O O  . LEU A 1 17  ? 17.118  5.060   12.360  1.00 183.14 ? 40  LEU D O  1 
ATOM 83  H H  . LEU A 1 17  ? 14.223  2.251   10.692  1.00 183.14 ? 40  LEU D H  1 
ATOM 84  N N  . VAL A 1 18  ? 15.247  4.192   13.242  1.00 168.27 ? 41  VAL D N  1 
ATOM 85  C CA . VAL A 1 18  ? 15.504  4.737   14.574  1.00 168.27 ? 41  VAL D CA 1 
ATOM 86  C C  . VAL A 1 18  ? 16.627  3.977   15.262  1.00 168.27 ? 41  VAL D C  1 
ATOM 87  O O  . VAL A 1 18  ? 17.469  4.572   15.932  1.00 168.27 ? 41  VAL D O  1 
ATOM 88  H H  . VAL A 1 18  ? 14.459  3.576   13.111  1.00 168.27 ? 41  VAL D H  1 
ATOM 89  N N  . GLN A 1 19  ? 16.697  2.665   15.069  1.00 171.60 ? 42  GLN D N  1 
ATOM 90  C CA . GLN A 1 19  ? 17.747  1.872   15.695  1.00 171.60 ? 42  GLN D CA 1 
ATOM 91  C C  . GLN A 1 19  ? 19.113  2.306   15.169  1.00 171.60 ? 42  GLN D C  1 
ATOM 92  O O  . GLN A 1 19  ? 20.038  2.586   15.927  1.00 171.60 ? 42  GLN D O  1 
ATOM 93  H H  . GLN A 1 19  ? 16.025  2.220   14.462  1.00 171.60 ? 42  GLN D H  1 
ATOM 94  N N  . LEU A 1 20  ? 19.237  2.450   13.853  1.00 170.96 ? 43  LEU D N  1 
ATOM 95  C CA . LEU A 1 20  ? 20.494  2.876   13.256  1.00 170.96 ? 43  LEU D CA 1 
ATOM 96  C C  . LEU A 1 20  ? 20.824  4.336   13.610  1.00 170.96 ? 43  LEU D C  1 
ATOM 97  O O  . LEU A 1 20  ? 21.982  4.665   13.842  1.00 170.96 ? 43  LEU D O  1 
ATOM 98  H H  . LEU A 1 20  ? 18.457  2.209   13.259  1.00 170.96 ? 43  LEU D H  1 
ATOM 99  N N  . ARG A 1 21  ? 19.825  5.205   13.782  1.00 152.15 ? 44  ARG D N  1 
ATOM 100 C CA . ARG A 1 21  ? 20.057  6.541   14.353  1.00 152.15 ? 44  ARG D CA 1 
ATOM 101 C C  . ARG A 1 21  ? 20.675  6.484   15.738  1.00 152.15 ? 44  ARG D C  1 
ATOM 102 O O  . ARG A 1 21  ? 21.616  7.227   16.006  1.00 152.15 ? 44  ARG D O  1 
ATOM 103 H H  . ARG A 1 21  ? 18.882  4.915   13.565  1.00 152.15 ? 44  ARG D H  1 
ATOM 104 N N  . GLN A 1 22  ? 20.214  5.581   16.601  1.00 158.97 ? 45  GLN D N  1 
ATOM 105 C CA . GLN A 1 22  ? 20.858  5.380   17.893  1.00 158.97 ? 45  GLN D CA 1 
ATOM 106 C C  . GLN A 1 22  ? 22.319  5.011   17.687  1.00 158.97 ? 45  GLN D C  1 
ATOM 107 O O  . GLN A 1 22  ? 23.202  5.610   18.284  1.00 158.97 ? 45  GLN D O  1 
ATOM 108 H H  . GLN A 1 22  ? 19.424  5.008   16.339  1.00 158.97 ? 45  GLN D H  1 
ATOM 109 N N  . ALA A 1 23  ? 22.598  4.047   16.821  1.00 147.65 ? 46  ALA D N  1 
ATOM 110 C CA . ALA A 1 23  ? 23.961  3.586   16.626  1.00 147.65 ? 46  ALA D CA 1 
ATOM 111 C C  . ALA A 1 23  ? 24.866  4.713   16.108  1.00 147.65 ? 46  ALA D C  1 
ATOM 112 O O  . ALA A 1 23  ? 26.018  4.855   16.518  1.00 147.65 ? 46  ALA D O  1 
ATOM 113 H H  . ALA A 1 23  ? 21.842  3.583   16.339  1.00 147.65 ? 46  ALA D H  1 
ATOM 114 N N  . VAL A 1 24  ? 24.332  5.575   15.250  1.00 157.43 ? 47  VAL D N  1 
ATOM 115 C CA . VAL A 1 24  ? 25.065  6.742   14.788  1.00 157.43 ? 47  VAL D CA 1 
ATOM 116 C C  . VAL A 1 24  ? 25.387  7.633   15.969  1.00 157.43 ? 47  VAL D C  1 
ATOM 117 O O  . VAL A 1 24  ? 26.555  7.895   16.225  1.00 157.43 ? 47  VAL D O  1 
ATOM 118 H H  . VAL A 1 24  ? 23.401  5.401   14.902  1.00 157.43 ? 47  VAL D H  1 
ATOM 119 N N  . ALA A 1 25  ? 24.386  7.967   16.777  1.00 156.16 ? 48  ALA D N  1 
ATOM 120 C CA . ALA A 1 25  ? 24.565  8.832   17.930  1.00 156.16 ? 48  ALA D CA 1 
ATOM 121 C C  . ALA A 1 25  ? 25.591  8.249   18.906  1.00 156.16 ? 48  ALA D C  1 
ATOM 122 O O  . ALA A 1 25  ? 26.499  8.927   19.377  1.00 156.16 ? 48  ALA D O  1 
ATOM 123 H H  . ALA A 1 25  ? 23.452  7.658   16.551  1.00 156.16 ? 48  ALA D H  1 
ATOM 124 N N  . ARG A 1 26  ? 25.516  6.942   19.124  1.00 151.27 ? 49  ARG D N  1 
ATOM 125 C CA . ARG A 1 26  ? 26.474  6.183   19.910  1.00 151.27 ? 49  ARG D CA 1 
ATOM 126 C C  . ARG A 1 26  ? 27.873  6.374   19.366  1.00 151.27 ? 49  ARG D C  1 
ATOM 127 O O  . ARG A 1 26  ? 28.801  6.687   20.092  1.00 151.27 ? 49  ARG D O  1 
ATOM 128 H H  . ARG A 1 26  ? 24.744  6.448   18.700  1.00 151.27 ? 49  ARG D H  1 
ATOM 129 N N  . THR A 1 27  ? 28.023  6.292   18.063  1.00 137.38 ? 50  THR D N  1 
ATOM 130 C CA . THR A 1 27  ? 29.320  6.486   17.440  1.00 137.38 ? 50  THR D CA 1 
ATOM 131 C C  . THR A 1 27  ? 29.808  7.910   17.614  1.00 137.38 ? 50  THR D C  1 
ATOM 132 O O  . THR A 1 27  ? 30.987  8.118   17.881  1.00 137.38 ? 50  THR D O  1 
ATOM 133 H H  . THR A 1 27  ? 27.212  6.112   17.489  1.00 137.38 ? 50  THR D H  1 
ATOM 134 N N  . ILE A 1 28  ? 28.902  8.883   17.541  1.00 149.71 ? 51  ILE D N  1 
ATOM 135 C CA . ILE A 1 28  ? 29.247  10.271  17.813  1.00 149.71 ? 51  ILE D CA 1 
ATOM 136 C C  . ILE A 1 28  ? 29.787  10.380  19.233  1.00 149.71 ? 51  ILE D C  1 
ATOM 137 O O  . ILE A 1 28  ? 30.732  11.109  19.508  1.00 149.71 ? 51  ILE D O  1 
ATOM 138 H H  . ILE A 1 28  ? 27.948  8.644   17.310  1.00 149.71 ? 51  ILE D H  1 
ATOM 139 N N  . ALA A 1 29  ? 29.224  9.628   20.168  1.00 138.60 ? 52  ALA D N  1 
ATOM 140 C CA . ALA A 1 29  ? 29.755  9.627   21.511  1.00 138.60 ? 52  ALA D CA 1 
ATOM 141 C C  . ALA A 1 29  ? 31.164  9.040   21.517  1.00 138.60 ? 52  ALA D C  1 
ATOM 142 O O  . ALA A 1 29  ? 32.039  9.588   22.166  1.00 138.60 ? 52  ALA D O  1 
ATOM 143 H H  . ALA A 1 29  ? 28.449  9.024   19.931  1.00 138.60 ? 52  ALA D H  1 
ATOM 144 N N  . GLU A 1 30  ? 31.424  7.971   20.775  1.00 117.30 ? 53  GLU D N  1 
ATOM 145 C CA . GLU A 1 30  ? 32.758  7.388   20.765  1.00 117.30 ? 53  GLU D CA 1 
ATOM 146 C C  . GLU A 1 30  ? 33.803  8.360   20.265  1.00 117.30 ? 53  GLU D C  1 
ATOM 147 O O  . GLU A 1 30  ? 34.861  8.501   20.878  1.00 117.30 ? 53  GLU D O  1 
ATOM 148 H H  . GLU A 1 30  ? 30.686  7.552   20.229  1.00 117.30 ? 53  GLU D H  1 
ATOM 149 N N  . GLU A 1 31  ? 33.500  9.070   19.186  1.00 139.93 ? 54  GLU D N  1 
ATOM 150 C CA . GLU A 1 31  ? 34.423  10.069  18.677  1.00 139.93 ? 54  GLU D CA 1 
ATOM 151 C C  . GLU A 1 31  ? 34.594  11.181  19.710  1.00 139.93 ? 54  GLU D C  1 
ATOM 152 O O  . GLU A 1 31  ? 35.714  11.449  20.142  1.00 139.93 ? 54  GLU D O  1 
ATOM 153 H H  . GLU A 1 31  ? 32.600  8.945   18.745  1.00 139.93 ? 54  GLU D H  1 
ATOM 154 N N  . LYS A 1 32  ? 33.497  11.717  20.247  1.00 127.54 ? 55  LYS D N  1 
ATOM 155 C CA . LYS A 1 32  ? 33.575  12.774  21.251  1.00 127.54 ? 55  LYS D CA 1 
ATOM 156 C C  . LYS A 1 32  ? 34.445  12.329  22.424  1.00 127.54 ? 55  LYS D C  1 
ATOM 157 O O  . LYS A 1 32  ? 35.342  13.044  22.864  1.00 127.54 ? 55  LYS D O  1 
ATOM 158 H H  . LYS A 1 32  ? 32.593  11.432  19.901  1.00 127.54 ? 55  LYS D H  1 
ATOM 159 N N  . ARG A 1 33  ? 34.212  11.123  22.926  1.00 126.80 ? 56  ARG D N  1 
ATOM 160 C CA . ARG A 1 33  ? 34.907  10.587  24.086  1.00 126.80 ? 56  ARG D CA 1 
ATOM 161 C C  . ARG A 1 33  ? 36.380  10.452  23.792  1.00 126.80 ? 56  ARG D C  1 
ATOM 162 O O  . ARG A 1 33  ? 37.212  10.851  24.599  1.00 126.80 ? 56  ARG D O  1 
ATOM 163 H H  . ARG A 1 33  ? 33.496  10.566  22.483  1.00 126.80 ? 56  ARG D H  1 
ATOM 164 N N  . THR A 1 34  ? 36.733  9.924   22.630  1.00 132.61 ? 57  THR D N  1 
ATOM 165 C CA . THR A 1 34  ? 38.145  9.787   22.335  1.00 132.61 ? 57  THR D CA 1 
ATOM 166 C C  . THR A 1 34  ? 38.812  11.125  22.110  1.00 132.61 ? 57  THR D C  1 
ATOM 167 O O  . THR A 1 34  ? 39.937  11.303  22.543  1.00 132.61 ? 57  THR D O  1 
ATOM 168 H H  . THR A 1 34  ? 36.029  9.645   21.960  1.00 132.61 ? 57  THR D H  1 
ATOM 169 N N  . GLU A 1 35  ? 38.141  12.081  21.486  1.00 127.07 ? 58  GLU D N  1 
ATOM 170 C CA . GLU A 1 35  ? 38.683  13.418  21.314  1.00 127.07 ? 58  GLU D CA 1 
ATOM 171 C C  . GLU A 1 35  ? 39.011  14.006  22.678  1.00 127.07 ? 58  GLU D C  1 
ATOM 172 O O  . GLU A 1 35  ? 40.127  14.426  22.946  1.00 127.07 ? 58  GLU D O  1 
ATOM 173 H H  . GLU A 1 35  ? 37.217  11.890  21.124  1.00 127.07 ? 58  GLU D H  1 
ATOM 174 N N  . GLN A 1 36  ? 38.052  13.932  23.591  1.00 121.24 ? 59  GLN D N  1 
ATOM 175 C CA . GLN A 1 36  ? 38.184  14.458  24.934  1.00 121.24 ? 59  GLN D CA 1 
ATOM 176 C C  . GLN A 1 36  ? 39.431  13.893  25.601  1.00 121.24 ? 59  GLN D C  1 
ATOM 177 O O  . GLN A 1 36  ? 40.254  14.640  26.134  1.00 121.24 ? 59  GLN D O  1 
ATOM 178 H H  . GLN A 1 36  ? 37.169  13.521  23.321  1.00 121.24 ? 59  GLN D H  1 
ATOM 179 N N  . ARG A 1 37  ? 39.621  12.575  25.484  1.00 115.09 ? 60  ARG D N  1 
ATOM 180 C CA . ARG A 1 37  ? 40.807  11.950  26.038  1.00 115.09 ? 60  ARG D CA 1 
ATOM 181 C C  . ARG A 1 37  ? 42.045  12.442  25.309  1.00 115.09 ? 60  ARG D C  1 
ATOM 182 O O  . ARG A 1 37  ? 42.885  13.092  25.910  1.00 115.09 ? 60  ARG D O  1 
ATOM 183 H H  . ARG A 1 37  ? 38.935  12.021  24.992  1.00 115.09 ? 60  ARG D H  1 
ATOM 184 N N  . LEU A 1 38  ? 42.087  12.332  23.991  1.00 113.27 ? 61  LEU D N  1 
ATOM 185 C CA . LEU A 1 38  ? 43.350  12.464  23.288  1.00 113.27 ? 61  LEU D CA 1 
ATOM 186 C C  . LEU A 1 38  ? 43.896  13.873  23.411  1.00 113.27 ? 61  LEU D C  1 
ATOM 187 O O  . LEU A 1 38  ? 45.101  14.096  23.553  1.00 113.27 ? 61  LEU D O  1 
ATOM 188 H H  . LEU A 1 38  ? 41.287  11.952  23.505  1.00 113.27 ? 61  LEU D H  1 
ATOM 189 N N  . ASN A 1 39  ? 42.971  14.820  23.406  1.00 119.85 ? 62  ASN D N  1 
ATOM 190 C CA . ASN A 1 39  ? 43.288  16.210  23.527  1.00 119.85 ? 62  ASN D CA 1 
ATOM 191 C C  . ASN A 1 39  ? 43.955  16.446  24.866  1.00 119.85 ? 62  ASN D C  1 
ATOM 192 O O  . ASN A 1 39  ? 45.076  16.954  24.905  1.00 119.85 ? 62  ASN D O  1 
ATOM 193 H H  . ASN A 1 39  ? 42.006  14.549  23.280  1.00 119.85 ? 62  ASN D H  1 
ATOM 194 N N  . GLN A 1 40  ? 43.344  15.978  25.956  1.00 118.53 ? 63  GLN D N  1 
ATOM 195 C CA . GLN A 1 40  ? 43.955  16.222  27.250  1.00 118.53 ? 63  GLN D CA 1 
ATOM 196 C C  . GLN A 1 40  ? 45.261  15.442  27.362  1.00 118.53 ? 63  GLN D C  1 
ATOM 197 O O  . GLN A 1 40  ? 46.284  16.004  27.724  1.00 118.53 ? 63  GLN D O  1 
ATOM 198 H H  . GLN A 1 40  ? 42.487  15.449  25.886  1.00 118.53 ? 63  GLN D H  1 
ATOM 199 N N  . ASP A 1 41  ? 45.249  14.191  26.923  1.00 122.23 ? 64  ASP D N  1 
ATOM 200 C CA . ASP A 1 41  ? 46.345  13.261  27.085  1.00 122.23 ? 64  ASP D CA 1 
ATOM 201 C C  . ASP A 1 41  ? 47.635  13.842  26.524  1.00 122.23 ? 64  ASP D C  1 
ATOM 202 O O  . ASP A 1 41  ? 48.682  13.875  27.168  1.00 122.23 ? 64  ASP D O  1 
ATOM 203 H H  . ASP A 1 41  ? 44.375  13.824  26.575  1.00 122.23 ? 64  ASP D H  1 
ATOM 204 N N  . THR A 1 42  ? 47.547  14.368  25.316  1.00 100.25 ? 65  THR D N  1 
ATOM 205 C CA . THR A 1 42  ? 48.684  14.985  24.651  1.00 100.25 ? 65  THR D CA 1 
ATOM 206 C C  . THR A 1 42  ? 49.208  16.184  25.437  1.00 100.25 ? 65  THR D C  1 
ATOM 207 O O  . THR A 1 42  ? 50.418  16.406  25.512  1.00 100.25 ? 65  THR D O  1 
ATOM 208 H H  . THR A 1 42  ? 46.647  14.363  24.857  1.00 100.25 ? 65  THR D H  1 
ATOM 209 N N  . GLN A 1 43  ? 48.340  16.912  26.129  1.00 123.13 ? 66  GLN D N  1 
ATOM 210 C CA . GLN A 1 43  ? 48.822  17.957  27.019  1.00 123.13 ? 66  GLN D CA 1 
ATOM 211 C C  . GLN A 1 43  ? 49.500  17.366  28.238  1.00 123.13 ? 66  GLN D C  1 
ATOM 212 O O  . GLN A 1 43  ? 50.475  17.931  28.708  1.00 123.13 ? 66  GLN D O  1 
ATOM 213 H H  . GLN A 1 43  ? 47.377  16.614  26.197  1.00 123.13 ? 66  GLN D H  1 
ATOM 214 N N  . GLU A 1 44  ? 49.033  16.239  28.752  1.00 116.59 ? 67  GLU D N  1 
ATOM 215 C CA . GLU A 1 44  ? 49.620  15.633  29.942  1.00 116.59 ? 67  GLU D CA 1 
ATOM 216 C C  . GLU A 1 44  ? 51.064  15.263  29.687  1.00 116.59 ? 67  GLU D C  1 
ATOM 217 O O  . GLU A 1 44  ? 51.936  15.506  30.517  1.00 116.59 ? 67  GLU D O  1 
ATOM 218 H H  . GLU A 1 44  ? 48.206  15.827  28.344  1.00 116.59 ? 67  GLU D H  1 
ATOM 219 N N  . ALA A 1 45  ? 51.345  14.785  28.480  1.00 105.75 ? 68  ALA D N  1 
ATOM 220 C CA . ALA A 1 45  ? 52.713  14.518  28.081  1.00 105.75 ? 68  ALA D CA 1 
ATOM 221 C C  . ALA A 1 45  ? 53.575  15.771  28.233  1.00 105.75 ? 68  ALA D C  1 
ATOM 222 O O  . ALA A 1 45  ? 54.646  15.730  28.841  1.00 105.75 ? 68  ALA D O  1 
ATOM 223 H H  . ALA A 1 45  ? 50.587  14.621  27.833  1.00 105.75 ? 68  ALA D H  1 
ATOM 224 N N  . LYS A 1 46  ? 53.060  16.912  27.778  1.00 117.48 ? 69  LYS D N  1 
ATOM 225 C CA . LYS A 1 46  ? 53.762  18.184  27.910  1.00 117.48 ? 69  LYS D CA 1 
ATOM 226 C C  . LYS A 1 46  ? 53.966  18.516  29.366  1.00 117.48 ? 69  LYS D C  1 
ATOM 227 O O  . LYS A 1 46  ? 55.090  18.757  29.762  1.00 117.48 ? 69  LYS D O  1 
ATOM 228 H H  . LYS A 1 46  ? 52.136  16.896  27.370  1.00 117.48 ? 69  LYS D H  1 
ATOM 229 N N  . LYS A 1 47  ? 52.929  18.396  30.189  1.00 122.73 ? 70  LYS D N  1 
ATOM 230 C CA . LYS A 1 47  ? 53.003  18.740  31.611  1.00 122.73 ? 70  LYS D CA 1 
ATOM 231 C C  . LYS A 1 47  ? 54.127  18.016  32.319  1.00 122.73 ? 70  LYS D C  1 
ATOM 232 O O  . LYS A 1 47  ? 54.909  18.611  33.049  1.00 122.73 ? 70  LYS D O  1 
ATOM 233 H H  . LYS A 1 47  ? 52.047  18.111  29.788  1.00 122.73 ? 70  LYS D H  1 
ATOM 234 N N  . TRP A 1 48  ? 54.237  16.719  32.092  1.00 143.01 ? 71  TRP D N  1 
ATOM 235 C CA . TRP A 1 48  ? 55.310  15.965  32.715  1.00 143.01 ? 71  TRP D CA 1 
ATOM 236 C C  . TRP A 1 48  ? 56.665  16.259  32.101  1.00 143.01 ? 71  TRP D C  1 
ATOM 237 O O  . TRP A 1 48  ? 57.651  16.339  32.822  1.00 143.01 ? 71  TRP D O  1 
ATOM 238 H H  . TRP A 1 48  ? 53.573  16.264  31.482  1.00 143.01 ? 71  TRP D H  1 
ATOM 239 N N  . GLU A 1 49  ? 56.734  16.539  30.809  1.00 120.75 ? 72  GLU D N  1 
ATOM 240 C CA . GLU A 1 49  ? 57.961  17.069  30.233  1.00 120.75 ? 72  GLU D CA 1 
ATOM 241 C C  . GLU A 1 49  ? 58.346  18.406  30.882  1.00 120.75 ? 72  GLU D C  1 
ATOM 242 O O  . GLU A 1 49  ? 59.503  18.658  31.184  1.00 120.75 ? 72  GLU D O  1 
ATOM 243 H H  . GLU A 1 49  ? 55.906  16.487  30.232  1.00 120.75 ? 72  GLU D H  1 
ATOM 244 N N  . ASP A 1 50  ? 57.379  19.253  31.184  1.00 125.02 ? 73  ASP D N  1 
ATOM 245 C CA . ASP A 1 50  ? 57.613  20.489  31.901  1.00 125.02 ? 73  ASP D CA 1 
ATOM 246 C C  . ASP A 1 50  ? 58.174  20.198  33.289  1.00 125.02 ? 73  ASP D C  1 
ATOM 247 O O  . ASP A 1 50  ? 59.185  20.773  33.678  1.00 125.02 ? 73  ASP D O  1 
ATOM 248 H H  . ASP A 1 50  ? 56.441  19.026  30.889  1.00 125.02 ? 73  ASP D H  1 
ATOM 249 N N  . ARG A 1 51  ? 57.596  19.235  34.011  1.00 116.97 ? 74  ARG D N  1 
ATOM 250 C CA . ARG A 1 51  ? 58.108  18.799  35.316  1.00 116.97 ? 74  ARG D CA 1 
ATOM 251 C C  . ARG A 1 51  ? 59.562  18.335  35.195  1.00 116.97 ? 74  ARG D C  1 
ATOM 252 O O  . ARG A 1 51  ? 60.405  18.707  36.009  1.00 116.97 ? 74  ARG D O  1 
ATOM 253 H H  . ARG A 1 51  ? 56.771  18.797  33.630  1.00 116.97 ? 74  ARG D H  1 
ATOM 254 N N  . ALA A 1 52  ? 59.894  17.629  34.116  1.00 118.93 ? 75  ALA D N  1 
ATOM 255 C CA . ALA A 1 52  ? 61.270  17.282  33.799  1.00 118.93 ? 75  ALA D CA 1 
ATOM 256 C C  . ALA A 1 52  ? 62.127  18.542  33.634  1.00 118.93 ? 75  ALA D C  1 
ATOM 257 O O  . ALA A 1 52  ? 63.212  18.630  34.201  1.00 118.93 ? 75  ALA D O  1 
ATOM 258 H H  . ALA A 1 52  ? 59.163  17.360  33.474  1.00 118.93 ? 75  ALA D H  1 
ATOM 259 N N  . LYS A 1 53  ? 61.642  19.569  32.933  1.00 125.68 ? 76  LYS D N  1 
ATOM 260 C CA . LYS A 1 53  ? 62.397  20.816  32.779  1.00 125.68 ? 76  LYS D CA 1 
ATOM 261 C C  . LYS A 1 53  ? 62.682  21.462  34.127  1.00 125.68 ? 76  LYS D C  1 
ATOM 262 O O  . LYS A 1 53  ? 63.755  22.020  34.334  1.00 125.68 ? 76  LYS D O  1 
ATOM 263 H H  . LYS A 1 53  ? 60.736  19.483  32.495  1.00 125.68 ? 76  LYS D H  1 
ATOM 264 N N  . LEU A 1 54  ? 61.817  21.298  35.117  1.00 115.75 ? 77  LEU D N  1 
ATOM 265 C CA . LEU A 1 54  ? 62.141  21.784  36.457  1.00 115.75 ? 77  LEU D CA 1 
ATOM 266 C C  . LEU A 1 54  ? 63.413  21.129  36.989  1.00 115.75 ? 77  LEU D C  1 
ATOM 267 O O  . LEU A 1 54  ? 64.326  21.828  37.415  1.00 115.75 ? 77  LEU D O  1 
ATOM 268 H H  . LEU A 1 54  ? 60.941  20.830  34.932  1.00 115.75 ? 77  LEU D H  1 
ATOM 269 N N  . ALA A 1 55  ? 63.536  19.814  36.863  1.00 113.32 ? 78  ALA D N  1 
ATOM 270 C CA . ALA A 1 55  ? 64.793  19.154  37.201  1.00 113.32 ? 78  ALA D CA 1 
ATOM 271 C C  . ALA A 1 55  ? 65.964  19.643  36.329  1.00 113.32 ? 78  ALA D C  1 
ATOM 272 O O  . ALA A 1 55  ? 67.082  19.776  36.820  1.00 113.32 ? 78  ALA D O  1 
ATOM 273 H H  . ALA A 1 55  ? 62.790  19.282  36.439  1.00 113.32 ? 78  ALA D H  1 
ATOM 274 N N  . LEU A 1 56  ? 65.735  19.955  35.049  1.00 114.23 ? 79  LEU D N  1 
ATOM 275 C CA . LEU A 1 56  ? 66.795  20.531  34.212  1.00 114.23 ? 79  LEU D CA 1 
ATOM 276 C C  . LEU A 1 56  ? 67.267  21.866  34.772  1.00 114.23 ? 79  LEU D C  1 
ATOM 277 O O  . LEU A 1 56  ? 68.450  22.187  34.730  1.00 114.23 ? 79  LEU D O  1 
ATOM 278 H H  . LEU A 1 56  ? 64.812  19.804  34.666  1.00 114.23 ? 79  LEU D H  1 
ATOM 279 N N  . THR A 1 57  ? 66.326  22.643  35.299  1.00 95.75  ? 80  THR D N  1 
ATOM 280 C CA . THR A 1 57  ? 66.553  24.003  35.779  1.00 95.75  ? 80  THR D CA 1 
ATOM 281 C C  . THR A 1 57  ? 67.596  23.978  36.878  1.00 95.75  ? 80  THR D C  1 
ATOM 282 O O  . THR A 1 57  ? 68.608  24.671  36.809  1.00 95.75  ? 80  THR D O  1 
ATOM 283 H H  . THR A 1 57  ? 65.388  22.270  35.329  1.00 95.75  ? 80  THR D H  1 
ATOM 284 N N  . ASN A 1 58  ? 67.390  23.083  37.835  1.00 100.55 ? 81  ASN D N  1 
ATOM 285 C CA . ASN A 1 58  ? 68.441  22.491  38.634  1.00 100.55 ? 81  ASN D CA 1 
ATOM 286 C C  . ASN A 1 58  ? 67.890  21.227  39.298  1.00 100.55 ? 81  ASN D C  1 
ATOM 287 O O  . ASN A 1 58  ? 66.676  21.080  39.452  1.00 100.55 ? 81  ASN D O  1 
ATOM 288 H H  . ASN A 1 58  ? 66.516  22.579  37.827  1.00 100.55 ? 81  ASN D H  1 
ATOM 289 N N  . GLY A 1 59  ? 68.793  20.352  39.729  1.00 122.87 ? 82  GLY D N  1 
ATOM 290 C CA . GLY A 1 59  ? 68.498  19.236  40.618  1.00 122.87 ? 82  GLY D CA 1 
ATOM 291 C C  . GLY A 1 59  ? 68.457  17.870  39.936  1.00 122.87 ? 82  GLY D C  1 
ATOM 292 O O  . GLY A 1 59  ? 69.429  17.409  39.344  1.00 122.87 ? 82  GLY D O  1 
ATOM 293 H H  . GLY A 1 59  ? 69.766  20.559  39.560  1.00 122.87 ? 82  GLY D H  1 
ATOM 294 N N  . GLU A 1 60  ? 67.348  17.174  40.124  1.00 120.37 ? 83  GLU D N  1 
ATOM 295 C CA . GLU A 1 60  ? 67.316  15.716  40.087  1.00 120.37 ? 83  GLU D CA 1 
ATOM 296 C C  . GLU A 1 60  ? 67.168  15.102  38.710  1.00 120.37 ? 83  GLU D C  1 
ATOM 297 O O  . GLU A 1 60  ? 66.073  14.960  38.177  1.00 120.37 ? 83  GLU D O  1 
ATOM 298 H H  . GLU A 1 60  ? 66.578  17.634  40.584  1.00 120.37 ? 83  GLU D H  1 
ATOM 299 N N  . GLU A 1 61  ? 68.270  14.587  38.168  1.00 128.35 ? 84  GLU D N  1 
ATOM 300 C CA . GLU A 1 61  ? 68.235  13.762  36.961  1.00 128.35 ? 84  GLU D CA 1 
ATOM 301 C C  . GLU A 1 61  ? 67.286  12.570  37.115  1.00 128.35 ? 84  GLU D C  1 
ATOM 302 O O  . GLU A 1 61  ? 66.633  12.155  36.161  1.00 128.35 ? 84  GLU D O  1 
ATOM 303 H H  . GLU A 1 61  ? 69.157  14.787  38.607  1.00 128.35 ? 84  GLU D H  1 
ATOM 304 N N  . ASN A 1 62  ? 67.180  12.033  38.324  1.00 123.00 ? 85  ASN D N  1 
ATOM 305 C CA . ASN A 1 62  ? 66.263  10.945  38.628  1.00 123.00 ? 85  ASN D CA 1 
ATOM 306 C C  . ASN A 1 62  ? 64.825  11.403  38.387  1.00 123.00 ? 85  ASN D C  1 
ATOM 307 O O  . ASN A 1 62  ? 64.140  10.813  37.563  1.00 123.00 ? 85  ASN D O  1 
ATOM 308 H H  . ASN A 1 62  ? 67.719  12.429  39.081  1.00 123.00 ? 85  ASN D H  1 
ATOM 309 N N  . LEU A 1 63  ? 64.424  12.543  38.950  1.00 115.32 ? 86  LEU D N  1 
ATOM 310 C CA . LEU A 1 63  ? 63.147  13.156  38.627  1.00 115.32 ? 86  LEU D CA 1 
ATOM 311 C C  . LEU A 1 63  ? 63.025  13.400  37.129  1.00 115.32 ? 86  LEU D C  1 
ATOM 312 O O  . LEU A 1 63  ? 61.978  13.148  36.546  1.00 115.32 ? 86  LEU D O  1 
ATOM 313 H H  . LEU A 1 63  ? 65.037  13.016  39.598  1.00 115.32 ? 86  LEU D H  1 
ATOM 314 N N  . ALA A 1 64  ? 64.074  13.891  36.485  1.00 115.37 ? 87  ALA D N  1 
ATOM 315 C CA . ALA A 1 64  ? 63.979  14.241  35.081  1.00 115.37 ? 87  ALA D CA 1 
ATOM 316 C C  . ALA A 1 64  ? 63.634  13.015  34.235  1.00 115.37 ? 87  ALA D C  1 
ATOM 317 O O  . ALA A 1 64  ? 62.662  13.023  33.481  1.00 115.37 ? 87  ALA D O  1 
ATOM 318 H H  . ALA A 1 64  ? 64.904  14.119  37.012  1.00 115.37 ? 87  ALA D H  1 
ATOM 319 N N  . ARG A 1 65  ? 64.369  11.913  34.410  1.00 112.81 ? 88  ARG D N  1 
ATOM 320 C CA . ARG A 1 65  ? 64.095  10.697  33.642  1.00 112.81 ? 88  ARG D CA 1 
ATOM 321 C C  . ARG A 1 65  ? 62.814  10.016  34.118  1.00 112.81 ? 88  ARG D C  1 
ATOM 322 O O  . ARG A 1 65  ? 62.067  9.488   33.304  1.00 112.81 ? 88  ARG D O  1 
ATOM 323 H H  . ARG A 1 65  ? 65.114  11.925  35.093  1.00 112.81 ? 88  ARG D H  1 
ATOM 324 N N  . GLU A 1 66  ? 62.466  10.110  35.392  1.00 138.98 ? 89  GLU D N  1 
ATOM 325 C CA . GLU A 1 66  ? 61.154  9.688   35.872  1.00 138.98 ? 89  GLU D CA 1 
ATOM 326 C C  . GLU A 1 66  ? 60.042  10.396  35.101  1.00 138.98 ? 89  GLU D C  1 
ATOM 327 O O  . GLU A 1 66  ? 59.112  9.764   34.601  1.00 138.98 ? 89  GLU D O  1 
ATOM 328 H H  . GLU A 1 66  ? 63.093  10.560  36.044  1.00 138.98 ? 89  GLU D H  1 
ATOM 329 N N  . ALA A 1 67  ? 60.160  11.705  34.939  1.00 129.41 ? 90  ALA D N  1 
ATOM 330 C CA . ALA A 1 67  ? 59.211  12.498  34.195  1.00 129.41 ? 90  ALA D CA 1 
ATOM 331 C C  . ALA A 1 67  ? 59.206  12.112  32.712  1.00 129.41 ? 90  ALA D C  1 
ATOM 332 O O  . ALA A 1 67  ? 58.130  12.001  32.126  1.00 129.41 ? 90  ALA D O  1 
ATOM 333 H H  . ALA A 1 67  ? 60.941  12.181  35.367  1.00 129.41 ? 90  ALA D H  1 
ATOM 334 N N  . LEU A 1 68  ? 60.355  11.760  32.117  1.00 156.03 ? 91  LEU D N  1 
ATOM 335 C CA . LEU A 1 68  ? 60.353  11.144  30.784  1.00 156.03 ? 91  LEU D CA 1 
ATOM 336 C C  . LEU A 1 68  ? 59.501  9.890   30.769  1.00 156.03 ? 91  LEU D C  1 
ATOM 337 O O  . LEU A 1 68  ? 58.757  9.681   29.822  1.00 156.03 ? 91  LEU D O  1 
ATOM 338 H H  . LEU A 1 68  ? 61.221  11.892  32.617  1.00 156.03 ? 91  LEU D H  1 
ATOM 339 N N  . ALA A 1 69  ? 59.552  9.057   31.797  1.00 158.71 ? 92  ALA D N  1 
ATOM 340 C CA . ALA A 1 69  ? 58.747  7.844   31.797  1.00 158.71 ? 92  ALA D CA 1 
ATOM 341 C C  . ALA A 1 69  ? 57.258  8.176   31.766  1.00 158.71 ? 92  ALA D C  1 
ATOM 342 O O  . ALA A 1 69  ? 56.496  7.528   31.049  1.00 158.71 ? 92  ALA D O  1 
ATOM 343 H H  . ALA A 1 69  ? 60.174  9.248   32.568  1.00 158.71 ? 92  ALA D H  1 
ATOM 344 N N  . ARG A 1 70  ? 56.839  9.233   32.465  1.00 143.06 ? 93  ARG D N  1 
ATOM 345 C CA . ARG A 1 70  ? 55.435  9.653   32.407  1.00 143.06 ? 93  ARG D CA 1 
ATOM 346 C C  . ARG A 1 70  ? 55.107  10.069  30.983  1.00 143.06 ? 93  ARG D C  1 
ATOM 347 O O  . ARG A 1 70  ? 54.194  9.525   30.372  1.00 143.06 ? 93  ARG D O  1 
ATOM 348 H H  . ARG A 1 70  ? 57.518  9.765   32.989  1.00 143.06 ? 93  ARG D H  1 
ATOM 349 N N  . LYS A 1 71  ? 55.940  10.936  30.408  1.00 169.53 ? 94  LYS D N  1 
ATOM 350 C CA . LYS A 1 71  ? 55.786  11.453  29.042  1.00 169.53 ? 94  LYS D CA 1 
ATOM 351 C C  . LYS A 1 71  ? 55.658  10.308  28.052  1.00 169.53 ? 94  LYS D C  1 
ATOM 352 O O  . LYS A 1 71  ? 54.729  10.271  27.249  1.00 169.53 ? 94  LYS D O  1 
ATOM 353 H H  . LYS A 1 71  ? 56.680  11.301  30.990  1.00 169.53 ? 94  LYS D H  1 
ATOM 354 N N  . LYS A 1 72  ? 56.550  9.323   28.142  1.00 170.97 ? 95  LYS D N  1 
ATOM 355 C CA . LYS A 1 72  ? 56.527  8.147   27.283  1.00 170.97 ? 95  LYS D CA 1 
ATOM 356 C C  . LYS A 1 72  ? 55.211  7.401   27.453  1.00 170.97 ? 95  LYS D C  1 
ATOM 357 O O  . LYS A 1 72  ? 54.475  7.259   26.490  1.00 170.97 ? 95  LYS D O  1 
ATOM 358 H H  . LYS A 1 72  ? 57.280  9.411   28.833  1.00 170.97 ? 95  LYS D H  1 
ATOM 359 N N  . SER A 1 73  ? 54.828  7.111   28.686  1.00 184.02 ? 96  SER D N  1 
ATOM 360 C CA . SER A 1 73  ? 53.621  6.332   28.979  1.00 184.02 ? 96  SER D CA 1 
ATOM 361 C C  . SER A 1 73  ? 52.373  6.960   28.370  1.00 184.02 ? 96  SER D C  1 
ATOM 362 O O  . SER A 1 73  ? 51.538  6.322   27.722  1.00 184.02 ? 96  SER D O  1 
ATOM 363 H H  . SER A 1 73  ? 55.440  7.350   29.452  1.00 184.02 ? 96  SER D H  1 
ATOM 364 N N  . LEU A 1 74  ? 52.288  8.274   28.512  1.00 168.99 ? 97  LEU D N  1 
ATOM 365 C CA . LEU A 1 74  ? 51.222  9.049   27.930  1.00 168.99 ? 97  LEU D CA 1 
ATOM 366 C C  . LEU A 1 74  ? 51.273  8.949   26.408  1.00 168.99 ? 97  LEU D C  1 
ATOM 367 O O  . LEU A 1 74  ? 50.271  8.613   25.788  1.00 168.99 ? 97  LEU D O  1 
ATOM 368 H H  . LEU A 1 74  ? 53.003  8.738   29.053  1.00 168.99 ? 97  LEU D H  1 
ATOM 369 N N  . THR A 1 75  ? 52.445  9.154   25.813  1.00 190.76 ? 98  THR D N  1 
ATOM 370 C CA . THR A 1 75  ? 52.639  9.122   24.357  1.00 190.76 ? 98  THR D CA 1 
ATOM 371 C C  . THR A 1 75  ? 52.122  7.816   23.777  1.00 190.76 ? 98  THR D C  1 
ATOM 372 O O  . THR A 1 75  ? 51.384  7.783   22.795  1.00 190.76 ? 98  THR D O  1 
ATOM 373 H H  . THR A 1 75  ? 53.246  9.317   26.406  1.00 190.76 ? 98  THR D H  1 
ATOM 374 N N  . ASP A 1 76  ? 52.461  6.731   24.448  1.00 206.05 ? 99  ASP D N  1 
ATOM 375 C CA . ASP A 1 76  ? 52.096  5.386   24.054  1.00 206.05 ? 99  ASP D CA 1 
ATOM 376 C C  . ASP A 1 76  ? 50.579  5.207   24.110  1.00 206.05 ? 99  ASP D C  1 
ATOM 377 O O  . ASP A 1 76  ? 49.945  4.709   23.178  1.00 206.05 ? 99  ASP D O  1 
ATOM 378 H H  . ASP A 1 76  ? 53.090  6.844   25.230  1.00 206.05 ? 99  ASP D H  1 
ATOM 379 N N  . THR A 1 77  ? 49.972  5.708   25.179  1.00 175.06 ? 100 THR D N  1 
ATOM 380 C CA . THR A 1 77  ? 48.521  5.682   25.344  1.00 175.06 ? 100 THR D CA 1 
ATOM 381 C C  . THR A 1 77  ? 47.826  6.467   24.234  1.00 175.06 ? 100 THR D C  1 
ATOM 382 O O  . THR A 1 77  ? 46.837  6.018   23.665  1.00 175.06 ? 100 THR D O  1 
ATOM 383 H H  . THR A 1 77  ? 50.537  6.165   25.878  1.00 175.06 ? 100 THR D H  1 
ATOM 384 N N  . ALA A 1 78  ? 48.374  7.618   23.866  1.00 181.54 ? 101 ALA D N  1 
ATOM 385 C CA . ALA A 1 78  ? 47.826  8.447   22.807  1.00 181.54 ? 101 ALA D CA 1 
ATOM 386 C C  . ALA A 1 78  ? 47.901  7.749   21.457  1.00 181.54 ? 101 ALA D C  1 
ATOM 387 O O  . ALA A 1 78  ? 46.955  7.810   20.681  1.00 181.54 ? 101 ALA D O  1 
ATOM 388 H H  . ALA A 1 78  ? 49.189  7.949   24.363  1.00 181.54 ? 101 ALA D H  1 
ATOM 389 N N  . ALA A 1 79  ? 48.958  6.991   21.178  1.00 179.50 ? 102 ALA D N  1 
ATOM 390 C CA . ALA A 1 79  ? 49.000  6.176   19.974  1.00 179.50 ? 102 ALA D CA 1 
ATOM 391 C C  . ALA A 1 79  ? 47.901  5.103   19.983  1.00 179.50 ? 102 ALA D C  1 
ATOM 392 O O  . ALA A 1 79  ? 47.204  4.893   18.985  1.00 179.50 ? 102 ALA D O  1 
ATOM 393 H H  . ALA A 1 79  ? 49.734  6.974   21.824  1.00 179.50 ? 102 ALA D H  1 
ATOM 394 N N  . ALA A 1 80  ? 47.675  4.456   21.125  1.00 174.72 ? 103 ALA D N  1 
ATOM 395 C CA . ALA A 1 80  ? 46.603  3.480   21.251  1.00 174.72 ? 103 ALA D CA 1 
ATOM 396 C C  . ALA A 1 80  ? 45.237  4.121   20.990  1.00 174.72 ? 103 ALA D C  1 
ATOM 397 O O  . ALA A 1 80  ? 44.433  3.619   20.212  1.00 174.72 ? 103 ALA D O  1 
ATOM 398 H H  . ALA A 1 80  ? 48.277  4.647   21.913  1.00 174.72 ? 103 ALA D H  1 
ATOM 399 N N  . TYR A 1 81  ? 44.999  5.287   21.567  1.00 173.55 ? 104 TYR D N  1 
ATOM 400 C CA . TYR A 1 81  ? 43.750  6.010   21.368  1.00 173.55 ? 104 TYR D CA 1 
ATOM 401 C C  . TYR A 1 81  ? 43.623  6.531   19.932  1.00 173.55 ? 104 TYR D C  1 
ATOM 402 O O  . TYR A 1 81  ? 42.551  6.462   19.344  1.00 173.55 ? 104 TYR D O  1 
ATOM 403 H H  . TYR A 1 81  ? 45.672  5.661   22.221  1.00 173.55 ? 104 TYR D H  1 
ATOM 404 N N  . GLN A 1 82  ? 44.712  6.940   19.294  1.00 184.30 ? 105 GLN D N  1 
ATOM 405 C CA . GLN A 1 82  ? 44.706  7.310   17.881  1.00 184.30 ? 105 GLN D CA 1 
ATOM 406 C C  . GLN A 1 82  ? 44.265  6.132   17.007  1.00 184.30 ? 105 GLN D C  1 
ATOM 407 O O  . GLN A 1 82  ? 43.472  6.255   16.076  1.00 184.30 ? 105 GLN D O  1 
ATOM 408 H H  . GLN A 1 82  ? 45.580  7.023   19.802  1.00 184.30 ? 105 GLN D H  1 
ATOM 409 N N  . THR A 1 83  ? 44.728  4.941   17.364  1.00 180.44 ? 106 THR D N  1 
ATOM 410 C CA . THR A 1 83  ? 44.329  3.711   16.689  1.00 180.44 ? 106 THR D CA 1 
ATOM 411 C C  . THR A 1 83  ? 42.837  3.462   16.889  1.00 180.44 ? 106 THR D C  1 
ATOM 412 O O  . THR A 1 83  ? 42.097  3.235   15.931  1.00 180.44 ? 106 THR D O  1 
ATOM 413 H H  . THR A 1 83  ? 45.360  4.907   18.152  1.00 180.44 ? 106 THR D H  1 
ATOM 414 N N  . GLN A 1 84  ? 42.371  3.574   18.129  1.00 173.86 ? 107 GLN D N  1 
ATOM 415 C CA . GLN A 1 84  ? 40.966  3.411   18.482  1.00 173.86 ? 107 GLN D CA 1 
ATOM 416 C C  . GLN A 1 84  ? 40.086  4.376   17.673  1.00 173.86 ? 107 GLN D C  1 
ATOM 417 O O  . GLN A 1 84  ? 39.073  3.965   17.115  1.00 173.86 ? 107 GLN D O  1 
ATOM 418 H H  . GLN A 1 84  ? 43.022  3.767   18.876  1.00 173.86 ? 107 GLN D H  1 
ATOM 419 N N  . LEU A 1 85  ? 40.518  5.629   17.512  1.00 190.01 ? 108 LEU D N  1 
ATOM 420 C CA . LEU A 1 85  ? 39.846  6.651   16.715  1.00 190.01 ? 108 LEU D CA 1 
ATOM 421 C C  . LEU A 1 85  ? 39.669  6.219   15.261  1.00 190.01 ? 108 LEU D C  1 
ATOM 422 O O  . LEU A 1 85  ? 38.590  6.387   14.698  1.00 190.01 ? 108 LEU D O  1 
ATOM 423 H H  . LEU A 1 85  ? 41.365  5.893   17.996  1.00 190.01 ? 108 LEU D H  1 
ATOM 424 N N  . ALA A 1 86  ? 40.676  5.608   14.652  1.00 185.08 ? 109 ALA D N  1 
ATOM 425 C CA . ALA A 1 86  ? 40.517  5.093   13.299  1.00 185.08 ? 109 ALA D CA 1 
ATOM 426 C C  . ALA A 1 86  ? 39.383  4.060   13.221  1.00 185.08 ? 109 ALA D C  1 
ATOM 427 O O  . ALA A 1 86  ? 38.548  4.104   12.313  1.00 185.08 ? 109 ALA D O  1 
ATOM 428 H H  . ALA A 1 86  ? 41.551  5.479   15.139  1.00 185.08 ? 109 ALA D H  1 
ATOM 429 N N  . GLN A 1 87  ? 39.262  3.206   14.235  1.00 178.25 ? 110 GLN D N  1 
ATOM 430 C CA . GLN A 1 87  ? 38.183  2.218   14.281  1.00 178.25 ? 110 GLN D CA 1 
ATOM 431 C C  . GLN A 1 87  ? 36.826  2.893   14.422  1.00 178.25 ? 110 GLN D C  1 
ATOM 432 O O  . GLN A 1 87  ? 35.845  2.459   13.825  1.00 178.25 ? 110 GLN D O  1 
ATOM 433 H H  . GLN A 1 87  ? 39.921  3.268   14.997  1.00 178.25 ? 110 GLN D H  1 
ATOM 434 N N  . GLN A 1 88  ? 36.771  3.995   15.166  1.00 182.25 ? 111 GLN D N  1 
ATOM 435 C CA . GLN A 1 88  ? 35.523  4.725   15.317  1.00 182.25 ? 111 GLN D CA 1 
ATOM 436 C C  . GLN A 1 88  ? 35.125  5.342   13.983  1.00 182.25 ? 111 GLN D C  1 
ATOM 437 O O  . GLN A 1 88  ? 34.015  5.126   13.519  1.00 182.25 ? 111 GLN D O  1 
ATOM 438 H H  . GLN A 1 88  ? 37.604  4.305   15.646  1.00 182.25 ? 111 GLN D H  1 
ATOM 439 N N  . ARG A 1 89  ? 36.032  6.048   13.305  1.00 178.13 ? 112 ARG D N  1 
ATOM 440 C CA . ARG A 1 89  ? 35.689  6.768   12.068  1.00 178.13 ? 112 ARG D CA 1 
ATOM 441 C C  . ARG A 1 89  ? 35.301  5.829   10.945  1.00 178.13 ? 112 ARG D C  1 
ATOM 442 O O  . ARG A 1 89  ? 34.322  6.059   10.239  1.00 178.13 ? 112 ARG D O  1 
ATOM 443 H H  . ARG A 1 89  ? 36.947  6.172   13.716  1.00 178.13 ? 112 ARG D H  1 
ATOM 444 N N  . THR A 1 90  ? 36.006  4.719   10.839  1.00 167.58 ? 113 THR D N  1 
ATOM 445 C CA . THR A 1 90  ? 35.653  3.671   9.883   1.00 167.58 ? 113 THR D CA 1 
ATOM 446 C C  . THR A 1 90  ? 34.279  3.087   10.183  1.00 167.58 ? 113 THR D C  1 
ATOM 447 O O  . THR A 1 90  ? 33.425  3.047   9.299   1.00 167.58 ? 113 THR D O  1 
ATOM 448 H H  . THR A 1 90  ? 36.798  4.589   11.454  1.00 167.58 ? 113 THR D H  1 
ATOM 449 N N  . MET A 1 91  ? 34.010  2.733   11.438  1.00 149.48 ? 114 MET D N  1 
ATOM 450 C CA . MET A 1 91  ? 32.695  2.247   11.827  1.00 149.48 ? 114 MET D CA 1 
ATOM 451 C C  . MET A 1 91  ? 31.605  3.304   11.608  1.00 149.48 ? 114 MET D C  1 
ATOM 452 O O  . MET A 1 91  ? 30.500  2.982   11.195  1.00 149.48 ? 114 MET D O  1 
ATOM 453 H H  . MET A 1 91  ? 34.742  2.764   12.134  1.00 149.48 ? 114 MET D H  1 
ATOM 454 N N  . SER A 1 92  ? 31.920  4.577   11.807  1.00 164.12 ? 115 SER D N  1 
ATOM 455 C CA . SER A 1 92  ? 30.980  5.678   11.605  1.00 164.12 ? 115 SER D CA 1 
ATOM 456 C C  . SER A 1 92  ? 30.549  5.773   10.154  1.00 164.12 ? 115 SER D C  1 
ATOM 457 O O  . SER A 1 92  ? 29.362  5.769   9.847   1.00 164.12 ? 115 SER D O  1 
ATOM 458 H H  . SER A 1 92  ? 32.834  4.787   12.180  1.00 164.12 ? 115 SER D H  1 
ATOM 459 N N  . GLU A 1 93  ? 31.502  5.772   9.233   1.00 164.47 ? 116 GLU D N  1 
ATOM 460 C CA . GLU A 1 93  ? 31.160  5.832   7.824   1.00 164.47 ? 116 GLU D CA 1 
ATOM 461 C C  . GLU A 1 93  ? 30.470  4.561   7.362   1.00 164.47 ? 116 GLU D C  1 
ATOM 462 O O  . GLU A 1 93  ? 29.568  4.624   6.531   1.00 164.47 ? 116 GLU D O  1 
ATOM 463 H H  . GLU A 1 93  ? 32.473  5.761   9.510   1.00 164.47 ? 116 GLU D H  1 
ATOM 464 N N  . ASN A 1 94  ? 30.816  3.418   7.949   1.00 172.09 ? 117 ASN D N  1 
ATOM 465 C CA . ASN A 1 94  ? 30.050  2.200   7.752   1.00 172.09 ? 117 ASN D CA 1 
ATOM 466 C C  . ASN A 1 94  ? 28.578  2.398   8.130   1.00 172.09 ? 117 ASN D C  1 
ATOM 467 O O  . ASN A 1 94  ? 27.703  2.184   7.296   1.00 172.09 ? 117 ASN D O  1 
ATOM 468 H H  . ASN A 1 94  ? 31.573  3.419   8.619   1.00 172.09 ? 117 ASN D H  1 
ATOM 469 N N  . LEU A 1 95  ? 28.284  2.924   9.317   1.00 147.52 ? 118 LEU D N  1 
ATOM 470 C CA . LEU A 1 95  ? 26.898  3.165   9.694   1.00 147.52 ? 118 LEU D CA 1 
ATOM 471 C C  . LEU A 1 95  ? 26.241  4.156   8.749   1.00 147.52 ? 118 LEU D C  1 
ATOM 472 O O  . LEU A 1 95  ? 25.113  3.948   8.327   1.00 147.52 ? 118 LEU D O  1 
ATOM 473 H H  . LEU A 1 95  ? 29.027  3.132   9.970   1.00 147.52 ? 118 LEU D H  1 
ATOM 474 N N  . ARG A 1 96  ? 26.956  5.219   8.391   1.00 141.84 ? 119 ARG D N  1 
ATOM 475 C CA . ARG A 1 96  ? 26.430  6.301   7.575   1.00 141.84 ? 119 ARG D CA 1 
ATOM 476 C C  . ARG A 1 96  ? 25.978  5.788   6.221   1.00 141.84 ? 119 ARG D C  1 
ATOM 477 O O  . ARG A 1 96  ? 24.851  6.038   5.802   1.00 141.84 ? 119 ARG D O  1 
ATOM 478 H H  . ARG A 1 96  ? 27.882  5.316   8.782   1.00 141.84 ? 119 ARG D H  1 
ATOM 479 N N  . ARG A 1 97  ? 26.833  5.015   5.562   1.00 161.12 ? 120 ARG D N  1 
ATOM 480 C CA . ARG A 1 97  ? 26.534  4.410   4.266   1.00 161.12 ? 120 ARG D CA 1 
ATOM 481 C C  . ARG A 1 97  ? 25.409  3.399   4.384   1.00 161.12 ? 120 ARG D C  1 
ATOM 482 O O  . ARG A 1 97  ? 24.455  3.461   3.612   1.00 161.12 ? 120 ARG D O  1 
ATOM 483 H H  . ARG A 1 97  ? 27.735  4.850   5.985   1.00 161.12 ? 120 ARG D H  1 
ATOM 484 N N  . ASN A 1 98  ? 25.469  2.531   5.390   1.00 154.60 ? 121 ASN D N  1 
ATOM 485 C CA . ASN A 1 98  ? 24.419  1.560   5.644   1.00 154.60 ? 121 ASN D CA 1 
ATOM 486 C C  . ASN A 1 98  ? 23.078  2.237   5.828   1.00 154.60 ? 121 ASN D C  1 
ATOM 487 O O  . ASN A 1 98  ? 22.085  1.794   5.266   1.00 154.60 ? 121 ASN D O  1 
ATOM 488 H H  . ASN A 1 98  ? 26.274  2.545   5.998   1.00 154.60 ? 121 ASN D H  1 
ATOM 489 N N  . LEU A 1 99  ? 23.056  3.334   6.566   1.00 153.73 ? 122 LEU D N  1 
ATOM 490 C CA . LEU A 1 99  ? 21.840  4.057   6.816   1.00 153.73 ? 122 LEU D CA 1 
ATOM 491 C C  . LEU A 1 99  ? 21.336  4.707   5.545   1.00 153.73 ? 122 LEU D C  1 
ATOM 492 O O  . LEU A 1 99  ? 20.194  4.498   5.179   1.00 153.73 ? 122 LEU D O  1 
ATOM 493 H H  . LEU A 1 99  ? 23.901  3.641   7.026   1.00 153.73 ? 122 LEU D H  1 
ATOM 494 N N  . ALA A 1 100 ? 22.181  5.455   4.845   1.00 143.61 ? 123 ALA D N  1 
ATOM 495 C CA . ALA A 1 100 ? 21.752  6.193   3.674   1.00 143.61 ? 123 ALA D CA 1 
ATOM 496 C C  . ALA A 1 100 ? 21.135  5.267   2.619   1.00 143.61 ? 123 ALA D C  1 
ATOM 497 O O  . ALA A 1 100 ? 20.078  5.537   2.044   1.00 143.61 ? 123 ALA D O  1 
ATOM 498 H H  . ALA A 1 100 ? 23.122  5.587   5.185   1.00 143.61 ? 123 ALA D H  1 
ATOM 499 N N  . ALA A 1 101 ? 21.777  4.120   2.424   1.00 151.68 ? 124 ALA D N  1 
ATOM 500 C CA . ALA A 1 101 ? 21.272  3.071   1.573   1.00 151.68 ? 124 ALA D CA 1 
ATOM 501 C C  . ALA A 1 101 ? 19.955  2.504   2.108   1.00 151.68 ? 124 ALA D C  1 
ATOM 502 O O  . ALA A 1 101 ? 18.974  2.426   1.374   1.00 151.68 ? 124 ALA D O  1 
ATOM 503 H H  . ALA A 1 101 ? 22.634  3.955   2.933   1.00 151.68 ? 124 ALA D H  1 
ATOM 504 N N  . LEU A 1 102 ? 19.916  2.136   3.385   1.00 131.59 ? 125 LEU D N  1 
ATOM 505 C CA . LEU A 1 102 ? 18.738  1.568   4.013   1.00 131.59 ? 125 LEU D CA 1 
ATOM 506 C C  . LEU A 1 102 ? 17.551  2.512   3.897   1.00 131.59 ? 125 LEU D C  1 
ATOM 507 O O  . LEU A 1 102 ? 16.450  2.096   3.587   1.00 131.59 ? 125 LEU D O  1 
ATOM 508 H H  . LEU A 1 102 ? 20.743  2.250   3.954   1.00 131.59 ? 125 LEU D H  1 
ATOM 509 N N  . GLU A 1 103 ? 17.770  3.797   4.073   1.00 160.46 ? 126 GLU D N  1 
ATOM 510 C CA . GLU A 1 103 ? 16.738  4.808   3.951   1.00 160.46 ? 126 GLU D CA 1 
ATOM 511 C C  . GLU A 1 103 ? 16.183  4.867   2.542   1.00 160.46 ? 126 GLU D C  1 
ATOM 512 O O  . GLU A 1 103 ? 14.970  4.847   2.351   1.00 160.46 ? 126 GLU D O  1 
ATOM 513 H H  . GLU A 1 103 ? 18.697  4.091   4.342   1.00 160.46 ? 126 GLU D H  1 
ATOM 514 N N  . ALA A 1 104 ? 17.045  4.869   1.531   1.00 157.01 ? 127 ALA D N  1 
ATOM 515 C CA . ALA A 1 104 ? 16.574  4.807   0.164   1.00 157.01 ? 127 ALA D CA 1 
ATOM 516 C C  . ALA A 1 104 ? 15.777  3.518   -0.083  1.00 157.01 ? 127 ALA D C  1 
ATOM 517 O O  . ALA A 1 104 ? 14.695  3.542   -0.671  1.00 157.01 ? 127 ALA D O  1 
ATOM 518 H H  . ALA A 1 104 ? 18.037  4.874   1.717   1.00 157.01 ? 127 ALA D H  1 
ATOM 519 N N  . LYS A 1 105 ? 16.276  2.392   0.427   1.00 170.64 ? 128 LYS D N  1 
ATOM 520 C CA . LYS A 1 105 ? 15.647  1.083   0.259   1.00 170.64 ? 128 LYS D CA 1 
ATOM 521 C C  . LYS A 1 105 ? 14.260  1.067   0.861   1.00 170.64 ? 128 LYS D C  1 
ATOM 522 O O  . LYS A 1 105 ? 13.300  0.704   0.195   1.00 170.64 ? 128 LYS D O  1 
ATOM 523 H H  . LYS A 1 105 ? 17.150  2.450   0.930   1.00 170.64 ? 128 LYS D H  1 
ATOM 524 N N  . ILE A 1 106 ? 14.154  1.514   2.098   1.00 156.89 ? 129 ILE D N  1 
ATOM 525 C CA . ILE A 1 106 ? 12.898  1.645   2.811   1.00 156.89 ? 129 ILE D CA 1 
ATOM 526 C C  . ILE A 1 106 ? 11.948  2.521   2.009   1.00 156.89 ? 129 ILE D C  1 
ATOM 527 O O  . ILE A 1 106 ? 10.811  2.136   1.747   1.00 156.89 ? 129 ILE D O  1 
ATOM 528 H H  . ILE A 1 106 ? 15.000  1.801   2.568   1.00 156.89 ? 129 ILE D H  1 
ATOM 529 N N  . SER A 1 107 ? 12.439  3.685   1.591   1.00 156.53 ? 130 SER D N  1 
ATOM 530 C CA . SER A 1 107 ? 11.629  4.711   0.959   1.00 156.53 ? 130 SER D CA 1 
ATOM 531 C C  . SER A 1 107 ? 10.974  4.169   -0.290  1.00 156.53 ? 130 SER D C  1 
ATOM 532 O O  . SER A 1 107 ? 9.754   4.220   -0.462  1.00 156.53 ? 130 SER D O  1 
ATOM 533 H H  . SER A 1 107 ? 13.395  3.908   1.824   1.00 156.53 ? 130 SER D H  1 
ATOM 534 N N  . GLU A 1 108 ? 11.785  3.566   -1.144  1.00 168.59 ? 131 GLU D N  1 
ATOM 535 C CA . GLU A 1 108 ? 11.243  3.029   -2.362  1.00 168.59 ? 131 GLU D CA 1 
ATOM 536 C C  . GLU A 1 108 ? 10.446  1.757   -2.146  1.00 168.59 ? 131 GLU D C  1 
ATOM 537 O O  . GLU A 1 108 ? 9.428   1.585   -2.801  1.00 168.59 ? 131 GLU D O  1 
ATOM 538 H H  . GLU A 1 108 ? 12.779  3.530   -0.970  1.00 168.59 ? 131 GLU D H  1 
ATOM 539 N N  . ALA A 1 109 ? 10.817  0.909   -1.190  1.00 151.52 ? 132 ALA D N  1 
ATOM 540 C CA . ALA A 1 109 ? 10.055  -0.294  -0.903  1.00 151.52 ? 132 ALA D CA 1 
ATOM 541 C C  . ALA A 1 109 ? 8.618   0.067   -0.533  1.00 151.52 ? 132 ALA D C  1 
ATOM 542 O O  . ALA A 1 109 ? 7.664   -0.402  -1.160  1.00 151.52 ? 132 ALA D O  1 
ATOM 543 H H  . ALA A 1 109 ? 11.653  1.090   -0.653  1.00 151.52 ? 132 ALA D H  1 
ATOM 544 N N  . LYS A 1 110 ? 8.469   1.009   0.400   1.00 158.04 ? 133 LYS D N  1 
ATOM 545 C CA . LYS A 1 110 ? 7.169   1.547   0.776   1.00 158.04 ? 133 LYS D CA 1 
ATOM 546 C C  . LYS A 1 110 ? 6.460   2.130   -0.433  1.00 158.04 ? 133 LYS D C  1 
ATOM 547 O O  . LYS A 1 110 ? 5.313   1.782   -0.701  1.00 158.04 ? 133 LYS D O  1 
ATOM 548 H H  . LYS A 1 110 ? 9.299   1.378   0.842   1.00 158.04 ? 133 LYS D H  1 
ATOM 549 N N  . THR A 1 111 ? 7.136   2.994   -1.187  1.00 146.24 ? 134 THR D N  1 
ATOM 550 C CA . THR A 1 111 ? 6.430   3.754   -2.212  1.00 146.24 ? 134 THR D CA 1 
ATOM 551 C C  . THR A 1 111 ? 5.946   2.849   -3.326  1.00 146.24 ? 134 THR D C  1 
ATOM 552 O O  . THR A 1 111 ? 4.790   2.921   -3.728  1.00 146.24 ? 134 THR D O  1 
ATOM 553 H H  . THR A 1 111 ? 8.084   3.234   -0.936  1.00 146.24 ? 134 THR D H  1 
ATOM 554 N N  . LYS A 1 112 ? 6.790   1.907   -3.742  1.00 153.41 ? 135 LYS D N  1 
ATOM 555 C CA . LYS A 1 112 ? 6.459   0.922   -4.755  1.00 153.41 ? 135 LYS D CA 1 
ATOM 556 C C  . LYS A 1 112 ? 5.311   0.062   -4.298  1.00 153.41 ? 135 LYS D C  1 
ATOM 557 O O  . LYS A 1 112 ? 4.350   -0.071  -5.041  1.00 153.41 ? 135 LYS D O  1 
ATOM 558 H H  . LYS A 1 112 ? 7.697   1.850   -3.301  1.00 153.41 ? 135 LYS D H  1 
ATOM 559 N N  . LYS A 1 113 ? 5.351   -0.469  -3.077  1.00 144.47 ? 136 LYS D N  1 
ATOM 560 C CA . LYS A 1 113 ? 4.226   -1.264  -2.584  1.00 144.47 ? 136 LYS D CA 1 
ATOM 561 C C  . LYS A 1 113 ? 2.950   -0.450  -2.576  1.00 144.47 ? 136 LYS D C  1 
ATOM 562 O O  . LYS A 1 113 ? 1.955   -0.931  -3.093  1.00 144.47 ? 136 LYS D O  1 
ATOM 563 H H  . LYS A 1 113 ? 6.158   -0.319  -2.488  1.00 144.47 ? 136 LYS D H  1 
ATOM 564 N N  . ASN A 1 114 ? 2.985   0.800   -2.132  1.00 156.15 ? 137 ASN D N  1 
ATOM 565 C CA . ASN A 1 114 ? 1.789   1.624   -2.128  1.00 156.15 ? 137 ASN D CA 1 
ATOM 566 C C  . ASN A 1 114 ? 1.222   1.826   -3.536  1.00 156.15 ? 137 ASN D C  1 
ATOM 567 O O  . ASN A 1 114 ? 0.041   1.596   -3.771  1.00 156.15 ? 137 ASN D O  1 
ATOM 568 H H  . ASN A 1 114 ? 3.840   1.154   -1.726  1.00 156.15 ? 137 ASN D H  1 
ATOM 569 N N  . MET A 1 115 ? 2.044   2.232   -4.496  1.00 145.51 ? 138 MET D N  1 
ATOM 570 C CA . MET A 1 115 ? 1.542   2.508   -5.840  1.00 145.51 ? 138 MET D CA 1 
ATOM 571 C C  . MET A 1 115 ? 1.138   1.225   -6.559  1.00 145.51 ? 138 MET D C  1 
ATOM 572 O O  . MET A 1 115 ? 0.183   1.223   -7.327  1.00 145.51 ? 138 MET D O  1 
ATOM 573 H H  . MET A 1 115 ? 3.014   2.408   -4.278  1.00 145.51 ? 138 MET D H  1 
ATOM 574 N N  . LEU A 1 116 ? 1.813   0.116   -6.269  1.00 150.88 ? 139 LEU D N  1 
ATOM 575 C CA . LEU A 1 116 ? 1.394   -1.204  -6.689  1.00 150.88 ? 139 LEU D CA 1 
ATOM 576 C C  . LEU A 1 116 ? 0.030   -1.529  -6.109  1.00 150.88 ? 139 LEU D C  1 
ATOM 577 O O  . LEU A 1 116 ? -0.859  -1.889  -6.861  1.00 150.88 ? 139 LEU D O  1 
ATOM 578 H H  . LEU A 1 116 ? 2.617   0.179   -5.661  1.00 150.88 ? 139 LEU D H  1 
ATOM 579 N N  . GLN A 1 117 ? -0.166  -1.367  -4.804  1.00 183.17 ? 140 GLN D N  1 
ATOM 580 C CA . GLN A 1 117 ? -1.446  -1.627  -4.167  1.00 183.17 ? 140 GLN D CA 1 
ATOM 581 C C  . GLN A 1 117 ? -2.516  -0.786  -4.842  1.00 183.17 ? 140 GLN D C  1 
ATOM 582 O O  . GLN A 1 117 ? -3.545  -1.315  -5.236  1.00 183.17 ? 140 GLN D O  1 
ATOM 583 H H  . GLN A 1 117 ? 0.607   -1.058  -4.231  1.00 183.17 ? 140 GLN D H  1 
ATOM 584 N N  . ALA A 1 118 ? -2.250  0.502   -5.047  1.00 176.50 ? 141 ALA D N  1 
ATOM 585 C CA . ALA A 1 118 ? -3.182  1.413   -5.682  1.00 176.50 ? 141 ALA D CA 1 
ATOM 586 C C  . ALA A 1 118 ? -3.557  0.938   -7.086  1.00 176.50 ? 141 ALA D C  1 
ATOM 587 O O  . ALA A 1 118 ? -4.738  0.818   -7.410  1.00 176.50 ? 141 ALA D O  1 
ATOM 588 H H  . ALA A 1 118 ? -1.380  0.874   -4.693  1.00 176.50 ? 141 ALA D H  1 
ATOM 589 N N  . ARG A 1 119 ? -2.569  0.591   -7.910  1.00 174.57 ? 142 ARG D N  1 
ATOM 590 C CA . ARG A 1 119 ? -2.828  0.119   -9.266  1.00 174.57 ? 142 ARG D CA 1 
ATOM 591 C C  . ARG A 1 119 ? -3.444  -1.266  -9.304  1.00 174.57 ? 142 ARG D C  1 
ATOM 592 O O  . ARG A 1 119 ? -4.280  -1.519  -10.159 1.00 174.57 ? 142 ARG D O  1 
ATOM 593 H H  . ARG A 1 119 ? -1.615  0.699   -7.598  1.00 174.57 ? 142 ARG D H  1 
ATOM 594 N N  . ALA A 1 120 ? -3.129  -2.140  -8.363  1.00 186.74 ? 143 ALA D N  1 
ATOM 595 C CA . ALA A 1 120 ? -3.769  -3.437  -8.226  1.00 186.74 ? 143 ALA D CA 1 
ATOM 596 C C  . ALA A 1 120 ? -5.252  -3.281  -7.873  1.00 186.74 ? 143 ALA D C  1 
ATOM 597 O O  . ALA A 1 120 ? -6.124  -3.873  -8.502  1.00 186.74 ? 143 ALA D O  1 
ATOM 598 H H  . ALA A 1 120 ? -2.409  -1.886  -7.701  1.00 186.74 ? 143 ALA D H  1 
ATOM 599 N N  . LYS A 1 121 ? -5.549  -2.418  -6.906  1.00 205.10 ? 144 LYS D N  1 
ATOM 600 C CA . LYS A 1 121 ? -6.908  -2.104  -6.470  1.00 205.10 ? 144 LYS D CA 1 
ATOM 601 C C  . LYS A 1 121 ? -7.712  -1.470  -7.601  1.00 205.10 ? 144 LYS D C  1 
ATOM 602 O O  . LYS A 1 121 ? -8.833  -1.883  -7.874  1.00 205.10 ? 144 LYS D O  1 
ATOM 603 H H  . LYS A 1 121 ? -4.779  -1.976  -6.423  1.00 205.10 ? 144 LYS D H  1 
ATOM 604 N N  . ALA A 1 122 ? -7.116  -0.527  -8.319  1.00 195.57 ? 145 ALA D N  1 
ATOM 605 C CA . ALA A 1 122 ? -7.714  0.074   -9.498  1.00 195.57 ? 145 ALA D CA 1 
ATOM 606 C C  . ALA A 1 122 ? -7.951  -0.959  -10.603 1.00 195.57 ? 145 ALA D C  1 
ATOM 607 O O  . ALA A 1 122 ? -9.015  -0.985  -11.216 1.00 195.57 ? 145 ALA D O  1 
ATOM 608 H H  . ALA A 1 122 ? -6.218  -0.186  -8.010  1.00 195.57 ? 145 ALA D H  1 
ATOM 609 N N  . ALA A 1 123 ? -6.993  -1.855  -10.832 1.00 202.88 ? 146 ALA D N  1 
ATOM 610 C CA . ALA A 1 123 ? -7.123  -2.897  -11.831 1.00 202.88 ? 146 ALA D CA 1 
ATOM 611 C C  . ALA A 1 123 ? -8.300  -3.812  -11.490 1.00 202.88 ? 146 ALA D C  1 
ATOM 612 O O  . ALA A 1 123 ? -9.182  -4.002  -12.325 1.00 202.88 ? 146 ALA D O  1 
ATOM 613 H H  . ALA A 1 123 ? -6.111  -1.770  -10.345 1.00 202.88 ? 146 ALA D H  1 
ATOM 614 N N  . LYS A 1 124 ? -8.392  -4.312  -10.252 1.00 223.57 ? 147 LYS D N  1 
ATOM 615 C CA . LYS A 1 124 ? -9.522  -5.165  -9.865  1.00 223.57 ? 147 LYS D CA 1 
ATOM 616 C C  . LYS A 1 124 ? -10.838 -4.402  -9.900  1.00 223.57 ? 147 LYS D C  1 
ATOM 617 O O  . LYS A 1 124 ? -11.832 -4.958  -10.332 1.00 223.57 ? 147 LYS D O  1 
ATOM 618 H H  . LYS A 1 124 ? -7.647  -4.139  -9.592  1.00 223.57 ? 147 LYS D H  1 
ATOM 619 N N  . ALA A 1 125 ? -10.839 -3.110  -9.591  1.00 232.37 ? 148 ALA D N  1 
ATOM 620 C CA . ALA A 1 125 ? -12.018 -2.286  -9.782  1.00 232.37 ? 148 ALA D CA 1 
ATOM 621 C C  . ALA A 1 125 ? -12.450 -2.271  -11.256 1.00 232.37 ? 148 ALA D C  1 
ATOM 622 O O  . ALA A 1 125 ? -13.619 -2.502  -11.550 1.00 232.37 ? 148 ALA D O  1 
ATOM 623 H H  . ALA A 1 125 ? -10.008 -2.695  -9.196  1.00 232.37 ? 148 ALA D H  1 
ATOM 624 N N  . ASN A 1 126 ? -11.528 -2.078  -12.202 1.00 216.35 ? 149 ASN D N  1 
ATOM 625 C CA . ASN A 1 126 ? -11.863 -2.120  -13.627 1.00 216.35 ? 149 ASN D CA 1 
ATOM 626 C C  . ASN A 1 126 ? -12.406 -3.510  -14.014 1.00 216.35 ? 149 ASN D C  1 
ATOM 627 O O  . ASN A 1 126 ? -13.444 -3.629  -14.659 1.00 216.35 ? 149 ASN D O  1 
ATOM 628 H H  . ASN A 1 126 ? -10.576 -1.886  -11.927 1.00 216.35 ? 149 ASN D H  1 
ATOM 629 N N  . ALA A 1 127 ? -11.774 -4.579  -13.532 1.00 229.89 ? 150 ALA D N  1 
ATOM 630 C CA . ALA A 1 127 ? -12.236 -5.944  -13.756 1.00 229.89 ? 150 ALA D CA 1 
ATOM 631 C C  . ALA A 1 127 ? -13.641 -6.187  -13.179 1.00 229.89 ? 150 ALA D C  1 
ATOM 632 O O  . ALA A 1 127 ? -14.484 -6.823  -13.806 1.00 229.89 ? 150 ALA D O  1 
ATOM 633 H H  . ALA A 1 127 ? -10.933 -4.438  -12.993 1.00 229.89 ? 150 ALA D H  1 
ATOM 634 N N  . GLU A 1 128 ? -13.927 -5.633  -12.012 1.00 247.72 ? 151 GLU D N  1 
ATOM 635 C CA . GLU A 1 128 ? -15.234 -5.669  -11.377 1.00 247.72 ? 151 GLU D CA 1 
ATOM 636 C C  . GLU A 1 128 ? -16.279 -4.926  -12.218 1.00 247.72 ? 151 GLU D C  1 
ATOM 637 O O  . GLU A 1 128 ? -17.429 -5.357  -12.259 1.00 247.72 ? 151 GLU D O  1 
ATOM 638 H H  . GLU A 1 128 ? -13.185 -5.154  -11.522 1.00 247.72 ? 151 GLU D H  1 
ATOM 639 N N  . LEU A 1 129 ? -15.913 -3.877  -12.970 1.00 270.67 ? 152 LEU D N  1 
ATOM 640 C CA . LEU A 1 129 ? -16.822 -3.317  -13.983 1.00 270.67 ? 152 LEU D CA 1 
ATOM 641 C C  . LEU A 1 129 ? -17.204 -4.404  -14.983 1.00 270.67 ? 152 LEU D C  1 
ATOM 642 O O  . LEU A 1 129 ? -18.376 -4.644  -15.243 1.00 270.67 ? 152 LEU D O  1 
ATOM 643 H H  . LEU A 1 129 ? -14.964 -3.539  -12.915 1.00 270.67 ? 152 LEU D H  1 
ATOM 644 N N  . GLN A 1 130 ? -16.213 -5.107  -15.518 1.00 233.47 ? 153 GLN D N  1 
ATOM 645 C CA . GLN A 1 130 ? -16.465 -6.088  -16.570 1.00 233.47 ? 153 GLN D CA 1 
ATOM 646 C C  . GLN A 1 130 ? -17.307 -7.254  -16.039 1.00 233.47 ? 153 GLN D C  1 
ATOM 647 O O  . GLN A 1 130 ? -18.231 -7.723  -16.696 1.00 233.47 ? 153 GLN D O  1 
ATOM 648 H H  . GLN A 1 130 ? -15.266 -4.905  -15.232 1.00 233.47 ? 153 GLN D H  1 
ATOM 649 N N  . GLN A 1 131 ? -17.043 -7.667  -14.804 1.00 250.02 ? 154 GLN D N  1 
ATOM 650 C CA . GLN A 1 131 ? -17.810 -8.673  -14.089 1.00 250.02 ? 154 GLN D CA 1 
ATOM 651 C C  . GLN A 1 131 ? -19.250 -8.224  -13.845 1.00 250.02 ? 154 GLN D C  1 
ATOM 652 O O  . GLN A 1 131 ? -20.180 -8.974  -14.112 1.00 250.02 ? 154 GLN D O  1 
ATOM 653 H H  . GLN A 1 131 ? -16.244 -7.261  -14.339 1.00 250.02 ? 154 GLN D H  1 
ATOM 654 N N  . THR A 1 132 ? -19.461 -7.009  -13.356 1.00 248.07 ? 155 THR D N  1 
ATOM 655 C CA . THR A 1 132 ? -20.811 -6.501  -13.091 1.00 248.07 ? 155 THR D CA 1 
ATOM 656 C C  . THR A 1 132 ? -21.596 -6.274  -14.373 1.00 248.07 ? 155 THR D C  1 
ATOM 657 O O  . THR A 1 132 ? -22.780 -6.594  -14.414 1.00 248.07 ? 155 THR D O  1 
ATOM 658 H H  . THR A 1 132 ? -18.669 -6.420  -13.139 1.00 248.07 ? 155 THR D H  1 
ATOM 659 N N  . LEU A 1 133 ? -20.949 -5.834  -15.450 1.00 231.56 ? 156 LEU D N  1 
ATOM 660 C CA . LEU A 1 133 ? -21.534 -5.834  -16.791 1.00 231.56 ? 156 LEU D CA 1 
ATOM 661 C C  . LEU A 1 133 ? -21.870 -7.265  -17.225 1.00 231.56 ? 156 LEU D C  1 
ATOM 662 O O  . LEU A 1 133 ? -22.962 -7.508  -17.719 1.00 231.56 ? 156 LEU D O  1 
ATOM 663 H H  . LEU A 1 133 ? -19.993 -5.525  -15.343 1.00 231.56 ? 156 LEU D H  1 
ATOM 664 N N  . GLY A 1 134 ? -20.988 -8.227  -16.955 1.00 239.39 ? 157 GLY D N  1 
ATOM 665 C CA . GLY A 1 134 ? -21.260 -9.654  -17.108 1.00 239.39 ? 157 GLY D CA 1 
ATOM 666 C C  . GLY A 1 134 ? -22.433 -10.151 -16.255 1.00 239.39 ? 157 GLY D C  1 
ATOM 667 O O  . GLY A 1 134 ? -23.100 -11.111 -16.632 1.00 239.39 ? 157 GLY D O  1 
ATOM 668 H H  . GLY A 1 134 ? -20.078 -7.960  -16.608 1.00 239.39 ? 157 GLY D H  1 
ATOM 669 N N  . GLY A 1 135 ? -22.766 -9.449  -15.172 1.00 268.02 ? 158 GLY D N  1 
ATOM 670 C CA . GLY A 1 135 ? -24.060 -9.490  -14.495 1.00 268.02 ? 158 GLY D CA 1 
ATOM 671 C C  . GLY A 1 135 ? -25.165 -8.875  -15.356 1.00 268.02 ? 158 GLY D C  1 
ATOM 672 O O  . GLY A 1 135 ? -25.860 -7.955  -14.928 1.00 268.02 ? 158 GLY D O  1 
ATOM 673 H H  . GLY A 1 135 ? -22.125 -8.721  -14.889 1.00 268.02 ? 158 GLY D H  1 
ATOM 674 N N  . LEU A 1 136 ? -25.296 -9.363  -16.586 1.00 352.58 ? 159 LEU D N  1 
ATOM 675 C CA . LEU A 1 136 ? -26.219 -8.893  -17.609 1.00 352.58 ? 159 LEU D CA 1 
ATOM 676 C C  . LEU A 1 136 ? -27.678 -9.006  -17.158 1.00 352.58 ? 159 LEU D C  1 
ATOM 677 O O  . LEU A 1 136 ? -28.041 -9.897  -16.390 1.00 352.58 ? 159 LEU D O  1 
ATOM 678 H H  . LEU A 1 136 ? -24.679 -10.123 -16.837 1.00 352.58 ? 159 LEU D H  1 
ATOM 679 N N  . GLY A 1 137 ? -28.528 -8.142  -17.713 1.00 385.91 ? 160 GLY D N  1 
ATOM 680 C CA . GLY A 1 137 ? -29.990 -8.172  -17.551 1.00 385.91 ? 160 GLY D CA 1 
ATOM 681 C C  . GLY A 1 137 ? -30.731 -9.154  -18.478 1.00 385.91 ? 160 GLY D C  1 
ATOM 682 O O  . GLY A 1 137 ? -31.959 -9.141  -18.544 1.00 385.91 ? 160 GLY D O  1 
ATOM 683 H H  . GLY A 1 137 ? -28.147 -7.429  -18.317 1.00 385.91 ? 160 GLY D H  1 
ATOM 684 N N  . THR A 1 138 ? -30.003 -10.005 -19.204 1.00 390.71 ? 161 THR D N  1 
ATOM 685 C CA . THR A 1 138 ? -30.512 -11.032 -20.137 1.00 390.71 ? 161 THR D CA 1 
ATOM 686 C C  . THR A 1 138 ? -31.042 -12.272 -19.393 1.00 390.71 ? 161 THR D C  1 
ATOM 687 O O  . THR A 1 138 ? -30.628 -13.404 -19.652 1.00 390.71 ? 161 THR D O  1 
ATOM 688 H H  . THR A 1 138 ? -29.001 -9.966  -19.094 1.00 390.71 ? 161 THR D H  1 
ATOM 689 N N  . SER A 1 139 ? -31.890 -12.058 -18.385 1.00 398.05 ? 162 SER D N  1 
ATOM 690 C CA . SER A 1 139 ? -32.081 -12.980 -17.257 1.00 398.05 ? 162 SER D CA 1 
ATOM 691 C C  . SER A 1 139 ? -33.494 -13.569 -17.154 1.00 398.05 ? 162 SER D C  1 
ATOM 692 O O  . SER A 1 139 ? -34.352 -13.367 -18.018 1.00 398.05 ? 162 SER D O  1 
ATOM 693 H H  . SER A 1 139 ? -32.216 -11.111 -18.258 1.00 398.05 ? 162 SER D H  1 
ATOM 694 N N  . SER A 1 140 ? -33.751 -14.246 -16.033 1.00 331.87 ? 163 SER D N  1 
ATOM 695 C CA . SER A 1 140 ? -35.044 -14.784 -15.598 1.00 331.87 ? 163 SER D CA 1 
ATOM 696 C C  . SER A 1 140 ? -36.173 -13.752 -15.520 1.00 331.87 ? 163 SER D C  1 
ATOM 697 O O  . SER A 1 140 ? -37.340 -14.129 -15.451 1.00 331.87 ? 163 SER D O  1 
ATOM 698 H H  . SER A 1 140 ? -32.981 -14.409 -15.399 1.00 331.87 ? 163 SER D H  1 
ATOM 699 N N  . ALA A 1 141 ? -35.885 -12.458 -15.614 1.00 320.85 ? 164 ALA D N  1 
ATOM 700 C CA . ALA A 1 141 ? -36.908 -11.444 -15.880 1.00 320.85 ? 164 ALA D CA 1 
ATOM 701 C C  . ALA A 1 141 ? -37.681 -11.759 -17.179 1.00 320.85 ? 164 ALA D C  1 
ATOM 702 O O  . ALA A 1 141 ? -38.905 -11.612 -17.258 1.00 320.85 ? 164 ALA D O  1 
ATOM 703 H H  . ALA A 1 141 ? -34.918 -12.171 -15.624 1.00 320.85 ? 164 ALA D H  1 
ATOM 704 N N  . THR A 1 142 ? -36.978 -12.299 -18.170 1.00 317.88 ? 165 THR D N  1 
ATOM 705 C CA . THR A 1 142 ? -37.583 -12.820 -19.394 1.00 317.88 ? 165 THR D CA 1 
ATOM 706 C C  . THR A 1 142 ? -38.543 -13.947 -19.052 1.00 317.88 ? 165 THR D C  1 
ATOM 707 O O  . THR A 1 142 ? -39.668 -13.955 -19.526 1.00 317.88 ? 165 THR D O  1 
ATOM 708 H H  . THR A 1 142 ? -35.982 -12.407 -18.045 1.00 317.88 ? 165 THR D H  1 
ATOM 709 N N  . SER A 1 143 ? -38.133 -14.854 -18.170 1.00 289.61 ? 166 SER D N  1 
ATOM 710 C CA . SER A 1 143 ? -38.945 -15.973 -17.686 1.00 289.61 ? 166 SER D CA 1 
ATOM 711 C C  . SER A 1 143 ? -40.195 -15.520 -16.930 1.00 289.61 ? 166 SER D C  1 
ATOM 712 O O  . SER A 1 143 ? -41.207 -16.211 -16.945 1.00 289.61 ? 166 SER D O  1 
ATOM 713 H H  . SER A 1 143 ? -37.203 -14.764 -17.787 1.00 289.61 ? 166 SER D H  1 
ATOM 714 N N  . ALA A 1 144 ? -40.141 -14.371 -16.254 1.00 281.10 ? 167 ALA D N  1 
ATOM 715 C CA . ALA A 1 144 ? -41.289 -13.796 -15.565 1.00 281.10 ? 167 ALA D CA 1 
ATOM 716 C C  . ALA A 1 144 ? -42.306 -13.229 -16.569 1.00 281.10 ? 167 ALA D C  1 
ATOM 717 O O  . ALA A 1 144 ? -43.491 -13.570 -16.514 1.00 281.10 ? 167 ALA D O  1 
ATOM 718 H H  . ALA A 1 144 ? -39.253 -13.895 -16.189 1.00 281.10 ? 167 ALA D H  1 
ATOM 719 N N  . PHE A 1 145 ? -41.846 -12.428 -17.537 1.00 268.28 ? 168 PHE D N  1 
ATOM 720 C CA . PHE A 1 145 ? -42.707 -11.970 -18.636 1.00 268.28 ? 168 PHE D CA 1 
ATOM 721 C C  . PHE A 1 145 ? -43.250 -13.168 -19.429 1.00 268.28 ? 168 PHE D C  1 
ATOM 722 O O  . PHE A 1 145 ? -44.436 -13.229 -19.738 1.00 268.28 ? 168 PHE D O  1 
ATOM 723 H H  . PHE A 1 145 ? -40.870 -12.168 -17.542 1.00 268.28 ? 168 PHE D H  1 
ATOM 724 N N  . GLU A 1 146 ? -42.423 -14.180 -19.664 1.00 255.84 ? 169 GLU D N  1 
ATOM 725 C CA . GLU A 1 146 ? -42.810 -15.450 -20.259 1.00 255.84 ? 169 GLU D CA 1 
ATOM 726 C C  . GLU A 1 146 ? -43.884 -16.152 -19.437 1.00 255.84 ? 169 GLU D C  1 
ATOM 727 O O  . GLU A 1 146 ? -44.877 -16.544 -20.014 1.00 255.84 ? 169 GLU D O  1 
ATOM 728 H H  . GLU A 1 146 ? -41.446 -14.065 -19.432 1.00 255.84 ? 169 GLU D H  1 
ATOM 729 N N  . ARG A 1 147 ? -43.750 -16.281 -18.111 1.00 241.13 ? 170 ARG D N  1 
ATOM 730 C CA . ARG A 1 147 ? -44.734 -16.979 -17.263 1.00 241.13 ? 170 ARG D CA 1 
ATOM 731 C C  . ARG A 1 147 ? -46.115 -16.398 -17.509 1.00 241.13 ? 170 ARG D C  1 
ATOM 732 O O  . ARG A 1 147 ? -47.075 -17.108 -17.805 1.00 241.13 ? 170 ARG D O  1 
ATOM 733 H H  . ARG A 1 147 ? -42.889 -15.967 -17.686 1.00 241.13 ? 170 ARG D H  1 
ATOM 734 N N  . MET A 1 148 ? -46.210 -15.077 -17.438 1.00 260.50 ? 171 MET D N  1 
ATOM 735 C CA . MET A 1 148 ? -47.489 -14.403 -17.614 1.00 260.50 ? 171 MET D CA 1 
ATOM 736 C C  . MET A 1 148 ? -47.931 -14.453 -19.086 1.00 260.50 ? 171 MET D C  1 
ATOM 737 O O  . MET A 1 148 ? -49.108 -14.654 -19.364 1.00 260.50 ? 171 MET D O  1 
ATOM 738 H H  . MET A 1 148 ? -45.372 -14.541 -17.263 1.00 260.50 ? 171 MET D H  1 
ATOM 739 N N  . GLU A 1 149 ? -47.008 -14.446 -20.047 1.00 259.58 ? 172 GLU D N  1 
ATOM 740 C CA . GLU A 1 149 ? -47.319 -14.760 -21.445 1.00 259.58 ? 172 GLU D CA 1 
ATOM 741 C C  . GLU A 1 149 ? -47.806 -16.202 -21.643 1.00 259.58 ? 172 GLU D C  1 
ATOM 742 O O  . GLU A 1 149 ? -48.674 -16.453 -22.464 1.00 259.58 ? 172 GLU D O  1 
ATOM 743 H H  . GLU A 1 149 ? -46.041 -14.286 -19.805 1.00 259.58 ? 172 GLU D H  1 
ATOM 744 N N  . ASN A 1 150 ? -47.340 -17.171 -20.868 1.00 243.45 ? 173 ASN D N  1 
ATOM 745 C CA . ASN A 1 150 ? -47.846 -18.535 -20.940 1.00 243.45 ? 173 ASN D CA 1 
ATOM 746 C C  . ASN A 1 150 ? -49.327 -18.541 -20.560 1.00 243.45 ? 173 ASN D C  1 
ATOM 747 O O  . ASN A 1 150 ? -50.118 -19.260 -21.161 1.00 243.45 ? 173 ASN D O  1 
ATOM 748 H H  . ASN A 1 150 ? -46.587 -16.954 -20.231 1.00 243.45 ? 173 ASN D H  1 
ATOM 749 N N  . LYS A 1 151 ? -49.733 -17.682 -19.622 1.00 246.32 ? 174 LYS D N  1 
ATOM 750 C CA . LYS A 1 151 ? -51.148 -17.456 -19.343 1.00 246.32 ? 174 LYS D CA 1 
ATOM 751 C C  . LYS A 1 151 ? -51.825 -16.664 -20.456 1.00 246.32 ? 174 LYS D C  1 
ATOM 752 O O  . LYS A 1 151 ? -52.951 -16.988 -20.777 1.00 246.32 ? 174 LYS D O  1 
ATOM 753 H H  . LYS A 1 151 ? -49.037 -17.113 -19.163 1.00 246.32 ? 174 LYS D H  1 
ATOM 754 N N  . VAL A 1 152 ? -51.169 -15.714 -21.126 1.00 224.30 ? 175 VAL D N  1 
ATOM 755 C CA . VAL A 1 152 ? -51.747 -15.064 -22.323 1.00 224.30 ? 175 VAL D CA 1 
ATOM 756 C C  . VAL A 1 152 ? -52.115 -16.123 -23.351 1.00 224.30 ? 175 VAL D C  1 
ATOM 757 O O  . VAL A 1 152 ? -53.248 -16.192 -23.805 1.00 224.30 ? 175 VAL D O  1 
ATOM 758 H H  . VAL A 1 152 ? -50.244 -15.456 -20.814 1.00 224.30 ? 175 VAL D H  1 
ATOM 759 N N  . LEU A 1 153 ? -51.180 -17.014 -23.640 1.00 214.96 ? 176 LEU D N  1 
ATOM 760 C CA . LEU A 1 153 ? -51.384 -18.132 -24.528 1.00 214.96 ? 176 LEU D CA 1 
ATOM 761 C C  . LEU A 1 153 ? -52.447 -19.085 -23.995 1.00 214.96 ? 176 LEU D C  1 
ATOM 762 O O  . LEU A 1 153 ? -53.161 -19.668 -24.793 1.00 214.96 ? 176 LEU D O  1 
ATOM 763 H H  . LEU A 1 153 ? -50.269 -16.896 -23.217 1.00 214.96 ? 176 LEU D H  1 
ATOM 764 N N  . ASP A 1 154 ? -52.620 -19.234 -22.687 1.00 231.26 ? 177 ASP D N  1 
ATOM 765 C CA . ASP A 1 154 ? -53.780 -19.932 -22.130 1.00 231.26 ? 177 ASP D CA 1 
ATOM 766 C C  . ASP A 1 154 ? -55.101 -19.198 -22.426 1.00 231.26 ? 177 ASP D C  1 
ATOM 767 O O  . ASP A 1 154 ? -56.139 -19.811 -22.650 1.00 231.26 ? 177 ASP D O  1 
ATOM 768 H H  . ASP A 1 154 ? -51.969 -18.792 -22.054 1.00 231.26 ? 177 ASP D H  1 
ATOM 769 N N  . MET A 1 155 ? -55.112 -17.873 -22.486 1.00 230.89 ? 178 MET D N  1 
ATOM 770 C CA . MET A 1 155 ? -56.309 -17.141 -22.893 1.00 230.89 ? 178 MET D CA 1 
ATOM 771 C C  . MET A 1 155 ? -56.540 -17.331 -24.385 1.00 230.89 ? 178 MET D C  1 
ATOM 772 O O  . MET A 1 155 ? -57.675 -17.484 -24.832 1.00 230.89 ? 178 MET D O  1 
ATOM 773 H H  . MET A 1 155 ? -54.264 -17.366 -22.275 1.00 230.89 ? 178 MET D H  1 
ATOM 774 N N  . GLU A 1 156 ? -55.475 -17.400 -25.173 1.00 237.12 ? 179 GLU D N  1 
ATOM 775 C CA . GLU A 1 156 ? -55.592 -17.787 -26.568 1.00 237.12 ? 179 GLU D CA 1 
ATOM 776 C C  . GLU A 1 156 ? -56.126 -19.215 -26.667 1.00 237.12 ? 179 GLU D C  1 
ATOM 777 O O  . GLU A 1 156 ? -57.034 -19.472 -27.446 1.00 237.12 ? 179 GLU D O  1 
ATOM 778 H H  . GLU A 1 156 ? -54.565 -17.215 -24.773 1.00 237.12 ? 179 GLU D H  1 
ATOM 779 N N  . ALA A 1 157 ? -55.686 -20.142 -25.819 1.00 229.03 ? 180 ALA D N  1 
ATOM 780 C CA . ALA A 1 157 ? -56.232 -21.499 -25.766 1.00 229.03 ? 180 ALA D CA 1 
ATOM 781 C C  . ALA A 1 157 ? -57.713 -21.470 -25.351 1.00 229.03 ? 180 ALA D C  1 
ATOM 782 O O  . ALA A 1 157 ? -58.540 -22.198 -25.893 1.00 229.03 ? 180 ALA D O  1 
ATOM 783 H H  . ALA A 1 157 ? -54.912 -19.914 -25.213 1.00 229.03 ? 180 ALA D H  1 
ATOM 784 N N  . THR A 1 158 ? -58.092 -20.552 -24.471 1.00 223.35 ? 181 THR D N  1 
ATOM 785 C CA . THR A 1 158 ? -59.482 -20.295 -24.110 1.00 223.35 ? 181 THR D CA 1 
ATOM 786 C C  . THR A 1 158 ? -60.252 -19.741 -25.304 1.00 223.35 ? 181 THR D C  1 
ATOM 787 O O  . THR A 1 158 ? -61.435 -19.995 -25.457 1.00 223.35 ? 181 THR D O  1 
ATOM 788 H H  . THR A 1 158 ? -57.370 -20.003 -24.030 1.00 223.35 ? 181 THR D H  1 
ATOM 789 N N  . SER A 1 159 ? -59.587 -19.002 -26.184 1.00 232.72 ? 182 SER D N  1 
ATOM 790 C CA . SER A 1 159 ? -60.134 -18.534 -27.458 1.00 232.72 ? 182 SER D CA 1 
ATOM 791 C C  . SER A 1 159 ? -60.260 -19.666 -28.496 1.00 232.72 ? 182 SER D C  1 
ATOM 792 O O  . SER A 1 159 ? -61.256 -19.690 -29.213 1.00 232.72 ? 182 SER D O  1 
ATOM 793 H H  . SER A 1 159 ? -58.616 -18.807 -25.989 1.00 232.72 ? 182 SER D H  1 
ATOM 794 N N  . GLN A 1 160 ? -59.349 -20.657 -28.545 1.00 230.80 ? 183 GLN D N  1 
ATOM 795 C CA . GLN A 1 160 ? -59.580 -21.911 -29.298 1.00 230.80 ? 183 GLN D CA 1 
ATOM 796 C C  . GLN A 1 160 ? -60.814 -22.600 -28.725 1.00 230.80 ? 183 GLN D C  1 
ATOM 797 O O  . GLN A 1 160 ? -61.681 -22.953 -29.498 1.00 230.80 ? 183 GLN D O  1 
ATOM 798 H H  . GLN A 1 160 ? -58.501 -20.559 -28.006 1.00 230.80 ? 183 GLN D H  1 
ATOM 799 N N  . ALA A 1 161 ? -60.962 -22.712 -27.404 1.00 253.00 ? 184 ALA D N  1 
ATOM 800 C CA . ALA A 1 161 ? -62.168 -23.260 -26.783 1.00 253.00 ? 184 ALA D CA 1 
ATOM 801 C C  . ALA A 1 161 ? -63.433 -22.434 -27.110 1.00 253.00 ? 184 ALA D C  1 
ATOM 802 O O  . ALA A 1 161 ? -64.486 -23.004 -27.378 1.00 253.00 ? 184 ALA D O  1 
ATOM 803 H H  . ALA A 1 161 ? -60.192 -22.448 -26.807 1.00 253.00 ? 184 ALA D H  1 
ATOM 804 N N  . ALA A 1 162 ? -63.345 -21.104 -27.167 1.00 246.91 ? 185 ALA D N  1 
ATOM 805 C CA . ALA A 1 162 ? -64.455 -20.248 -27.559 1.00 246.91 ? 185 ALA D CA 1 
ATOM 806 C C  . ALA A 1 162 ? -64.868 -20.486 -29.017 1.00 246.91 ? 185 ALA D C  1 
ATOM 807 O O  . ALA A 1 162 ? -66.051 -20.643 -29.293 1.00 246.91 ? 185 ALA D O  1 
ATOM 808 H H  . ALA A 1 162 ? -62.494 -20.667 -26.841 1.00 246.91 ? 185 ALA D H  1 
ATOM 809 N N  . GLY A 1 163 ? -63.906 -20.577 -29.937 1.00 241.30 ? 186 GLY D N  1 
ATOM 810 C CA . GLY A 1 163 ? -64.145 -20.925 -31.338 1.00 241.30 ? 186 GLY D CA 1 
ATOM 811 C C  . GLY A 1 163 ? -64.619 -22.373 -31.535 1.00 241.30 ? 186 GLY D C  1 
ATOM 812 O O  . GLY A 1 163 ? -65.523 -22.630 -32.322 1.00 241.30 ? 186 GLY D O  1 
ATOM 813 H H  . GLY A 1 163 ? -62.956 -20.402 -29.648 1.00 241.30 ? 186 GLY D H  1 
ATOM 814 N N  . GLU A 1 164 ? -64.058 -23.317 -30.777 1.00 230.75 ? 187 GLU D N  1 
ATOM 815 C CA . GLU A 1 164 ? -64.387 -24.752 -30.731 1.00 230.75 ? 187 GLU D CA 1 
ATOM 816 C C  . GLU A 1 164 ? -65.841 -24.953 -30.259 1.00 230.75 ? 187 GLU D C  1 
ATOM 817 O O  . GLU A 1 164 ? -66.552 -25.821 -30.765 1.00 230.75 ? 187 GLU D O  1 
ATOM 818 H H  . GLU A 1 164 ? -63.291 -23.025 -30.190 1.00 230.75 ? 187 GLU D H  1 
ATOM 819 N N  . LEU A 1 165 ? -66.320 -24.102 -29.347 1.00 241.85 ? 188 LEU D N  1 
ATOM 820 C CA . LEU A 1 165 ? -67.729 -23.920 -28.993 1.00 241.85 ? 188 LEU D CA 1 
ATOM 821 C C  . LEU A 1 165 ? -68.578 -23.154 -30.036 1.00 241.85 ? 188 LEU D C  1 
ATOM 822 O O  . LEU A 1 165 ? -69.763 -23.428 -30.170 1.00 241.85 ? 188 LEU D O  1 
ATOM 823 H H  . LEU A 1 165 ? -65.659 -23.479 -28.907 1.00 241.85 ? 188 LEU D H  1 
ATOM 824 N N  . ALA A 1 166 ? -68.004 -22.180 -30.745 1.00 250.41 ? 189 ALA D N  1 
ATOM 825 C CA . ALA A 1 166 ? -68.725 -21.083 -31.396 1.00 250.41 ? 189 ALA D CA 1 
ATOM 826 C C  . ALA A 1 166 ? -69.812 -21.447 -32.423 1.00 250.41 ? 189 ALA D C  1 
ATOM 827 O O  . ALA A 1 166 ? -70.729 -20.654 -32.634 1.00 250.41 ? 189 ALA D O  1 
ATOM 828 H H  . ALA A 1 166 ? -67.021 -22.020 -30.583 1.00 250.41 ? 189 ALA D H  1 
ATOM 829 N N  . GLY A 1 167 ? -69.697 -22.555 -33.151 1.00 254.47 ? 190 GLY D N  1 
ATOM 830 C CA . GLY A 1 167 ? -70.752 -23.002 -34.070 1.00 254.47 ? 190 GLY D CA 1 
ATOM 831 C C  . GLY A 1 167 ? -71.917 -23.672 -33.335 1.00 254.47 ? 190 GLY D C  1 
ATOM 832 O O  . GLY A 1 167 ? -71.684 -24.546 -32.500 1.00 254.47 ? 190 GLY D O  1 
ATOM 833 H H  . GLY A 1 167 ? -68.917 -23.170 -32.972 1.00 254.47 ? 190 GLY D H  1 
ATOM 834 N N  . PHE A 1 168 ? -73.169 -23.310 -33.641 1.00 270.73 ? 191 PHE D N  1 
ATOM 835 C CA . PHE A 1 168 ? -74.343 -23.733 -32.855 1.00 270.73 ? 191 PHE D CA 1 
ATOM 836 C C  . PHE A 1 168 ? -75.552 -24.233 -33.661 1.00 270.73 ? 191 PHE D C  1 
ATOM 837 O O  . PHE A 1 168 ? -76.510 -24.729 -33.069 1.00 270.73 ? 191 PHE D O  1 
ATOM 838 H H  . PHE A 1 168 ? -73.310 -22.609 -34.353 1.00 270.73 ? 191 PHE D H  1 
ATOM 839 N N  . GLY A 1 169 ? -75.568 -24.118 -34.986 1.00 265.09 ? 192 GLY D N  1 
ATOM 840 C CA . GLY A 1 169 ? -76.713 -24.525 -35.807 1.00 265.09 ? 192 GLY D CA 1 
ATOM 841 C C  . GLY A 1 169 ? -77.886 -23.539 -35.764 1.00 265.09 ? 192 GLY D C  1 
ATOM 842 O O  . GLY A 1 169 ? -78.931 -23.802 -36.356 1.00 265.09 ? 192 GLY D O  1 
ATOM 843 H H  . GLY A 1 169 ? -74.825 -23.599 -35.434 1.00 265.09 ? 192 GLY D H  1 
ATOM 844 N N  . ILE A 1 170 ? -77.733 -22.422 -35.053 1.00 264.42 ? 193 ILE D N  1 
ATOM 845 C CA . ILE A 1 170 ? -78.738 -21.369 -34.876 1.00 264.42 ? 193 ILE D CA 1 
ATOM 846 C C  . ILE A 1 170 ? -78.481 -20.190 -35.832 1.00 264.42 ? 193 ILE D C  1 
ATOM 847 O O  . ILE A 1 170 ? -79.168 -19.175 -35.816 1.00 264.42 ? 193 ILE D O  1 
ATOM 848 H H  . ILE A 1 170 ? -76.825 -22.274 -34.635 1.00 264.42 ? 193 ILE D H  1 
ATOM 849 N N  . GLU A 1 171 ? -77.509 -20.295 -36.718 1.00 248.39 ? 194 GLU D N  1 
ATOM 850 C CA . GLU A 1 171 ? -77.127 -19.227 -37.639 1.00 248.39 ? 194 GLU D CA 1 
ATOM 851 C C  . GLU A 1 171 ? -78.279 -18.854 -38.586 1.00 248.39 ? 194 GLU D C  1 
ATOM 852 O O  . GLU A 1 171 ? -78.436 -17.705 -38.991 1.00 248.39 ? 194 GLU D O  1 
ATOM 853 H H  . GLU A 1 171 ? -77.009 -21.170 -36.784 1.00 248.39 ? 194 GLU D H  1 
ATOM 854 N N  . ASN A 1 172 ? -79.129 -19.823 -38.914 1.00 209.17 ? 195 ASN D N  1 
ATOM 855 C CA . ASN A 1 172 ? -80.344 -19.620 -39.692 1.00 209.17 ? 195 ASN D CA 1 
ATOM 856 C C  . ASN A 1 172 ? -81.226 -18.491 -39.123 1.00 209.17 ? 195 ASN D C  1 
ATOM 857 O O  . ASN A 1 172 ? -81.893 -17.809 -39.893 1.00 209.17 ? 195 ASN D O  1 
ATOM 858 H H  . ASN A 1 172 ? -78.991 -20.731 -38.494 1.00 209.17 ? 195 ASN D H  1 
ATOM 859 N N  . GLN A 1 173 ? -81.176 -18.219 -37.813 1.00 207.93 ? 196 GLN D N  1 
ATOM 860 C CA . GLN A 1 173 ? -81.876 -17.097 -37.171 1.00 207.93 ? 196 GLN D CA 1 
ATOM 861 C C  . GLN A 1 173 ? -81.550 -15.751 -37.807 1.00 207.93 ? 196 GLN D C  1 
ATOM 862 O O  . GLN A 1 173 ? -82.291 -14.796 -37.630 1.00 207.93 ? 196 GLN D O  1 
ATOM 863 H H  . GLN A 1 173 ? -80.560 -18.778 -37.239 1.00 207.93 ? 196 GLN D H  1 
ATOM 864 N N  . PHE A 1 174 ? -80.395 -15.589 -38.431 1.00 209.14 ? 197 PHE D N  1 
ATOM 865 C CA . PHE A 1 174 ? -80.102 -14.342 -39.132 1.00 209.14 ? 197 PHE D CA 1 
ATOM 866 C C  . PHE A 1 174 ? -81.015 -14.126 -40.346 1.00 209.14 ? 197 PHE D C  1 
ATOM 867 O O  . PHE A 1 174 ? -81.327 -13.000 -40.712 1.00 209.14 ? 197 PHE D O  1 
ATOM 868 H H  . PHE A 1 174 ? -79.744 -16.356 -38.509 1.00 209.14 ? 197 PHE D H  1 
ATOM 869 N N  . ALA A 1 175 ? -81.505 -15.186 -40.980 1.00 208.27 ? 198 ALA D N  1 
ATOM 870 C CA . ALA A 1 175 ? -82.062 -15.099 -42.325 1.00 208.27 ? 198 ALA D CA 1 
ATOM 871 C C  . ALA A 1 175 ? -83.235 -14.111 -42.468 1.00 208.27 ? 198 ALA D C  1 
ATOM 872 O O  . ALA A 1 175 ? -83.231 -13.270 -43.363 1.00 208.27 ? 198 ALA D O  1 
ATOM 873 H H  . ALA A 1 175 ? -81.347 -16.104 -40.593 1.00 208.27 ? 198 ALA D H  1 
ATOM 874 N N  . GLN A 1 176 ? -84.226 -14.151 -41.578 1.00 207.43 ? 199 GLN D N  1 
ATOM 875 C CA . GLN A 1 176 ? -85.371 -13.230 -41.638 1.00 207.43 ? 199 GLN D CA 1 
ATOM 876 C C  . GLN A 1 176 ? -84.961 -11.788 -41.347 1.00 207.43 ? 199 GLN D C  1 
ATOM 877 O O  . GLN A 1 176 ? -85.577 -10.858 -41.863 1.00 207.43 ? 199 GLN D O  1 
ATOM 878 H H  . GLN A 1 176 ? -84.193 -14.833 -40.835 1.00 207.43 ? 199 GLN D H  1 
ATOM 879 N N  . LEU A 1 177 ? -83.936 -11.579 -40.525 1.00 194.22 ? 200 LEU D N  1 
ATOM 880 C CA . LEU A 1 177 ? -83.327 -10.266 -40.377 1.00 194.22 ? 200 LEU D CA 1 
ATOM 881 C C  . LEU A 1 177 ? -82.878 -9.769  -41.754 1.00 194.22 ? 200 LEU D C  1 
ATOM 882 O O  . LEU A 1 177 ? -83.247 -8.680  -42.172 1.00 194.22 ? 200 LEU D O  1 
ATOM 883 H H  . LEU A 1 177 ? -83.427 -12.372 -40.167 1.00 194.22 ? 200 LEU D H  1 
ATOM 884 N N  . GLU A 1 178 ? -82.186 -10.602 -42.521 1.00 209.61 ? 201 GLU D N  1 
ATOM 885 C CA . GLU A 1 178 ? -81.750 -10.205 -43.857 1.00 209.61 ? 201 GLU D CA 1 
ATOM 886 C C  . GLU A 1 178 ? -82.934 -9.963  -44.794 1.00 209.61 ? 201 GLU D C  1 
ATOM 887 O O  . GLU A 1 178 ? -82.974 -8.977  -45.528 1.00 209.61 ? 201 GLU D O  1 
ATOM 888 H H  . GLU A 1 178 ? -81.915 -11.501 -42.150 1.00 209.61 ? 201 GLU D H  1 
ATOM 889 N N  . ALA A 1 179 ? -83.945 -10.826 -44.740 1.00 206.14 ? 202 ALA D N  1 
ATOM 890 C CA . ALA A 1 179 ? -85.131 -10.678 -45.567 1.00 206.14 ? 202 ALA D CA 1 
ATOM 891 C C  . ALA A 1 179 ? -85.863 -9.371  -45.258 1.00 206.14 ? 202 ALA D C  1 
ATOM 892 O O  . ALA A 1 179 ? -86.156 -8.578  -46.148 1.00 206.14 ? 202 ALA D O  1 
ATOM 893 H H  . ALA A 1 179 ? -83.841 -11.644 -44.159 1.00 206.14 ? 202 ALA D H  1 
ATOM 894 N N  . SER A 1 180 ? -86.092 -9.101  -43.976 1.00 201.25 ? 203 SER D N  1 
ATOM 895 C CA . SER A 1 180 ? -86.707 -7.866  -43.508 1.00 201.25 ? 203 SER D CA 1 
ATOM 896 C C  . SER A 1 180 ? -85.837 -6.650  -43.817 1.00 201.25 ? 203 SER D C  1 
ATOM 897 O O  . SER A 1 180 ? -86.376 -5.591  -44.119 1.00 201.25 ? 203 SER D O  1 
ATOM 898 H H  . SER A 1 180 ? -85.784 -9.780  -43.296 1.00 201.25 ? 203 SER D H  1 
ATOM 899 N N  . SER A 1 181 ? -84.509 -6.779  -43.840 1.00 197.44 ? 204 SER D N  1 
ATOM 900 C CA . SER A 1 181 ? -83.631 -5.727  -44.366 1.00 197.44 ? 204 SER D CA 1 
ATOM 901 C C  . SER A 1 181 ? -83.978 -5.432  -45.827 1.00 197.44 ? 204 SER D C  1 
ATOM 902 O O  . SER A 1 181 ? -84.181 -4.279  -46.197 1.00 197.44 ? 204 SER D O  1 
ATOM 903 H H  . SER A 1 181 ? -84.099 -7.637  -43.504 1.00 197.44 ? 204 SER D H  1 
ATOM 904 N N  . GLY A 1 182 ? -84.165 -6.476  -46.635 1.00 206.64 ? 205 GLY D N  1 
ATOM 905 C CA . GLY A 1 182 ? -84.702 -6.332  -47.982 1.00 206.64 ? 205 GLY D CA 1 
ATOM 906 C C  . GLY A 1 182 ? -86.058 -5.630  -47.980 1.00 206.64 ? 205 GLY D C  1 
ATOM 907 O O  . GLY A 1 182 ? -86.266 -4.723  -48.770 1.00 206.64 ? 205 GLY D O  1 
ATOM 908 H H  . GLY A 1 182 ? -83.994 -7.405  -46.282 1.00 206.64 ? 205 GLY D H  1 
ATOM 909 N N  . VAL A 1 183 ? -86.955 -5.955  -47.047 1.00 209.32 ? 206 VAL D N  1 
ATOM 910 C CA . VAL A 1 183 ? -88.257 -5.277  -46.955 1.00 209.32 ? 206 VAL D CA 1 
ATOM 911 C C  . VAL A 1 183 ? -88.077 -3.779  -46.754 1.00 209.32 ? 206 VAL D C  1 
ATOM 912 O O  . VAL A 1 183 ? -88.664 -3.000  -47.492 1.00 209.32 ? 206 VAL D O  1 
ATOM 913 H H  . VAL A 1 183 ? -86.741 -6.714  -46.417 1.00 209.32 ? 206 VAL D H  1 
ATOM 914 N N  . GLU A 1 184 ? -87.249 -3.348  -45.803 1.00 221.86 ? 207 GLU D N  1 
ATOM 915 C CA . GLU A 1 184 ? -87.002 -1.917  -45.591 1.00 221.86 ? 207 GLU D CA 1 
ATOM 916 C C  . GLU A 1 184 ? -86.352 -1.282  -46.841 1.00 221.86 ? 207 GLU D C  1 
ATOM 917 O O  . GLU A 1 184 ? -86.660 -0.145  -47.191 1.00 221.86 ? 207 GLU D O  1 
ATOM 918 H H  . GLU A 1 184 ? -86.760 -4.023  -45.234 1.00 221.86 ? 207 GLU D H  1 
ATOM 919 N N  . ASP A 1 185 ? -85.543 -2.023  -47.603 1.00 206.37 ? 208 ASP D N  1 
ATOM 920 C CA . ASP A 1 185 ? -85.067 -1.569  -48.913 1.00 206.37 ? 208 ASP D CA 1 
ATOM 921 C C  . ASP A 1 185 ? -86.205 -1.463  -49.946 1.00 206.37 ? 208 ASP D C  1 
ATOM 922 O O  . ASP A 1 185 ? -86.194 -0.563  -50.780 1.00 206.37 ? 208 ASP D O  1 
ATOM 923 H H  . ASP A 1 185 ? -85.316 -2.962  -47.306 1.00 206.37 ? 208 ASP D H  1 
ATOM 924 N N  . GLU A 1 186 ? -87.231 -2.305  -49.889 1.00 202.22 ? 209 GLU D N  1 
ATOM 925 C CA . GLU A 1 186 ? -88.420 -2.118  -50.715 1.00 202.22 ? 209 GLU D CA 1 
ATOM 926 C C  . GLU A 1 186 ? -89.200 -0.880  -50.285 1.00 202.22 ? 209 GLU D C  1 
ATOM 927 O O  . GLU A 1 186 ? -89.780 -0.193  -51.120 1.00 202.22 ? 209 GLU D O  1 
ATOM 928 H H  . GLU A 1 186 ? -87.215 -3.041  -49.198 1.00 202.22 ? 209 GLU D H  1 
ATOM 929 N N  . LEU A 1 187 ? -89.193 -0.540  -48.998 1.00 171.25 ? 210 LEU D N  1 
ATOM 930 C CA . LEU A 1 187 ? -89.745 0.728   -48.536 1.00 171.25 ? 210 LEU D CA 1 
ATOM 931 C C  . LEU A 1 187 ? -88.911 1.903   -49.075 1.00 171.25 ? 210 LEU D C  1 
ATOM 932 O O  . LEU A 1 187 ? -89.468 2.947   -49.406 1.00 171.25 ? 210 LEU D O  1 
ATOM 933 H H  . LEU A 1 187 ? -88.722 -1.152  -48.346 1.00 171.25 ? 210 LEU D H  1 
ATOM 934 N N  . ALA A 1 188 ? -87.598 1.742   -49.259 1.00 173.77 ? 211 ALA D N  1 
ATOM 935 C CA . ALA A 1 188 ? -86.789 2.738   -49.962 1.00 173.77 ? 211 ALA D CA 1 
ATOM 936 C C  . ALA A 1 188 ? -87.204 2.837   -51.440 1.00 173.77 ? 211 ALA D C  1 
ATOM 937 O O  . ALA A 1 188 ? -87.351 3.936   -51.973 1.00 173.77 ? 211 ALA D O  1 
ATOM 938 H H  . ALA A 1 188 ? -87.167 0.886   -48.941 1.00 173.77 ? 211 ALA D H  1 
ATOM 939 N N  . ALA A 1 189 ? -87.480 1.709   -52.093 1.00 171.89 ? 212 ALA D N  1 
ATOM 940 C CA . ALA A 1 189 ? -87.994 1.699   -53.456 1.00 171.89 ? 212 ALA D CA 1 
ATOM 941 C C  . ALA A 1 189 ? -89.378 2.364   -53.564 1.00 171.89 ? 212 ALA D C  1 
ATOM 942 O O  . ALA A 1 189 ? -89.669 3.049   -54.545 1.00 171.89 ? 212 ALA D O  1 
ATOM 943 H H  . ALA A 1 189 ? -87.305 0.829   -51.630 1.00 171.89 ? 212 ALA D H  1 
ATOM 944 N N  . LEU A 1 190 ? -90.221 2.234   -52.537 1.00 172.42 ? 213 LEU D N  1 
ATOM 945 C CA . LEU A 1 190 ? -91.475 2.976   -52.420 1.00 172.42 ? 213 LEU D CA 1 
ATOM 946 C C  . LEU A 1 190 ? -91.210 4.483   -52.296 1.00 172.42 ? 213 LEU D C  1 
ATOM 947 O O  . LEU A 1 190 ? -91.814 5.271   -53.026 1.00 172.42 ? 213 LEU D O  1 
ATOM 948 H H  . LEU A 1 190 ? -89.977 1.579   -51.808 1.00 172.42 ? 213 LEU D H  1 
ATOM 949 N N  . LYS A 1 191 ? -90.274 4.893   -51.429 1.00 154.62 ? 214 LYS D N  1 
ATOM 950 C CA . LYS A 1 191 ? -89.900 6.311   -51.263 1.00 154.62 ? 214 LYS D CA 1 
ATOM 951 C C  . LYS A 1 191 ? -89.457 6.915   -52.598 1.00 154.62 ? 214 LYS D C  1 
ATOM 952 O O  . LYS A 1 191 ? -89.881 8.017   -52.941 1.00 154.62 ? 214 LYS D O  1 
ATOM 953 H H  . LYS A 1 191 ? -89.831 4.199   -50.843 1.00 154.62 ? 214 LYS D H  1 
ATOM 954 N N  . ALA A 1 192 ? -88.677 6.168   -53.375 1.00 159.72 ? 215 ALA D N  1 
ATOM 955 C CA . ALA A 1 192 ? -88.350 6.486   -54.760 1.00 159.72 ? 215 ALA D CA 1 
ATOM 956 C C  . ALA A 1 192 ? -87.974 5.225   -55.549 1.00 159.72 ? 215 ALA D C  1 
ATOM 957 O O  . ALA A 1 192 ? -87.010 4.526   -55.214 1.00 159.72 ? 215 ALA D O  1 
ATOM 958 H H  . ALA A 1 192 ? -88.335 5.296   -52.995 1.00 159.72 ? 215 ALA D H  1 
# 
